data_8W2K
#
_entry.id   8W2K
#
_cell.length_a   144.081
_cell.length_b   154.84
_cell.length_c   88.757
_cell.angle_alpha   90
_cell.angle_beta   90
_cell.angle_gamma   90
#
_symmetry.space_group_name_H-M   'P 21 21 2'
#
loop_
_entity.id
_entity.type
_entity.pdbx_description
1 polymer 'Tryptophan 2,3-dioxygenase'
2 non-polymer 'PROTOPORPHYRIN IX CONTAINING FE'
3 non-polymer alpha-methyl-L-tryptophan
4 non-polymer (6M)-6-(6-fluoro-1H-indol-3-yl)-1-[2-(piperazin-1-yl)ethyl]-1H-benzotriazole
5 water water
#
_entity_poly.entity_id   1
_entity_poly.type   'polypeptide(L)'
_entity_poly.pdbx_seq_one_letter_code
;MLPVEGSEEDKSQTGVNRASKGGLIYGNYLHLEKVLNAQELQSETKGNKIHDEHLFIITHQAYELWFKQILWELDSVREI
FQNGHVRDERNMLKVVSRMHRVSVILKLLVQQFSILETMTALDFNDFREYLSPASGFQSLQFRLLENKIGVLQNMRVPYN
RRHYRDNFKGEENELLLKSEQEKTLLELVEAWLERTPGLEPHGFNFWGKLEKNITRGLEEEFIRIQAKEESEEKEEQVAE
FQKQKEVLLSLFDEKRHEHLLSKGERRLSYRALQGALMIYFYREEPRFQVPFQLLTSLMDIDSLMTKWRYNHVCMVHRML
GSKAGTGGSSGYHYLRSTVSDRYKVFVDLFNLSTYLIPRHWIPKMNPTIHKFLEHHHHHH
;
_entity_poly.pdbx_strand_id   A,B,C,D
#
# COMPACT_ATOMS: atom_id res chain seq x y z
N LEU A 24 25.43 -16.51 19.98
CA LEU A 24 24.46 -15.40 19.78
C LEU A 24 23.19 -15.94 19.13
N ILE A 25 22.07 -15.84 19.85
CA ILE A 25 20.79 -16.39 19.42
C ILE A 25 19.86 -15.23 19.06
N TYR A 26 19.00 -15.45 18.05
CA TYR A 26 18.13 -14.42 17.51
C TYR A 26 17.48 -13.63 18.64
N GLY A 27 16.77 -14.33 19.51
CA GLY A 27 16.00 -13.71 20.58
C GLY A 27 16.87 -12.84 21.48
N ASN A 28 18.11 -13.28 21.73
CA ASN A 28 19.06 -12.53 22.56
C ASN A 28 19.59 -11.31 21.82
N TYR A 29 19.89 -11.49 20.53
CA TYR A 29 20.42 -10.42 19.69
C TYR A 29 19.40 -9.28 19.68
N LEU A 30 18.12 -9.61 19.52
CA LEU A 30 17.06 -8.62 19.42
C LEU A 30 16.46 -8.25 20.78
N HIS A 31 17.02 -8.77 21.87
CA HIS A 31 16.52 -8.55 23.22
C HIS A 31 15.00 -8.70 23.30
N LEU A 32 14.50 -9.82 22.78
CA LEU A 32 13.08 -10.12 22.85
C LEU A 32 12.62 -10.43 24.29
N GLU A 33 13.56 -10.66 25.22
CA GLU A 33 13.19 -10.87 26.60
C GLU A 33 12.61 -9.57 27.16
N LYS A 34 12.93 -8.45 26.51
CA LYS A 34 12.33 -7.18 26.91
C LYS A 34 11.14 -6.83 26.03
N VAL A 35 11.31 -6.95 24.70
CA VAL A 35 10.32 -6.45 23.76
C VAL A 35 9.02 -7.24 23.90
N LEU A 36 9.13 -8.56 24.14
CA LEU A 36 7.97 -9.43 24.19
C LEU A 36 7.51 -9.71 25.62
N ASN A 37 8.09 -9.01 26.60
CA ASN A 37 7.56 -9.03 27.97
C ASN A 37 7.21 -7.61 28.39
N ALA A 38 6.49 -6.89 27.52
CA ALA A 38 6.18 -5.48 27.73
C ALA A 38 4.70 -5.20 27.51
N GLN A 39 3.89 -6.27 27.48
CA GLN A 39 2.48 -6.15 27.16
C GLN A 39 1.65 -6.46 28.41
N GLU A 40 1.22 -5.42 29.13
CA GLU A 40 0.40 -5.55 30.32
C GLU A 40 -0.93 -4.83 30.08
N LEU A 41 -2.00 -5.59 29.92
CA LEU A 41 -3.32 -5.01 29.73
C LEU A 41 -3.83 -4.49 31.06
N GLN A 42 -4.11 -3.19 31.14
CA GLN A 42 -4.63 -2.62 32.38
C GLN A 42 -6.00 -3.21 32.68
N SER A 43 -6.80 -3.54 31.64
CA SER A 43 -8.07 -4.21 31.84
C SER A 43 -7.88 -5.52 32.62
N GLU A 44 -6.82 -6.25 32.32
CA GLU A 44 -6.53 -7.53 32.97
C GLU A 44 -5.97 -7.32 34.37
N THR A 45 -5.11 -6.31 34.54
CA THR A 45 -4.57 -5.94 35.84
C THR A 45 -5.68 -5.55 36.82
N LYS A 46 -6.81 -5.03 36.34
CA LYS A 46 -7.91 -4.61 37.20
C LYS A 46 -9.06 -5.63 37.15
N GLY A 47 -8.79 -6.86 36.68
CA GLY A 47 -9.69 -7.99 36.84
C GLY A 47 -10.82 -8.04 35.81
N ASN A 48 -10.59 -7.51 34.59
CA ASN A 48 -11.63 -7.46 33.56
C ASN A 48 -11.00 -7.37 32.16
N LYS A 49 -10.18 -8.37 31.81
CA LYS A 49 -9.44 -8.41 30.56
C LYS A 49 -10.36 -8.13 29.37
N ILE A 50 -9.94 -7.22 28.51
CA ILE A 50 -10.63 -6.87 27.29
C ILE A 50 -9.70 -7.14 26.12
N HIS A 51 -10.11 -8.05 25.23
CA HIS A 51 -9.28 -8.64 24.21
C HIS A 51 -8.60 -7.59 23.36
N ASP A 52 -9.31 -6.53 22.93
CA ASP A 52 -8.75 -5.62 21.94
C ASP A 52 -7.71 -4.70 22.57
N GLU A 53 -7.57 -4.67 23.89
CA GLU A 53 -6.58 -3.79 24.50
C GLU A 53 -5.21 -4.24 24.05
N HIS A 54 -5.05 -5.54 23.78
CA HIS A 54 -3.76 -6.08 23.40
C HIS A 54 -3.28 -5.37 22.12
N LEU A 55 -4.20 -5.23 21.16
CA LEU A 55 -3.90 -4.58 19.87
C LEU A 55 -3.49 -3.12 20.06
N PHE A 56 -4.15 -2.43 21.00
CA PHE A 56 -3.90 -1.02 21.24
C PHE A 56 -2.46 -0.84 21.76
N ILE A 57 -2.05 -1.75 22.64
CA ILE A 57 -0.71 -1.72 23.16
C ILE A 57 0.30 -1.97 22.05
N ILE A 58 0.12 -3.06 21.26
CA ILE A 58 1.14 -3.44 20.29
C ILE A 58 1.26 -2.34 19.21
N THR A 59 0.11 -1.84 18.72
CA THR A 59 0.17 -0.81 17.71
C THR A 59 1.09 0.34 18.13
N HIS A 60 0.92 0.86 19.37
CA HIS A 60 1.69 2.00 19.83
C HIS A 60 3.15 1.61 20.01
N GLN A 61 3.42 0.40 20.51
CA GLN A 61 4.78 -0.03 20.70
C GLN A 61 5.49 -0.05 19.33
N ALA A 62 4.75 -0.44 18.29
CA ALA A 62 5.34 -0.50 16.97
C ALA A 62 5.64 0.90 16.44
N TYR A 63 4.68 1.82 16.62
CA TYR A 63 4.90 3.22 16.28
C TYR A 63 6.16 3.72 16.98
N GLU A 64 6.33 3.41 18.26
CA GLU A 64 7.46 3.90 19.02
C GLU A 64 8.79 3.30 18.53
N LEU A 65 8.81 2.01 18.14
CA LEU A 65 10.02 1.43 17.61
C LEU A 65 10.43 2.21 16.37
N TRP A 66 9.48 2.48 15.48
CA TRP A 66 9.79 3.19 14.24
C TRP A 66 10.13 4.67 14.49
N PHE A 67 9.51 5.31 15.48
CA PHE A 67 9.91 6.68 15.84
C PHE A 67 11.36 6.68 16.27
N LYS A 68 11.78 5.66 17.02
CA LYS A 68 13.18 5.54 17.42
C LYS A 68 14.08 5.43 16.19
N GLN A 69 13.62 4.71 15.16
CA GLN A 69 14.44 4.52 13.97
C GLN A 69 14.56 5.82 13.19
N ILE A 70 13.43 6.54 13.09
CA ILE A 70 13.44 7.84 12.43
C ILE A 70 14.41 8.78 13.16
N LEU A 71 14.43 8.75 14.48
CA LEU A 71 15.28 9.64 15.27
C LEU A 71 16.74 9.30 15.01
N TRP A 72 17.00 8.02 14.80
CA TRP A 72 18.35 7.53 14.59
C TRP A 72 18.85 8.07 13.26
N GLU A 73 18.04 7.96 12.20
CA GLU A 73 18.46 8.41 10.89
C GLU A 73 18.61 9.92 10.93
N LEU A 74 17.62 10.60 11.51
CA LEU A 74 17.56 12.05 11.56
C LEU A 74 18.76 12.62 12.31
N ASP A 75 19.06 12.06 13.47
CA ASP A 75 20.21 12.48 14.25
C ASP A 75 21.48 12.28 13.45
N SER A 76 21.59 11.21 12.68
CA SER A 76 22.82 10.93 11.95
C SER A 76 23.01 11.96 10.83
N VAL A 77 21.92 12.36 10.19
CA VAL A 77 21.97 13.34 9.13
C VAL A 77 22.25 14.72 9.71
N ARG A 78 21.66 15.04 10.87
CA ARG A 78 21.93 16.32 11.49
C ARG A 78 23.42 16.42 11.80
N GLU A 79 24.01 15.35 12.33
CA GLU A 79 25.43 15.30 12.65
C GLU A 79 26.30 15.56 11.42
N ILE A 80 25.98 14.93 10.29
CA ILE A 80 26.71 15.10 9.04
C ILE A 80 26.77 16.57 8.62
N PHE A 81 25.69 17.30 8.88
CA PHE A 81 25.64 18.74 8.61
C PHE A 81 26.47 19.49 9.67
N GLN A 82 26.16 19.27 10.95
CA GLN A 82 26.75 20.01 12.06
C GLN A 82 28.27 19.88 12.09
N ASN A 83 28.83 18.71 11.74
CA ASN A 83 30.25 18.44 11.82
C ASN A 83 30.96 18.83 10.54
N GLY A 84 30.24 19.31 9.52
CA GLY A 84 30.89 19.76 8.30
C GLY A 84 31.14 18.64 7.26
N HIS A 85 30.80 17.40 7.57
CA HIS A 85 30.95 16.31 6.61
C HIS A 85 30.19 16.55 5.30
N VAL A 86 29.01 17.18 5.39
CA VAL A 86 28.21 17.41 4.20
C VAL A 86 29.00 18.25 3.19
N ARG A 87 30.07 18.93 3.64
CA ARG A 87 30.84 19.76 2.73
C ARG A 87 31.46 18.91 1.63
N ASP A 88 31.78 17.66 1.97
CA ASP A 88 32.31 16.71 1.02
C ASP A 88 31.10 16.08 0.32
N GLU A 89 30.93 16.42 -0.95
CA GLU A 89 29.78 16.04 -1.76
C GLU A 89 29.69 14.52 -1.92
N ARG A 90 30.76 13.77 -1.58
CA ARG A 90 30.69 12.31 -1.54
C ARG A 90 29.56 11.84 -0.58
N ASN A 91 29.17 12.71 0.37
CA ASN A 91 28.30 12.26 1.45
C ASN A 91 26.82 12.51 1.08
N MET A 92 26.53 13.06 -0.09
CA MET A 92 25.16 13.40 -0.41
C MET A 92 24.32 12.15 -0.66
N LEU A 93 24.93 11.10 -1.21
CA LEU A 93 24.19 9.86 -1.45
C LEU A 93 23.64 9.30 -0.14
N LYS A 94 24.50 9.30 0.89
CA LYS A 94 24.13 8.79 2.20
C LYS A 94 23.01 9.64 2.81
N VAL A 95 23.10 10.96 2.62
CA VAL A 95 22.14 11.86 3.23
C VAL A 95 20.77 11.65 2.58
N VAL A 96 20.74 11.56 1.26
CA VAL A 96 19.48 11.36 0.55
C VAL A 96 18.90 9.97 0.82
N SER A 97 19.71 8.94 0.97
CA SER A 97 19.21 7.59 1.22
C SER A 97 18.54 7.52 2.57
N ARG A 98 19.16 8.11 3.58
CA ARG A 98 18.60 8.09 4.92
C ARG A 98 17.32 8.92 5.00
N MET A 99 17.24 10.05 4.28
CA MET A 99 16.04 10.88 4.33
C MET A 99 14.93 10.17 3.57
N HIS A 100 15.31 9.47 2.49
CA HIS A 100 14.36 8.66 1.76
C HIS A 100 13.84 7.54 2.63
N ARG A 101 14.74 6.96 3.43
CA ARG A 101 14.37 5.89 4.34
C ARG A 101 13.38 6.42 5.38
N VAL A 102 13.58 7.67 5.86
CA VAL A 102 12.64 8.25 6.79
C VAL A 102 11.23 8.31 6.17
N SER A 103 11.14 8.71 4.92
CA SER A 103 9.84 8.83 4.30
C SER A 103 9.22 7.46 4.00
N VAL A 104 10.05 6.43 3.72
CA VAL A 104 9.51 5.10 3.45
C VAL A 104 8.94 4.55 4.76
N ILE A 105 9.65 4.77 5.89
CA ILE A 105 9.10 4.39 7.19
C ILE A 105 7.78 5.12 7.43
N LEU A 106 7.71 6.43 7.14
CA LEU A 106 6.53 7.20 7.47
C LEU A 106 5.37 6.69 6.62
N LYS A 107 5.62 6.30 5.38
CA LYS A 107 4.56 5.73 4.55
C LYS A 107 3.94 4.52 5.23
N LEU A 108 4.79 3.74 5.90
CA LEU A 108 4.30 2.54 6.54
C LEU A 108 3.54 2.92 7.79
N LEU A 109 4.04 3.91 8.54
CA LEU A 109 3.34 4.38 9.72
C LEU A 109 1.92 4.87 9.37
N VAL A 110 1.76 5.50 8.21
CA VAL A 110 0.43 5.91 7.79
C VAL A 110 -0.45 4.69 7.47
N GLN A 111 0.08 3.68 6.76
CA GLN A 111 -0.67 2.47 6.46
C GLN A 111 -1.02 1.73 7.76
N GLN A 112 -0.17 1.83 8.78
CA GLN A 112 -0.37 1.08 10.02
C GLN A 112 -1.68 1.46 10.73
N PHE A 113 -2.25 2.62 10.42
CA PHE A 113 -3.50 3.00 11.05
C PHE A 113 -4.60 2.03 10.65
N SER A 114 -4.46 1.41 9.48
CA SER A 114 -5.51 0.51 9.00
C SER A 114 -5.65 -0.68 9.95
N ILE A 115 -4.60 -0.99 10.70
CA ILE A 115 -4.72 -2.06 11.67
C ILE A 115 -5.65 -1.66 12.81
N LEU A 116 -5.44 -0.45 13.33
CA LEU A 116 -6.24 0.02 14.45
C LEU A 116 -7.67 0.32 14.03
N GLU A 117 -7.90 0.54 12.73
CA GLU A 117 -9.25 0.68 12.21
C GLU A 117 -10.04 -0.63 12.28
N THR A 118 -9.38 -1.78 12.54
CA THR A 118 -10.11 -3.04 12.73
C THR A 118 -10.71 -3.11 14.13
N MET A 119 -10.42 -2.13 15.01
CA MET A 119 -11.04 -2.07 16.32
C MET A 119 -12.26 -1.16 16.26
N THR A 120 -13.42 -1.62 16.70
CA THR A 120 -14.58 -0.76 16.71
C THR A 120 -14.53 0.15 17.94
N ALA A 121 -15.30 1.24 17.86
CA ALA A 121 -15.39 2.19 18.96
C ALA A 121 -16.02 1.53 20.17
N LEU A 122 -17.04 0.70 19.94
CA LEU A 122 -17.67 -0.02 21.03
C LEU A 122 -16.67 -0.90 21.78
N ASP A 123 -15.72 -1.47 21.07
CA ASP A 123 -14.76 -2.39 21.70
C ASP A 123 -13.72 -1.55 22.42
N PHE A 124 -13.31 -0.41 21.84
CA PHE A 124 -12.39 0.52 22.48
C PHE A 124 -13.03 1.03 23.78
N ASN A 125 -14.33 1.30 23.74
CA ASN A 125 -15.06 1.82 24.87
C ASN A 125 -15.03 0.86 26.06
N ASP A 126 -14.74 -0.41 25.86
CA ASP A 126 -14.77 -1.36 26.97
C ASP A 126 -13.49 -1.31 27.80
N PHE A 127 -12.43 -0.65 27.32
CA PHE A 127 -11.20 -0.60 28.10
C PHE A 127 -10.66 0.83 28.23
N ARG A 128 -11.33 1.80 27.61
CA ARG A 128 -10.84 3.17 27.60
C ARG A 128 -10.67 3.70 29.02
N GLU A 129 -11.61 3.34 29.92
CA GLU A 129 -11.59 3.77 31.31
C GLU A 129 -10.25 3.44 31.98
N TYR A 130 -9.68 2.27 31.68
CA TYR A 130 -8.48 1.81 32.39
C TYR A 130 -7.23 2.55 31.90
N LEU A 131 -7.38 3.43 30.89
CA LEU A 131 -6.22 4.09 30.30
C LEU A 131 -5.94 5.44 30.97
N SER A 132 -7.01 6.12 31.41
CA SER A 132 -6.89 7.43 32.03
C SER A 132 -5.86 7.41 33.17
N PRO A 133 -4.99 8.42 33.27
CA PRO A 133 -5.03 9.61 32.42
C PRO A 133 -3.99 9.66 31.30
N ALA A 134 -3.46 8.49 30.89
CA ALA A 134 -2.37 8.43 29.93
C ALA A 134 -2.85 8.85 28.54
N SER A 135 -1.91 9.36 27.72
CA SER A 135 -2.25 9.89 26.40
C SER A 135 -1.03 9.86 25.51
N GLY A 136 -1.28 9.88 24.19
CA GLY A 136 -0.22 9.96 23.19
C GLY A 136 0.59 11.24 23.32
N PHE A 137 -0.06 12.28 23.85
CA PHE A 137 0.56 13.58 24.06
C PHE A 137 1.89 13.39 24.80
N GLN A 138 1.94 12.33 25.60
CA GLN A 138 3.09 12.08 26.47
C GLN A 138 4.15 11.26 25.74
N SER A 139 4.06 11.17 24.41
CA SER A 139 5.06 10.50 23.63
C SER A 139 6.28 11.42 23.54
N LEU A 140 7.28 11.10 24.35
CA LEU A 140 8.58 11.75 24.31
C LEU A 140 9.11 11.76 22.88
N GLN A 141 9.08 10.60 22.21
CA GLN A 141 9.79 10.51 20.95
C GLN A 141 9.10 11.31 19.86
N PHE A 142 7.76 11.40 19.89
CA PHE A 142 7.06 12.18 18.88
C PHE A 142 7.46 13.64 19.02
N ARG A 143 7.60 14.11 20.26
CA ARG A 143 8.01 15.49 20.49
C ARG A 143 9.44 15.67 20.02
N LEU A 144 10.32 14.72 20.36
CA LEU A 144 11.72 14.82 19.93
C LEU A 144 11.79 14.94 18.41
N LEU A 145 10.91 14.22 17.72
CA LEU A 145 10.94 14.19 16.28
C LEU A 145 10.51 15.54 15.71
N GLU A 146 9.40 16.06 16.21
CA GLU A 146 8.94 17.39 15.80
C GLU A 146 10.04 18.44 16.02
N ASN A 147 10.65 18.42 17.21
CA ASN A 147 11.70 19.37 17.53
C ASN A 147 12.91 19.20 16.59
N LYS A 148 13.37 17.98 16.38
CA LYS A 148 14.62 17.77 15.64
C LYS A 148 14.48 18.15 14.17
N ILE A 149 13.26 18.02 13.63
CA ILE A 149 12.99 18.41 12.25
C ILE A 149 13.02 19.93 12.18
N GLY A 150 12.33 20.60 13.11
CA GLY A 150 12.40 22.06 13.20
C GLY A 150 11.08 22.75 13.50
N VAL A 151 10.18 22.08 14.23
CA VAL A 151 8.95 22.74 14.61
C VAL A 151 9.31 23.81 15.65
N LEU A 152 8.87 25.05 15.46
CA LEU A 152 9.23 26.13 16.40
C LEU A 152 8.21 26.22 17.52
N GLN A 153 8.71 26.40 18.74
CA GLN A 153 7.85 26.46 19.93
C GLN A 153 6.79 27.55 19.77
N ASN A 154 7.21 28.76 19.37
CA ASN A 154 6.31 29.91 19.31
C ASN A 154 5.14 29.62 18.36
N MET A 155 5.34 28.71 17.40
CA MET A 155 4.33 28.42 16.39
C MET A 155 3.49 27.20 16.77
N ARG A 156 3.83 26.53 17.87
CA ARG A 156 3.01 25.43 18.33
C ARG A 156 1.65 25.99 18.77
N VAL A 157 0.59 25.22 18.53
CA VAL A 157 -0.71 25.54 19.10
C VAL A 157 -0.71 25.02 20.53
N PRO A 158 -1.03 25.86 21.54
CA PRO A 158 -1.18 25.38 22.91
C PRO A 158 -2.34 24.39 23.04
N TYR A 159 -2.17 23.33 23.81
CA TYR A 159 -3.29 22.50 24.22
C TYR A 159 -3.70 22.90 25.64
N ASN A 160 -4.93 23.41 25.83
CA ASN A 160 -5.37 23.89 27.13
C ASN A 160 -4.35 24.89 27.71
N ARG A 161 -3.86 25.82 26.89
CA ARG A 161 -3.09 26.97 27.38
C ARG A 161 -1.90 26.49 28.22
N ARG A 162 -1.05 25.66 27.62
CA ARG A 162 0.12 25.11 28.31
C ARG A 162 1.19 24.77 27.27
N HIS A 163 2.46 24.73 27.67
CA HIS A 163 3.52 24.26 26.78
C HIS A 163 3.47 22.73 26.71
N TYR A 164 3.76 22.15 25.55
CA TYR A 164 3.83 20.71 25.39
C TYR A 164 4.78 20.08 26.42
N ARG A 165 5.88 20.80 26.74
CA ARG A 165 6.99 20.26 27.52
C ARG A 165 6.63 20.08 29.00
N ASP A 166 5.58 20.75 29.49
CA ASP A 166 4.96 20.30 30.73
C ASP A 166 4.40 18.91 30.41
N ASN A 167 3.86 18.18 31.39
CA ASN A 167 3.53 16.77 31.20
C ASN A 167 4.80 15.93 31.08
N PHE A 168 5.98 16.58 31.04
CA PHE A 168 7.26 15.89 31.06
C PHE A 168 8.11 16.47 32.20
N LYS A 169 8.92 15.59 32.80
CA LYS A 169 9.66 15.85 34.04
C LYS A 169 10.98 15.10 34.01
N GLY A 170 11.95 15.52 34.85
CA GLY A 170 13.19 14.79 35.04
C GLY A 170 14.08 14.80 33.80
N GLU A 171 14.79 13.69 33.55
CA GLU A 171 15.63 13.51 32.36
C GLU A 171 14.82 13.65 31.08
N GLU A 172 13.52 13.29 31.11
CA GLU A 172 12.65 13.43 29.95
C GLU A 172 12.53 14.92 29.58
N ASN A 173 12.31 15.77 30.59
CA ASN A 173 12.24 17.19 30.36
C ASN A 173 13.57 17.70 29.83
N GLU A 174 14.67 17.06 30.28
CA GLU A 174 16.02 17.40 29.88
C GLU A 174 16.22 17.13 28.39
N LEU A 175 15.93 15.88 27.98
CA LEU A 175 16.09 15.48 26.59
C LEU A 175 15.32 16.45 25.69
N LEU A 176 14.08 16.76 26.10
CA LEU A 176 13.24 17.64 25.32
C LEU A 176 13.87 19.01 25.14
N LEU A 177 14.55 19.51 26.18
CA LEU A 177 15.22 20.80 26.12
C LEU A 177 16.33 20.76 25.08
N LYS A 178 17.22 19.77 25.18
CA LYS A 178 18.31 19.63 24.22
C LYS A 178 17.74 19.62 22.81
N SER A 179 16.62 18.90 22.61
CA SER A 179 16.04 18.81 21.30
C SER A 179 15.58 20.19 20.79
N GLU A 180 15.18 21.09 21.70
CA GLU A 180 14.76 22.44 21.32
C GLU A 180 15.98 23.34 21.06
N GLN A 181 17.04 23.14 21.85
CA GLN A 181 18.21 24.00 21.87
C GLN A 181 19.26 23.60 20.84
N GLU A 182 19.44 22.30 20.56
CA GLU A 182 20.39 21.87 19.54
C GLU A 182 19.88 22.34 18.17
N LYS A 183 20.81 22.46 17.22
CA LYS A 183 20.51 22.86 15.86
C LYS A 183 19.57 21.85 15.24
N THR A 184 18.53 22.33 14.56
CA THR A 184 17.49 21.48 13.99
C THR A 184 17.89 21.21 12.54
N LEU A 185 17.16 20.29 11.90
CA LEU A 185 17.40 19.96 10.51
C LEU A 185 17.12 21.16 9.65
N LEU A 186 16.05 21.91 9.94
CA LEU A 186 15.74 23.17 9.26
C LEU A 186 16.93 24.13 9.29
N GLU A 187 17.55 24.30 10.46
CA GLU A 187 18.63 25.28 10.59
C GLU A 187 19.88 24.82 9.84
N LEU A 188 20.14 23.51 9.89
CA LEU A 188 21.33 22.93 9.28
C LEU A 188 21.22 22.95 7.76
N VAL A 189 20.02 22.67 7.26
CA VAL A 189 19.72 22.79 5.84
C VAL A 189 19.82 24.25 5.40
N GLU A 190 19.24 25.14 6.18
CA GLU A 190 19.34 26.58 5.89
C GLU A 190 20.79 26.99 5.70
N ALA A 191 21.66 26.64 6.65
CA ALA A 191 23.07 27.01 6.55
C ALA A 191 23.66 26.50 5.25
N TRP A 192 23.35 25.23 4.91
CA TRP A 192 23.93 24.60 3.73
C TRP A 192 23.40 25.27 2.47
N LEU A 193 22.11 25.59 2.45
CA LEU A 193 21.49 26.26 1.32
C LEU A 193 22.12 27.65 1.08
N GLU A 194 22.57 28.30 2.16
CA GLU A 194 23.15 29.64 2.04
C GLU A 194 24.48 29.59 1.30
N ARG A 195 25.19 28.46 1.36
CA ARG A 195 26.48 28.29 0.70
C ARG A 195 26.33 27.72 -0.72
N THR A 196 25.10 27.60 -1.22
CA THR A 196 24.87 27.03 -2.54
C THR A 196 25.69 27.76 -3.60
N PRO A 197 26.44 27.01 -4.44
CA PRO A 197 27.25 27.61 -5.51
C PRO A 197 26.43 28.29 -6.59
N GLY A 198 26.87 29.48 -7.03
CA GLY A 198 26.15 30.24 -8.04
C GLY A 198 25.54 31.55 -7.52
N LEU A 199 25.46 31.75 -6.20
CA LEU A 199 24.83 32.94 -5.64
C LEU A 199 25.81 34.11 -5.60
N GLU A 200 27.10 33.82 -5.82
CA GLU A 200 28.14 34.82 -5.73
C GLU A 200 27.87 35.94 -6.73
N PRO A 201 27.70 37.21 -6.27
CA PRO A 201 27.57 38.36 -7.18
C PRO A 201 28.75 38.48 -8.13
N HIS A 202 29.94 38.12 -7.60
CA HIS A 202 31.17 38.15 -8.38
C HIS A 202 31.28 36.92 -9.30
N GLY A 203 30.37 35.94 -9.15
CA GLY A 203 30.38 34.71 -9.94
C GLY A 203 29.23 34.67 -10.96
N PHE A 204 28.40 33.61 -10.91
CA PHE A 204 27.29 33.47 -11.83
C PHE A 204 26.19 34.51 -11.53
N ASN A 205 26.19 35.08 -10.32
CA ASN A 205 25.29 36.18 -9.98
C ASN A 205 23.84 35.81 -10.32
N PHE A 206 23.38 34.68 -9.76
CA PHE A 206 22.09 34.11 -10.11
C PHE A 206 20.98 35.13 -9.83
N TRP A 207 20.98 35.72 -8.62
CA TRP A 207 19.87 36.57 -8.20
C TRP A 207 19.77 37.79 -9.10
N GLY A 208 20.91 38.41 -9.40
CA GLY A 208 20.94 39.57 -10.28
C GLY A 208 20.37 39.22 -11.66
N LYS A 209 20.91 38.14 -12.27
CA LYS A 209 20.50 37.77 -13.60
C LYS A 209 19.01 37.44 -13.64
N LEU A 210 18.53 36.75 -12.58
CA LEU A 210 17.14 36.32 -12.49
C LEU A 210 16.21 37.52 -12.45
N GLU A 211 16.56 38.54 -11.63
CA GLU A 211 15.73 39.72 -11.52
C GLU A 211 15.59 40.39 -12.89
N LYS A 212 16.72 40.52 -13.59
CA LYS A 212 16.75 41.15 -14.89
C LYS A 212 15.92 40.35 -15.90
N ASN A 213 16.12 39.03 -15.96
CA ASN A 213 15.43 38.22 -16.96
C ASN A 213 13.92 38.23 -16.74
N ILE A 214 13.47 38.25 -15.48
CA ILE A 214 12.05 38.28 -15.19
C ILE A 214 11.48 39.66 -15.53
N THR A 215 12.19 40.73 -15.15
CA THR A 215 11.75 42.07 -15.51
C THR A 215 11.59 42.18 -17.03
N ARG A 216 12.59 41.73 -17.77
CA ARG A 216 12.52 41.74 -19.24
C ARG A 216 11.34 40.92 -19.74
N GLY A 217 11.22 39.67 -19.25
CA GLY A 217 10.18 38.76 -19.72
C GLY A 217 8.77 39.31 -19.48
N LEU A 218 8.58 39.96 -18.33
CA LEU A 218 7.31 40.60 -18.01
C LEU A 218 7.05 41.68 -19.04
N GLU A 219 8.04 42.52 -19.33
CA GLU A 219 7.91 43.55 -20.36
C GLU A 219 7.45 42.91 -21.67
N GLU A 220 8.14 41.85 -22.10
CA GLU A 220 7.79 41.15 -23.33
C GLU A 220 6.32 40.71 -23.30
N GLU A 221 5.89 40.16 -22.17
CA GLU A 221 4.55 39.61 -22.03
C GLU A 221 3.52 40.72 -22.15
N PHE A 222 3.76 41.85 -21.46
CA PHE A 222 2.83 42.96 -21.51
C PHE A 222 2.62 43.38 -22.95
N ILE A 223 3.72 43.54 -23.70
CA ILE A 223 3.66 43.97 -25.09
C ILE A 223 2.75 43.01 -25.86
N ARG A 224 2.96 41.69 -25.68
CA ARG A 224 2.17 40.68 -26.34
C ARG A 224 0.67 40.88 -26.10
N ILE A 225 0.27 41.02 -24.83
CA ILE A 225 -1.14 41.13 -24.47
C ILE A 225 -1.69 42.44 -25.00
N GLN A 226 -0.90 43.52 -24.87
CA GLN A 226 -1.38 44.83 -25.29
C GLN A 226 -1.66 44.85 -26.79
N ALA A 227 -1.08 43.92 -27.54
CA ALA A 227 -1.25 43.88 -28.98
C ALA A 227 -2.58 43.23 -29.35
N LYS A 228 -3.12 42.42 -28.42
CA LYS A 228 -4.32 41.63 -28.67
C LYS A 228 -5.50 42.56 -28.90
N GLU A 229 -6.43 42.13 -29.76
CA GLU A 229 -7.59 42.93 -30.13
C GLU A 229 -8.45 43.14 -28.89
N GLU A 230 -8.98 44.36 -28.72
CA GLU A 230 -9.79 44.69 -27.56
C GLU A 230 -10.85 43.59 -27.40
N SER A 231 -10.85 42.91 -26.25
CA SER A 231 -11.68 41.74 -26.03
C SER A 231 -11.59 41.34 -24.57
N GLU A 232 -12.60 40.60 -24.10
CA GLU A 232 -12.68 40.26 -22.69
C GLU A 232 -11.52 39.33 -22.33
N GLU A 233 -11.20 38.38 -23.24
CA GLU A 233 -10.06 37.50 -23.02
C GLU A 233 -8.84 38.36 -22.67
N LYS A 234 -8.59 39.37 -23.50
CA LYS A 234 -7.57 40.37 -23.25
C LYS A 234 -7.74 40.95 -21.84
N GLU A 235 -8.95 41.39 -21.51
CA GLU A 235 -9.22 41.96 -20.19
C GLU A 235 -8.79 40.95 -19.10
N GLU A 236 -9.18 39.70 -19.28
CA GLU A 236 -8.87 38.66 -18.32
C GLU A 236 -7.35 38.51 -18.23
N GLN A 237 -6.67 38.39 -19.37
CA GLN A 237 -5.23 38.22 -19.43
C GLN A 237 -4.52 39.41 -18.79
N VAL A 238 -5.01 40.64 -19.02
CA VAL A 238 -4.46 41.81 -18.34
C VAL A 238 -4.48 41.59 -16.82
N ALA A 239 -5.63 41.15 -16.30
CA ALA A 239 -5.79 40.92 -14.86
C ALA A 239 -4.77 39.89 -14.39
N GLU A 240 -4.72 38.74 -15.08
CA GLU A 240 -3.77 37.67 -14.77
C GLU A 240 -2.35 38.24 -14.73
N PHE A 241 -1.96 38.96 -15.80
CA PHE A 241 -0.62 39.49 -15.91
C PHE A 241 -0.30 40.28 -14.65
N GLN A 242 -1.24 41.12 -14.21
CA GLN A 242 -0.98 42.04 -13.13
C GLN A 242 -0.67 41.23 -11.87
N LYS A 243 -1.51 40.21 -11.64
CA LYS A 243 -1.32 39.36 -10.49
C LYS A 243 0.04 38.65 -10.55
N GLN A 244 0.33 38.06 -11.70
CA GLN A 244 1.56 37.29 -11.89
C GLN A 244 2.77 38.21 -11.70
N LYS A 245 2.71 39.40 -12.29
CA LYS A 245 3.78 40.39 -12.14
C LYS A 245 4.01 40.73 -10.66
N GLU A 246 2.93 40.93 -9.92
CA GLU A 246 3.09 41.27 -8.52
C GLU A 246 3.78 40.12 -7.77
N VAL A 247 3.31 38.89 -8.00
CA VAL A 247 3.87 37.75 -7.31
C VAL A 247 5.37 37.65 -7.63
N LEU A 248 5.70 37.69 -8.93
CA LEU A 248 7.08 37.45 -9.34
C LEU A 248 8.01 38.53 -8.80
N LEU A 249 7.63 39.79 -8.92
CA LEU A 249 8.54 40.85 -8.49
C LEU A 249 8.69 40.85 -6.97
N SER A 250 7.64 40.46 -6.24
CA SER A 250 7.71 40.40 -4.78
C SER A 250 8.84 39.48 -4.33
N LEU A 251 9.27 38.53 -5.17
CA LEU A 251 10.39 37.65 -4.83
C LEU A 251 11.65 38.45 -4.48
N PHE A 252 11.85 39.58 -5.18
CA PHE A 252 13.08 40.35 -5.04
C PHE A 252 12.96 41.39 -3.93
N ASP A 253 11.84 41.37 -3.18
CA ASP A 253 11.61 42.26 -2.05
C ASP A 253 12.08 41.61 -0.75
N GLU A 254 13.34 41.83 -0.38
CA GLU A 254 13.95 41.23 0.80
C GLU A 254 13.23 41.65 2.09
N LYS A 255 12.67 42.86 2.13
CA LYS A 255 11.96 43.35 3.31
C LYS A 255 10.64 42.63 3.51
N ARG A 256 9.90 42.41 2.41
CA ARG A 256 8.68 41.63 2.45
C ARG A 256 8.98 40.24 3.01
N HIS A 257 10.12 39.68 2.62
CA HIS A 257 10.51 38.37 3.13
C HIS A 257 10.72 38.41 4.65
N GLU A 258 11.44 39.44 5.12
CA GLU A 258 11.73 39.60 6.54
C GLU A 258 10.43 39.70 7.34
N HIS A 259 9.44 40.38 6.77
CA HIS A 259 8.12 40.52 7.38
C HIS A 259 7.41 39.18 7.47
N LEU A 260 7.45 38.41 6.38
CA LEU A 260 6.76 37.12 6.35
C LEU A 260 7.45 36.13 7.28
N LEU A 261 8.76 36.30 7.51
CA LEU A 261 9.51 35.53 8.50
C LEU A 261 8.99 35.80 9.91
N SER A 262 8.82 37.07 10.28
CA SER A 262 8.30 37.48 11.56
C SER A 262 6.91 36.87 11.84
N LYS A 263 6.08 36.73 10.82
CA LYS A 263 4.74 36.19 11.01
C LYS A 263 4.78 34.66 10.95
N GLY A 264 5.94 34.08 10.60
CA GLY A 264 6.12 32.64 10.60
C GLY A 264 5.51 31.98 9.36
N GLU A 265 5.20 32.78 8.33
CA GLU A 265 4.67 32.27 7.07
C GLU A 265 5.83 31.85 6.17
N ARG A 266 7.05 32.26 6.52
CA ARG A 266 8.27 31.69 5.97
C ARG A 266 9.22 31.34 7.11
N ARG A 267 10.17 30.43 6.82
CA ARG A 267 11.08 29.93 7.84
C ARG A 267 12.53 30.02 7.41
N LEU A 268 12.81 29.98 6.11
CA LEU A 268 14.16 30.04 5.60
C LEU A 268 14.58 31.48 5.40
N SER A 269 15.88 31.72 5.69
CA SER A 269 16.48 33.01 5.38
C SER A 269 16.31 33.32 3.91
N TYR A 270 16.42 34.61 3.57
CA TYR A 270 16.29 35.05 2.20
C TYR A 270 17.34 34.34 1.33
N ARG A 271 18.57 34.20 1.85
CA ARG A 271 19.65 33.68 1.05
C ARG A 271 19.44 32.17 0.84
N ALA A 272 18.98 31.46 1.88
CA ALA A 272 18.71 30.05 1.75
C ALA A 272 17.67 29.82 0.66
N LEU A 273 16.67 30.68 0.59
CA LEU A 273 15.61 30.60 -0.39
C LEU A 273 16.20 30.73 -1.80
N GLN A 274 17.21 31.59 -1.94
CA GLN A 274 17.91 31.77 -3.20
C GLN A 274 18.64 30.49 -3.62
N GLY A 275 19.33 29.88 -2.67
CA GLY A 275 19.99 28.61 -2.88
C GLY A 275 19.03 27.50 -3.32
N ALA A 276 17.87 27.41 -2.66
CA ALA A 276 16.87 26.42 -3.00
C ALA A 276 16.41 26.59 -4.45
N LEU A 277 16.15 27.83 -4.83
CA LEU A 277 15.63 28.12 -6.16
C LEU A 277 16.71 27.87 -7.20
N MET A 278 17.98 28.08 -6.82
CA MET A 278 19.10 27.77 -7.68
C MET A 278 19.07 26.28 -8.02
N ILE A 279 18.88 25.45 -6.98
CA ILE A 279 18.92 24.00 -7.12
C ILE A 279 17.70 23.56 -7.93
N TYR A 280 16.55 24.23 -7.75
CA TYR A 280 15.33 23.87 -8.47
C TYR A 280 15.55 24.03 -9.97
N PHE A 281 16.01 25.23 -10.33
CA PHE A 281 16.09 25.62 -11.72
C PHE A 281 17.26 24.91 -12.42
N TYR A 282 18.34 24.59 -11.71
CA TYR A 282 19.50 23.96 -12.33
C TYR A 282 19.65 22.49 -11.90
N ARG A 283 18.53 21.81 -11.57
CA ARG A 283 18.58 20.49 -10.99
C ARG A 283 19.30 19.45 -11.85
N GLU A 284 19.30 19.62 -13.18
CA GLU A 284 19.89 18.62 -14.07
C GLU A 284 21.42 18.70 -14.04
N GLU A 285 21.96 19.86 -13.64
CA GLU A 285 23.40 20.04 -13.57
C GLU A 285 23.95 19.06 -12.55
N PRO A 286 25.02 18.31 -12.86
CA PRO A 286 25.45 17.18 -12.03
C PRO A 286 25.55 17.43 -10.54
N ARG A 287 26.18 18.56 -10.16
CA ARG A 287 26.35 18.86 -8.75
C ARG A 287 25.02 19.14 -8.03
N PHE A 288 23.96 19.46 -8.79
CA PHE A 288 22.68 19.74 -8.16
C PHE A 288 21.70 18.57 -8.21
N GLN A 289 22.03 17.46 -8.89
CA GLN A 289 21.09 16.36 -9.05
C GLN A 289 20.71 15.75 -7.71
N VAL A 290 21.69 15.34 -6.91
CA VAL A 290 21.36 14.72 -5.64
C VAL A 290 20.83 15.76 -4.64
N PRO A 291 21.39 16.99 -4.56
CA PRO A 291 20.76 18.06 -3.78
C PRO A 291 19.29 18.30 -4.10
N PHE A 292 18.93 18.23 -5.39
CA PHE A 292 17.53 18.36 -5.77
C PHE A 292 16.69 17.24 -5.14
N GLN A 293 17.20 16.01 -5.14
CA GLN A 293 16.52 14.89 -4.53
C GLN A 293 16.39 15.09 -3.03
N LEU A 294 17.37 15.72 -2.40
CA LEU A 294 17.28 15.95 -0.97
C LEU A 294 16.09 16.88 -0.69
N LEU A 295 15.92 17.93 -1.51
CA LEU A 295 14.88 18.91 -1.29
C LEU A 295 13.54 18.22 -1.42
N THR A 296 13.44 17.36 -2.44
CA THR A 296 12.26 16.57 -2.72
C THR A 296 11.91 15.72 -1.50
N SER A 297 12.90 15.11 -0.87
CA SER A 297 12.64 14.22 0.25
C SER A 297 12.21 14.98 1.48
N LEU A 298 12.78 16.17 1.70
CA LEU A 298 12.39 17.02 2.83
C LEU A 298 10.91 17.38 2.70
N MET A 299 10.47 17.80 1.52
CA MET A 299 9.06 18.03 1.28
C MET A 299 8.25 16.74 1.54
N ASP A 300 8.73 15.57 1.08
CA ASP A 300 8.01 14.32 1.30
C ASP A 300 7.78 14.04 2.77
N ILE A 301 8.79 14.33 3.58
CA ILE A 301 8.74 14.07 5.01
C ILE A 301 7.66 14.94 5.66
N ASP A 302 7.61 16.21 5.28
CA ASP A 302 6.60 17.12 5.77
C ASP A 302 5.22 16.65 5.35
N SER A 303 5.03 16.29 4.07
CA SER A 303 3.76 15.77 3.58
C SER A 303 3.30 14.58 4.39
N LEU A 304 4.20 13.65 4.67
CA LEU A 304 3.83 12.40 5.31
C LEU A 304 3.58 12.61 6.78
N MET A 305 4.36 13.48 7.44
CA MET A 305 4.08 13.89 8.82
C MET A 305 2.66 14.44 8.89
N THR A 306 2.24 15.25 7.91
CA THR A 306 0.94 15.85 8.07
C THR A 306 -0.13 14.80 7.70
N LYS A 307 0.19 13.84 6.80
CA LYS A 307 -0.73 12.75 6.54
C LYS A 307 -0.90 11.90 7.81
N TRP A 308 0.20 11.69 8.52
CA TRP A 308 0.11 10.97 9.79
C TRP A 308 -0.84 11.69 10.75
N ARG A 309 -0.69 13.02 10.87
CA ARG A 309 -1.51 13.79 11.80
C ARG A 309 -2.96 13.69 11.38
N TYR A 310 -3.21 13.76 10.09
CA TYR A 310 -4.56 13.69 9.55
C TYR A 310 -5.18 12.34 9.89
N ASN A 311 -4.50 11.23 9.60
CA ASN A 311 -5.07 9.91 9.84
C ASN A 311 -5.30 9.72 11.34
N HIS A 312 -4.43 10.29 12.17
CA HIS A 312 -4.59 10.19 13.61
C HIS A 312 -5.88 10.90 14.06
N VAL A 313 -6.13 12.10 13.53
CA VAL A 313 -7.33 12.86 13.81
C VAL A 313 -8.59 12.08 13.40
N CYS A 314 -8.62 11.57 12.15
CA CYS A 314 -9.76 10.81 11.66
C CYS A 314 -10.06 9.65 12.60
N MET A 315 -9.05 9.14 13.30
CA MET A 315 -9.24 7.98 14.13
C MET A 315 -9.80 8.37 15.50
N VAL A 316 -9.20 9.41 16.11
CA VAL A 316 -9.76 9.95 17.35
C VAL A 316 -11.24 10.23 17.16
N HIS A 317 -11.63 10.81 16.02
CA HIS A 317 -13.02 11.09 15.72
C HIS A 317 -13.87 9.82 15.72
N ARG A 318 -13.36 8.75 15.12
CA ARG A 318 -14.15 7.54 14.92
C ARG A 318 -14.35 6.83 16.27
N MET A 319 -13.40 7.03 17.19
CA MET A 319 -13.42 6.37 18.49
C MET A 319 -14.12 7.21 19.56
N LEU A 320 -13.92 8.54 19.56
CA LEU A 320 -14.36 9.40 20.64
C LEU A 320 -15.49 10.32 20.21
N GLY A 321 -15.69 10.50 18.91
CA GLY A 321 -16.73 11.39 18.42
C GLY A 321 -16.26 12.85 18.42
N SER A 322 -17.16 13.76 18.05
CA SER A 322 -16.88 15.19 18.09
C SER A 322 -17.32 15.75 19.46
N SER A 330 -12.92 18.61 21.29
CA SER A 330 -11.93 19.11 22.28
C SER A 330 -10.52 18.81 21.78
N GLY A 331 -9.95 17.64 22.14
CA GLY A 331 -8.66 17.21 21.58
C GLY A 331 -8.71 17.15 20.04
N TYR A 332 -9.83 16.60 19.53
CA TYR A 332 -10.13 16.60 18.10
C TYR A 332 -9.76 17.94 17.45
N HIS A 333 -10.26 19.06 18.00
CA HIS A 333 -10.06 20.37 17.40
C HIS A 333 -8.62 20.85 17.49
N TYR A 334 -7.96 20.58 18.64
CA TYR A 334 -6.54 20.87 18.79
C TYR A 334 -5.75 20.10 17.70
N LEU A 335 -6.08 18.81 17.55
CA LEU A 335 -5.38 17.95 16.60
C LEU A 335 -5.62 18.45 15.17
N ARG A 336 -6.85 18.92 14.92
CA ARG A 336 -7.22 19.46 13.62
C ARG A 336 -6.34 20.67 13.28
N SER A 337 -5.98 21.45 14.31
CA SER A 337 -5.15 22.64 14.12
C SER A 337 -3.70 22.24 13.78
N THR A 338 -3.29 21.03 14.18
CA THR A 338 -1.96 20.52 13.89
C THR A 338 -1.82 20.19 12.40
N VAL A 339 -2.95 19.90 11.74
CA VAL A 339 -2.92 19.57 10.32
C VAL A 339 -2.94 20.88 9.52
N SER A 340 -1.79 21.56 9.48
CA SER A 340 -1.71 22.92 8.98
C SER A 340 -0.26 23.21 8.55
N ASP A 341 -0.11 24.21 7.68
CA ASP A 341 1.22 24.65 7.25
C ASP A 341 2.05 25.12 8.44
N ARG A 342 1.37 25.53 9.53
CA ARG A 342 2.11 25.95 10.70
C ARG A 342 3.03 24.84 11.23
N TYR A 343 2.68 23.57 10.96
CA TYR A 343 3.50 22.45 11.40
C TYR A 343 4.38 21.89 10.27
N LYS A 344 4.26 22.43 9.04
CA LYS A 344 5.14 22.06 7.93
C LYS A 344 6.43 22.89 8.01
N VAL A 345 7.52 22.25 8.42
CA VAL A 345 8.80 22.90 8.60
C VAL A 345 9.37 23.42 7.28
N PHE A 346 9.20 22.68 6.18
CA PHE A 346 9.79 23.06 4.90
C PHE A 346 8.76 23.62 3.94
N VAL A 347 7.78 24.37 4.50
CA VAL A 347 6.72 24.99 3.71
C VAL A 347 7.34 25.86 2.60
N ASP A 348 8.50 26.48 2.86
CA ASP A 348 9.15 27.33 1.88
C ASP A 348 9.53 26.54 0.62
N LEU A 349 9.90 25.26 0.75
CA LEU A 349 10.28 24.48 -0.41
C LEU A 349 9.05 24.19 -1.30
N PHE A 350 7.92 23.91 -0.68
CA PHE A 350 6.68 23.78 -1.41
C PHE A 350 6.36 25.07 -2.15
N ASN A 351 6.55 26.22 -1.49
CA ASN A 351 6.01 27.49 -1.97
C ASN A 351 6.82 28.07 -3.14
N LEU A 352 7.95 27.46 -3.45
CA LEU A 352 8.72 27.85 -4.62
C LEU A 352 7.99 27.54 -5.93
N SER A 353 6.95 26.69 -5.91
CA SER A 353 6.04 26.53 -7.03
C SER A 353 5.41 27.85 -7.47
N THR A 354 5.09 28.71 -6.51
CA THR A 354 4.49 30.02 -6.78
C THR A 354 5.36 30.83 -7.75
N TYR A 355 6.68 30.62 -7.76
CA TYR A 355 7.61 31.49 -8.47
C TYR A 355 8.17 30.81 -9.73
N LEU A 356 7.43 29.86 -10.31
CA LEU A 356 7.86 29.20 -11.53
C LEU A 356 7.68 30.14 -12.72
N ILE A 357 8.69 30.13 -13.59
CA ILE A 357 8.75 31.00 -14.76
C ILE A 357 8.93 30.13 -16.00
N PRO A 358 8.71 30.70 -17.20
CA PRO A 358 9.06 29.98 -18.43
C PRO A 358 10.53 29.60 -18.42
N ARG A 359 10.84 28.45 -19.05
CA ARG A 359 12.21 27.94 -19.04
C ARG A 359 13.18 28.93 -19.65
N HIS A 360 12.74 29.63 -20.70
CA HIS A 360 13.60 30.51 -21.45
C HIS A 360 13.94 31.79 -20.67
N TRP A 361 13.27 32.02 -19.54
CA TRP A 361 13.62 33.14 -18.67
C TRP A 361 14.72 32.76 -17.71
N ILE A 362 15.05 31.48 -17.61
CA ILE A 362 16.03 31.06 -16.62
C ILE A 362 17.42 31.44 -17.10
N PRO A 363 18.20 32.17 -16.28
CA PRO A 363 19.55 32.58 -16.68
C PRO A 363 20.30 31.38 -17.25
N LYS A 364 20.86 31.58 -18.45
CA LYS A 364 21.54 30.55 -19.21
C LYS A 364 22.83 30.14 -18.51
N MET A 365 23.06 28.84 -18.51
CA MET A 365 24.31 28.30 -18.01
C MET A 365 24.94 27.43 -19.08
N ASN A 366 25.60 28.06 -20.07
CA ASN A 366 26.39 27.32 -21.05
C ASN A 366 27.60 26.71 -20.36
N PRO A 367 28.12 25.55 -20.81
CA PRO A 367 29.33 24.94 -20.23
C PRO A 367 30.40 25.95 -19.82
N THR A 368 30.56 27.00 -20.66
CA THR A 368 31.44 28.11 -20.38
C THR A 368 31.29 28.57 -18.94
N ILE A 369 30.04 28.82 -18.52
CA ILE A 369 29.72 29.20 -17.15
C ILE A 369 29.16 27.97 -16.40
N HIS A 370 29.22 26.77 -17.03
CA HIS A 370 28.72 25.56 -16.38
C HIS A 370 29.78 25.00 -15.44
N LYS A 371 31.06 25.04 -15.83
CA LYS A 371 32.12 24.17 -15.31
C LYS A 371 32.07 24.02 -13.78
N PHE A 372 31.71 25.09 -13.05
CA PHE A 372 31.70 25.10 -11.60
C PHE A 372 30.70 24.07 -11.06
N LEU A 373 29.72 23.64 -11.88
CA LEU A 373 28.73 22.65 -11.46
C LEU A 373 28.91 21.27 -12.10
N GLU A 374 30.15 20.88 -12.42
CA GLU A 374 30.44 19.53 -12.91
C GLU A 374 31.43 18.87 -11.95
N HIS A 375 31.28 17.56 -11.75
CA HIS A 375 32.12 16.83 -10.80
C HIS A 375 32.96 15.82 -11.59
N LEU B 24 -0.59 7.11 35.90
CA LEU B 24 -0.34 6.24 34.71
C LEU B 24 0.10 7.10 33.52
N ILE B 25 1.33 6.87 33.06
CA ILE B 25 1.90 7.62 31.96
C ILE B 25 2.00 6.68 30.76
N TYR B 26 1.80 7.24 29.55
CA TYR B 26 1.95 6.54 28.28
C TYR B 26 3.12 5.57 28.33
N GLY B 27 4.32 6.08 28.59
CA GLY B 27 5.53 5.30 28.54
C GLY B 27 5.51 4.13 29.50
N ASN B 28 4.91 4.31 30.68
CA ASN B 28 4.77 3.26 31.67
C ASN B 28 3.73 2.22 31.23
N TYR B 29 2.60 2.71 30.68
CA TYR B 29 1.52 1.82 30.24
C TYR B 29 2.06 0.88 29.17
N LEU B 30 2.85 1.42 28.23
CA LEU B 30 3.40 0.69 27.11
C LEU B 30 4.75 0.04 27.45
N HIS B 31 5.21 0.15 28.69
CA HIS B 31 6.49 -0.38 29.11
C HIS B 31 7.59 -0.06 28.11
N LEU B 32 7.70 1.23 27.75
CA LEU B 32 8.76 1.68 26.86
C LEU B 32 10.15 1.62 27.50
N GLU B 33 10.22 1.44 28.82
CA GLU B 33 11.52 1.29 29.47
C GLU B 33 12.15 -0.01 29.00
N LYS B 34 11.30 -0.94 28.51
CA LYS B 34 11.80 -2.19 27.97
C LYS B 34 11.95 -2.10 26.46
N VAL B 35 10.91 -1.64 25.79
CA VAL B 35 10.86 -1.70 24.33
C VAL B 35 11.94 -0.79 23.74
N LEU B 36 12.20 0.37 24.36
CA LEU B 36 13.15 1.32 23.80
C LEU B 36 14.54 1.21 24.44
N ASN B 37 14.76 0.19 25.29
CA ASN B 37 16.10 -0.14 25.76
C ASN B 37 16.44 -1.57 25.36
N ALA B 38 16.20 -1.92 24.09
CA ALA B 38 16.36 -3.28 23.58
C ALA B 38 17.19 -3.31 22.31
N GLN B 39 17.86 -2.20 22.01
CA GLN B 39 18.59 -2.02 20.77
C GLN B 39 20.09 -1.94 21.10
N GLU B 40 20.78 -3.08 20.98
CA GLU B 40 22.21 -3.19 21.14
C GLU B 40 22.82 -3.65 19.82
N LEU B 41 23.53 -2.75 19.16
CA LEU B 41 24.22 -3.06 17.93
C LEU B 41 25.46 -3.88 18.24
N GLN B 42 25.54 -5.11 17.71
CA GLN B 42 26.71 -5.94 17.93
C GLN B 42 27.93 -5.27 17.31
N SER B 43 27.77 -4.57 16.18
CA SER B 43 28.88 -3.82 15.60
C SER B 43 29.48 -2.83 16.60
N GLU B 44 28.62 -2.19 17.40
CA GLU B 44 29.05 -1.21 18.39
C GLU B 44 29.68 -1.90 19.61
N THR B 45 29.09 -3.04 20.03
CA THR B 45 29.60 -3.83 21.14
C THR B 45 31.01 -4.35 20.84
N LYS B 46 31.37 -4.54 19.56
CA LYS B 46 32.70 -5.03 19.18
C LYS B 46 33.58 -3.90 18.65
N GLY B 47 33.21 -2.64 18.91
CA GLY B 47 34.07 -1.48 18.70
C GLY B 47 34.09 -0.96 17.26
N ASN B 48 33.00 -1.14 16.49
CA ASN B 48 32.96 -0.77 15.07
C ASN B 48 31.52 -0.53 14.60
N LYS B 49 30.84 0.41 15.25
CA LYS B 49 29.44 0.73 15.02
C LYS B 49 29.16 0.96 13.54
N ILE B 50 28.14 0.29 13.02
CA ILE B 50 27.72 0.41 11.64
C ILE B 50 26.25 0.86 11.69
N HIS B 51 25.98 2.01 11.06
CA HIS B 51 24.74 2.74 11.17
C HIS B 51 23.54 1.84 10.87
N ASP B 52 23.62 1.04 9.75
CA ASP B 52 22.41 0.37 9.28
C ASP B 52 22.06 -0.82 10.16
N GLU B 53 22.91 -1.22 11.08
CA GLU B 53 22.54 -2.33 11.95
C GLU B 53 21.31 -1.98 12.75
N HIS B 54 21.18 -0.69 13.09
CA HIS B 54 20.08 -0.27 13.94
C HIS B 54 18.76 -0.57 13.24
N LEU B 55 18.68 -0.33 11.92
CA LEU B 55 17.51 -0.58 11.11
C LEU B 55 17.13 -2.06 11.12
N PHE B 56 18.15 -2.91 11.03
CA PHE B 56 17.95 -4.35 10.96
C PHE B 56 17.36 -4.82 12.28
N ILE B 57 17.82 -4.25 13.40
CA ILE B 57 17.27 -4.63 14.68
C ILE B 57 15.81 -4.21 14.80
N ILE B 58 15.50 -2.95 14.47
CA ILE B 58 14.17 -2.44 14.69
C ILE B 58 13.17 -3.16 13.78
N THR B 59 13.56 -3.38 12.52
CA THR B 59 12.66 -4.07 11.60
C THR B 59 12.20 -5.39 12.20
N HIS B 60 13.13 -6.19 12.73
CA HIS B 60 12.80 -7.51 13.25
C HIS B 60 11.95 -7.38 14.51
N GLN B 61 12.27 -6.42 15.38
CA GLN B 61 11.52 -6.23 16.61
C GLN B 61 10.07 -5.90 16.25
N ALA B 62 9.88 -5.15 15.18
CA ALA B 62 8.54 -4.77 14.75
C ALA B 62 7.78 -6.00 14.24
N TYR B 63 8.46 -6.82 13.42
CA TYR B 63 7.90 -8.09 12.95
C TYR B 63 7.46 -8.90 14.16
N GLU B 64 8.31 -9.00 15.17
CA GLU B 64 8.00 -9.82 16.35
C GLU B 64 6.82 -9.26 17.15
N LEU B 65 6.68 -7.93 17.26
CA LEU B 65 5.54 -7.35 17.97
C LEU B 65 4.26 -7.83 17.28
N TRP B 66 4.23 -7.72 15.96
CA TRP B 66 3.06 -8.08 15.18
C TRP B 66 2.82 -9.59 15.16
N PHE B 67 3.89 -10.41 15.16
CA PHE B 67 3.70 -11.85 15.27
C PHE B 67 3.02 -12.17 16.61
N LYS B 68 3.41 -11.49 17.68
CA LYS B 68 2.77 -11.68 18.97
C LYS B 68 1.27 -11.34 18.90
N GLN B 69 0.92 -10.31 18.15
CA GLN B 69 -0.47 -9.87 18.05
C GLN B 69 -1.25 -10.90 17.23
N ILE B 70 -0.63 -11.42 16.17
CA ILE B 70 -1.26 -12.47 15.36
C ILE B 70 -1.53 -13.69 16.21
N LEU B 71 -0.58 -14.06 17.06
CA LEU B 71 -0.74 -15.22 17.92
C LEU B 71 -1.88 -15.01 18.90
N TRP B 72 -2.03 -13.76 19.36
CA TRP B 72 -3.07 -13.42 20.31
C TRP B 72 -4.44 -13.57 19.68
N GLU B 73 -4.61 -13.06 18.46
CA GLU B 73 -5.89 -13.16 17.78
C GLU B 73 -6.16 -14.63 17.46
N LEU B 74 -5.14 -15.30 16.94
CA LEU B 74 -5.30 -16.67 16.47
C LEU B 74 -5.62 -17.61 17.64
N ASP B 75 -4.91 -17.45 18.77
CA ASP B 75 -5.20 -18.22 19.97
C ASP B 75 -6.64 -17.96 20.43
N SER B 76 -7.13 -16.73 20.32
CA SER B 76 -8.46 -16.42 20.80
C SER B 76 -9.51 -17.10 19.92
N VAL B 77 -9.25 -17.16 18.61
CA VAL B 77 -10.16 -17.82 17.68
C VAL B 77 -10.12 -19.33 17.87
N ARG B 78 -8.94 -19.89 18.08
CA ARG B 78 -8.83 -21.31 18.35
C ARG B 78 -9.65 -21.68 19.59
N GLU B 79 -9.56 -20.84 20.63
CA GLU B 79 -10.27 -21.10 21.89
C GLU B 79 -11.78 -21.10 21.69
N ILE B 80 -12.30 -20.13 20.93
CA ILE B 80 -13.72 -20.03 20.62
C ILE B 80 -14.23 -21.31 19.97
N PHE B 81 -13.40 -21.95 19.14
CA PHE B 81 -13.75 -23.22 18.53
C PHE B 81 -13.65 -24.35 19.56
N GLN B 82 -12.49 -24.48 20.22
CA GLN B 82 -12.23 -25.61 21.11
C GLN B 82 -13.24 -25.68 22.25
N ASN B 83 -13.67 -24.52 22.79
CA ASN B 83 -14.54 -24.48 23.96
C ASN B 83 -16.01 -24.53 23.56
N GLY B 84 -16.31 -24.57 22.26
CA GLY B 84 -17.68 -24.74 21.80
C GLY B 84 -18.44 -23.42 21.67
N HIS B 85 -17.81 -22.28 21.93
CA HIS B 85 -18.50 -21.01 21.77
C HIS B 85 -18.95 -20.78 20.33
N VAL B 86 -18.17 -21.26 19.36
CA VAL B 86 -18.53 -21.10 17.97
C VAL B 86 -19.90 -21.72 17.67
N ARG B 87 -20.39 -22.60 18.54
CA ARG B 87 -21.67 -23.23 18.31
C ARG B 87 -22.78 -22.18 18.35
N ASP B 88 -22.60 -21.15 19.17
CA ASP B 88 -23.52 -20.03 19.20
C ASP B 88 -23.11 -19.08 18.06
N GLU B 89 -23.95 -19.03 17.02
CA GLU B 89 -23.65 -18.29 15.81
C GLU B 89 -23.58 -16.78 16.07
N ARG B 90 -23.98 -16.33 17.26
CA ARG B 90 -23.75 -14.94 17.65
C ARG B 90 -22.24 -14.60 17.59
N ASN B 91 -21.37 -15.62 17.68
CA ASN B 91 -19.95 -15.37 17.83
C ASN B 91 -19.23 -15.37 16.48
N MET B 92 -19.95 -15.55 15.37
CA MET B 92 -19.28 -15.60 14.08
C MET B 92 -18.74 -14.22 13.69
N LEU B 93 -19.41 -13.15 14.08
CA LEU B 93 -18.92 -11.81 13.77
C LEU B 93 -17.54 -11.56 14.36
N LYS B 94 -17.37 -11.97 15.62
CA LYS B 94 -16.10 -11.85 16.31
C LYS B 94 -15.03 -12.69 15.63
N VAL B 95 -15.41 -13.90 15.20
CA VAL B 95 -14.44 -14.82 14.60
C VAL B 95 -13.94 -14.25 13.28
N VAL B 96 -14.88 -13.75 12.47
CA VAL B 96 -14.48 -13.21 11.18
C VAL B 96 -13.72 -11.91 11.32
N SER B 97 -14.06 -11.06 12.29
CA SER B 97 -13.36 -9.78 12.48
C SER B 97 -11.89 -10.02 12.84
N ARG B 98 -11.66 -10.96 13.75
CA ARG B 98 -10.31 -11.26 14.19
C ARG B 98 -9.49 -11.91 13.09
N MET B 99 -10.09 -12.76 12.25
CA MET B 99 -9.34 -13.40 11.18
C MET B 99 -9.04 -12.36 10.11
N HIS B 100 -9.99 -11.45 9.89
CA HIS B 100 -9.77 -10.32 8.98
C HIS B 100 -8.62 -9.46 9.51
N ARG B 101 -8.57 -9.27 10.82
CA ARG B 101 -7.54 -8.47 11.42
C ARG B 101 -6.19 -9.14 11.21
N VAL B 102 -6.15 -10.46 11.30
CA VAL B 102 -4.90 -11.18 11.07
C VAL B 102 -4.39 -10.85 9.67
N SER B 103 -5.28 -10.84 8.68
CA SER B 103 -4.85 -10.61 7.32
C SER B 103 -4.46 -9.15 7.09
N VAL B 104 -5.10 -8.20 7.80
CA VAL B 104 -4.76 -6.78 7.69
C VAL B 104 -3.34 -6.57 8.27
N ILE B 105 -3.05 -7.23 9.39
CA ILE B 105 -1.69 -7.22 9.93
C ILE B 105 -0.71 -7.79 8.92
N LEU B 106 -1.06 -8.94 8.31
CA LEU B 106 -0.10 -9.61 7.43
C LEU B 106 0.16 -8.74 6.22
N LYS B 107 -0.87 -8.04 5.73
CA LYS B 107 -0.65 -7.16 4.58
C LYS B 107 0.38 -6.11 4.93
N LEU B 108 0.36 -5.63 6.21
CA LEU B 108 1.29 -4.61 6.60
C LEU B 108 2.68 -5.22 6.71
N LEU B 109 2.76 -6.43 7.29
CA LEU B 109 4.03 -7.12 7.38
C LEU B 109 4.69 -7.29 6.00
N VAL B 110 3.89 -7.52 4.97
CA VAL B 110 4.44 -7.62 3.63
C VAL B 110 4.95 -6.26 3.13
N GLN B 111 4.19 -5.19 3.36
CA GLN B 111 4.63 -3.84 3.00
C GLN B 111 5.91 -3.47 3.75
N GLN B 112 6.09 -3.97 4.97
CA GLN B 112 7.21 -3.58 5.81
C GLN B 112 8.55 -3.97 5.22
N PHE B 113 8.58 -4.90 4.26
CA PHE B 113 9.82 -5.29 3.64
C PHE B 113 10.41 -4.11 2.89
N SER B 114 9.56 -3.20 2.44
CA SER B 114 10.03 -2.04 1.68
C SER B 114 10.97 -1.18 2.54
N ILE B 115 10.87 -1.28 3.86
CA ILE B 115 11.80 -0.54 4.69
C ILE B 115 13.18 -1.15 4.62
N LEU B 116 13.25 -2.47 4.72
CA LEU B 116 14.54 -3.15 4.68
C LEU B 116 15.15 -3.10 3.28
N GLU B 117 14.33 -2.87 2.26
CA GLU B 117 14.87 -2.65 0.91
C GLU B 117 15.66 -1.36 0.81
N THR B 118 15.55 -0.43 1.78
CA THR B 118 16.36 0.79 1.76
C THR B 118 17.77 0.50 2.26
N MET B 119 18.08 -0.72 2.70
CA MET B 119 19.44 -1.08 3.09
C MET B 119 20.13 -1.77 1.91
N THR B 120 21.31 -1.30 1.51
CA THR B 120 21.99 -1.96 0.40
C THR B 120 22.72 -3.18 0.93
N ALA B 121 23.07 -4.10 0.02
CA ALA B 121 23.81 -5.29 0.38
C ALA B 121 25.21 -4.90 0.84
N LEU B 122 25.82 -3.91 0.20
CA LEU B 122 27.14 -3.43 0.62
C LEU B 122 27.10 -2.94 2.07
N ASP B 123 25.98 -2.34 2.47
CA ASP B 123 25.88 -1.79 3.81
C ASP B 123 25.61 -2.92 4.81
N PHE B 124 24.81 -3.91 4.38
CA PHE B 124 24.55 -5.08 5.19
C PHE B 124 25.85 -5.85 5.40
N ASN B 125 26.66 -5.92 4.37
CA ASN B 125 27.93 -6.65 4.40
C ASN B 125 28.87 -6.08 5.45
N ASP B 126 28.67 -4.85 5.91
CA ASP B 126 29.60 -4.24 6.86
C ASP B 126 29.34 -4.70 8.29
N PHE B 127 28.20 -5.35 8.56
CA PHE B 127 27.90 -5.76 9.94
C PHE B 127 27.43 -7.22 10.01
N ARG B 128 27.31 -7.87 8.84
CA ARG B 128 26.78 -9.23 8.78
C ARG B 128 27.63 -10.15 9.67
N GLU B 129 28.95 -9.97 9.66
CA GLU B 129 29.88 -10.80 10.42
C GLU B 129 29.49 -10.85 11.89
N TYR B 130 29.06 -9.72 12.47
CA TYR B 130 28.82 -9.63 13.91
C TYR B 130 27.50 -10.33 14.29
N LEU B 131 26.74 -10.83 13.31
CA LEU B 131 25.47 -11.47 13.58
C LEU B 131 25.63 -12.98 13.78
N SER B 132 26.54 -13.60 13.03
CA SER B 132 26.72 -15.05 13.06
C SER B 132 26.96 -15.52 14.50
N PRO B 133 26.33 -16.62 14.95
CA PRO B 133 25.56 -17.50 14.08
C PRO B 133 24.04 -17.39 14.20
N ALA B 134 23.55 -16.21 14.59
CA ALA B 134 22.11 -15.97 14.72
C ALA B 134 21.43 -15.99 13.36
N SER B 135 20.15 -16.38 13.33
CA SER B 135 19.35 -16.38 12.13
C SER B 135 17.87 -16.17 12.49
N GLY B 136 17.09 -15.70 11.50
CA GLY B 136 15.64 -15.59 11.61
C GLY B 136 14.98 -16.95 11.89
N PHE B 137 15.64 -18.02 11.43
CA PHE B 137 15.17 -19.39 11.61
C PHE B 137 14.82 -19.61 13.08
N GLN B 138 15.48 -18.84 13.96
CA GLN B 138 15.34 -19.01 15.39
C GLN B 138 14.16 -18.21 15.93
N SER B 139 13.30 -17.70 15.05
CA SER B 139 12.11 -16.99 15.48
C SER B 139 11.09 -17.99 16.02
N LEU B 140 11.05 -18.10 17.36
CA LEU B 140 10.10 -18.94 18.04
C LEU B 140 8.70 -18.60 17.55
N GLN B 141 8.35 -17.32 17.49
CA GLN B 141 6.95 -16.97 17.25
C GLN B 141 6.53 -17.33 15.83
N PHE B 142 7.43 -17.22 14.86
CA PHE B 142 7.08 -17.58 13.49
C PHE B 142 6.77 -19.08 13.43
N ARG B 143 7.53 -19.89 14.15
CA ARG B 143 7.29 -21.32 14.18
C ARG B 143 5.97 -21.58 14.87
N LEU B 144 5.72 -20.91 15.99
CA LEU B 144 4.48 -21.10 16.72
C LEU B 144 3.29 -20.79 15.82
N LEU B 145 3.45 -19.76 14.98
CA LEU B 145 2.38 -19.33 14.10
C LEU B 145 2.12 -20.39 13.02
N GLU B 146 3.18 -20.89 12.39
CA GLU B 146 3.04 -21.95 11.40
C GLU B 146 2.33 -23.17 12.00
N ASN B 147 2.78 -23.59 13.19
CA ASN B 147 2.22 -24.76 13.85
C ASN B 147 0.75 -24.52 14.21
N LYS B 148 0.42 -23.36 14.79
CA LYS B 148 -0.94 -23.16 15.28
C LYS B 148 -1.95 -23.05 14.13
N ILE B 149 -1.51 -22.59 12.95
CA ILE B 149 -2.40 -22.53 11.79
C ILE B 149 -2.65 -23.96 11.30
N GLY B 150 -1.59 -24.77 11.17
CA GLY B 150 -1.75 -26.16 10.77
C GLY B 150 -0.67 -26.68 9.80
N VAL B 151 0.52 -26.10 9.79
CA VAL B 151 1.57 -26.56 8.89
C VAL B 151 2.03 -27.91 9.40
N LEU B 152 2.16 -28.91 8.52
CA LEU B 152 2.59 -30.23 8.97
C LEU B 152 4.11 -30.36 8.99
N GLN B 153 4.64 -30.91 10.11
CA GLN B 153 6.06 -31.17 10.25
C GLN B 153 6.53 -32.11 9.15
N ASN B 154 5.76 -33.21 8.89
CA ASN B 154 6.14 -34.21 7.90
C ASN B 154 6.46 -33.56 6.55
N MET B 155 5.76 -32.45 6.28
CA MET B 155 5.82 -31.82 4.96
C MET B 155 6.86 -30.70 4.94
N ARG B 156 7.41 -30.34 6.11
CA ARG B 156 8.43 -29.32 6.19
C ARG B 156 9.66 -29.75 5.40
N VAL B 157 10.23 -28.79 4.67
CA VAL B 157 11.40 -29.06 3.84
C VAL B 157 12.62 -29.03 4.74
N PRO B 158 13.47 -30.10 4.73
CA PRO B 158 14.71 -30.09 5.50
C PRO B 158 15.66 -28.98 5.04
N TYR B 159 16.27 -28.27 5.99
CA TYR B 159 17.29 -27.30 5.66
C TYR B 159 18.63 -27.95 5.97
N ASN B 160 19.45 -28.21 4.94
CA ASN B 160 20.72 -28.90 5.13
C ASN B 160 20.52 -30.16 5.97
N ARG B 161 19.53 -30.98 5.55
CA ARG B 161 19.23 -32.27 6.17
C ARG B 161 19.13 -32.12 7.69
N ARG B 162 18.18 -31.27 8.12
CA ARG B 162 18.02 -30.96 9.55
C ARG B 162 16.56 -30.63 9.87
N HIS B 163 16.18 -30.87 11.12
CA HIS B 163 14.87 -30.51 11.65
C HIS B 163 14.89 -29.06 12.13
N TYR B 164 13.74 -28.38 12.14
CA TYR B 164 13.69 -26.98 12.51
C TYR B 164 13.92 -26.82 14.02
N ARG B 165 13.27 -27.69 14.82
CA ARG B 165 13.32 -27.61 16.28
C ARG B 165 14.70 -27.94 16.84
N ASP B 166 15.57 -28.54 16.01
CA ASP B 166 16.95 -28.80 16.37
C ASP B 166 17.64 -27.54 16.91
N ASN B 167 17.26 -26.38 16.38
CA ASN B 167 17.91 -25.12 16.73
C ASN B 167 17.36 -24.56 18.04
N PHE B 168 16.43 -25.28 18.69
CA PHE B 168 15.74 -24.77 19.87
C PHE B 168 15.94 -25.71 21.05
N LYS B 169 15.95 -25.13 22.27
CA LYS B 169 16.22 -25.86 23.50
C LYS B 169 15.44 -25.24 24.66
N GLY B 170 15.22 -26.02 25.72
CA GLY B 170 14.66 -25.52 26.96
C GLY B 170 13.15 -25.36 26.87
N GLU B 171 12.61 -24.36 27.57
CA GLU B 171 11.19 -24.04 27.54
C GLU B 171 10.75 -23.68 26.11
N GLU B 172 11.66 -23.12 25.30
CA GLU B 172 11.37 -22.80 23.91
C GLU B 172 11.03 -24.08 23.14
N ASN B 173 11.83 -25.14 23.34
CA ASN B 173 11.55 -26.41 22.69
C ASN B 173 10.22 -26.97 23.19
N GLU B 174 9.90 -26.66 24.46
CA GLU B 174 8.66 -27.08 25.11
C GLU B 174 7.46 -26.43 24.44
N LEU B 175 7.48 -25.09 24.35
CA LEU B 175 6.38 -24.36 23.75
C LEU B 175 6.13 -24.87 22.34
N LEU B 176 7.22 -25.10 21.58
CA LEU B 176 7.13 -25.59 20.21
C LEU B 176 6.35 -26.91 20.17
N LEU B 177 6.61 -27.78 21.15
CA LEU B 177 5.97 -29.08 21.17
C LEU B 177 4.46 -28.91 21.39
N LYS B 178 4.09 -28.15 22.43
CA LYS B 178 2.68 -27.88 22.71
C LYS B 178 2.00 -27.36 21.44
N SER B 179 2.69 -26.45 20.73
CA SER B 179 2.11 -25.86 19.53
C SER B 179 1.85 -26.95 18.47
N GLU B 180 2.67 -28.01 18.44
CA GLU B 180 2.51 -29.07 17.47
C GLU B 180 1.38 -30.02 17.88
N GLN B 181 1.25 -30.23 19.20
CA GLN B 181 0.34 -31.22 19.76
C GLN B 181 -1.06 -30.65 19.99
N GLU B 182 -1.18 -29.36 20.36
CA GLU B 182 -2.49 -28.76 20.54
C GLU B 182 -3.26 -28.73 19.22
N LYS B 183 -4.60 -28.68 19.31
CA LYS B 183 -5.46 -28.62 18.15
C LYS B 183 -5.15 -27.35 17.35
N THR B 184 -5.02 -27.50 16.04
CA THR B 184 -4.65 -26.41 15.16
C THR B 184 -5.92 -25.76 14.65
N LEU B 185 -5.77 -24.59 14.02
CA LEU B 185 -6.88 -23.87 13.43
C LEU B 185 -7.52 -24.73 12.34
N LEU B 186 -6.69 -25.39 11.52
CA LEU B 186 -7.19 -26.31 10.51
C LEU B 186 -8.08 -27.40 11.13
N GLU B 187 -7.65 -28.00 12.25
CA GLU B 187 -8.39 -29.11 12.85
C GLU B 187 -9.69 -28.60 13.44
N LEU B 188 -9.68 -27.40 14.02
CA LEU B 188 -10.85 -26.87 14.69
C LEU B 188 -11.89 -26.46 13.64
N VAL B 189 -11.43 -25.86 12.54
CA VAL B 189 -12.29 -25.57 11.41
C VAL B 189 -12.84 -26.87 10.80
N GLU B 190 -11.98 -27.88 10.61
CA GLU B 190 -12.42 -29.19 10.14
C GLU B 190 -13.61 -29.70 10.95
N ALA B 191 -13.46 -29.75 12.27
CA ALA B 191 -14.52 -30.24 13.15
C ALA B 191 -15.81 -29.46 12.93
N TRP B 192 -15.71 -28.14 12.84
CA TRP B 192 -16.86 -27.29 12.67
C TRP B 192 -17.52 -27.51 11.31
N LEU B 193 -16.70 -27.65 10.28
CA LEU B 193 -17.19 -27.92 8.93
C LEU B 193 -17.97 -29.24 8.87
N GLU B 194 -17.58 -30.22 9.71
CA GLU B 194 -18.22 -31.52 9.72
C GLU B 194 -19.66 -31.42 10.24
N ARG B 195 -19.95 -30.42 11.08
CA ARG B 195 -21.28 -30.22 11.64
C ARG B 195 -22.14 -29.28 10.79
N THR B 196 -21.66 -28.89 9.59
CA THR B 196 -22.38 -27.94 8.76
C THR B 196 -23.79 -28.46 8.47
N PRO B 197 -24.84 -27.65 8.69
CA PRO B 197 -26.22 -28.06 8.41
C PRO B 197 -26.49 -28.32 6.92
N GLY B 198 -27.21 -29.41 6.61
CA GLY B 198 -27.58 -29.71 5.23
C GLY B 198 -26.98 -31.02 4.71
N LEU B 199 -26.02 -31.58 5.44
CA LEU B 199 -25.30 -32.77 5.01
C LEU B 199 -26.08 -34.04 5.36
N GLU B 200 -27.12 -33.91 6.20
CA GLU B 200 -27.86 -35.05 6.71
C GLU B 200 -28.48 -35.81 5.53
N PRO B 201 -28.15 -37.10 5.33
CA PRO B 201 -28.82 -37.92 4.32
C PRO B 201 -30.34 -37.98 4.51
N HIS B 202 -30.77 -37.95 5.77
CA HIS B 202 -32.19 -37.93 6.11
C HIS B 202 -32.76 -36.51 6.04
N GLY B 203 -31.92 -35.49 5.77
CA GLY B 203 -32.33 -34.10 5.67
C GLY B 203 -32.32 -33.58 4.23
N PHE B 204 -31.61 -32.46 3.99
CA PHE B 204 -31.51 -31.87 2.65
C PHE B 204 -30.67 -32.78 1.73
N ASN B 205 -29.88 -33.69 2.31
CA ASN B 205 -29.14 -34.69 1.55
C ASN B 205 -28.37 -34.04 0.40
N PHE B 206 -27.53 -33.06 0.76
CA PHE B 206 -26.80 -32.26 -0.21
C PHE B 206 -25.98 -33.17 -1.13
N TRP B 207 -25.18 -34.08 -0.53
CA TRP B 207 -24.23 -34.87 -1.28
C TRP B 207 -24.94 -35.74 -2.28
N GLY B 208 -26.00 -36.42 -1.84
CA GLY B 208 -26.77 -37.28 -2.73
C GLY B 208 -27.36 -36.50 -3.89
N LYS B 209 -28.00 -35.36 -3.61
CA LYS B 209 -28.66 -34.60 -4.66
C LYS B 209 -27.62 -34.10 -5.66
N LEU B 210 -26.45 -33.68 -5.15
CA LEU B 210 -25.38 -33.12 -5.98
C LEU B 210 -24.85 -34.19 -6.94
N GLU B 211 -24.61 -35.39 -6.40
CA GLU B 211 -24.12 -36.50 -7.21
C GLU B 211 -25.08 -36.76 -8.37
N LYS B 212 -26.38 -36.81 -8.04
CA LYS B 212 -27.43 -37.09 -9.02
C LYS B 212 -27.49 -35.98 -10.07
N ASN B 213 -27.51 -34.71 -9.65
CA ASN B 213 -27.67 -33.62 -10.57
C ASN B 213 -26.50 -33.55 -11.55
N ILE B 214 -25.29 -33.83 -11.06
CA ILE B 214 -24.11 -33.77 -11.92
C ILE B 214 -24.13 -34.96 -12.89
N THR B 215 -24.43 -36.15 -12.38
CA THR B 215 -24.53 -37.33 -13.24
C THR B 215 -25.54 -37.07 -14.36
N ARG B 216 -26.72 -36.53 -14.01
CA ARG B 216 -27.74 -36.20 -14.99
C ARG B 216 -27.23 -35.19 -16.01
N GLY B 217 -26.67 -34.09 -15.53
CA GLY B 217 -26.21 -33.00 -16.38
C GLY B 217 -25.15 -33.44 -17.38
N LEU B 218 -24.23 -34.30 -16.90
CA LEU B 218 -23.20 -34.84 -17.76
C LEU B 218 -23.87 -35.69 -18.86
N GLU B 219 -24.82 -36.55 -18.48
CA GLU B 219 -25.58 -37.34 -19.44
C GLU B 219 -26.18 -36.43 -20.50
N GLU B 220 -26.85 -35.35 -20.07
CA GLU B 220 -27.50 -34.43 -21.00
C GLU B 220 -26.47 -33.88 -21.98
N GLU B 221 -25.31 -33.51 -21.43
CA GLU B 221 -24.31 -32.82 -22.23
C GLU B 221 -23.74 -33.79 -23.27
N PHE B 222 -23.46 -35.03 -22.86
CA PHE B 222 -22.93 -36.02 -23.77
C PHE B 222 -23.85 -36.17 -24.97
N ILE B 223 -25.15 -36.32 -24.72
CA ILE B 223 -26.14 -36.51 -25.78
C ILE B 223 -26.00 -35.37 -26.78
N ARG B 224 -25.94 -34.12 -26.27
CA ARG B 224 -25.80 -32.93 -27.11
C ARG B 224 -24.61 -33.08 -28.07
N ILE B 225 -23.44 -33.38 -27.51
CA ILE B 225 -22.21 -33.42 -28.30
C ILE B 225 -22.28 -34.59 -29.28
N GLN B 226 -22.79 -35.74 -28.81
CA GLN B 226 -22.87 -36.94 -29.62
C GLN B 226 -23.70 -36.68 -30.87
N ALA B 227 -24.60 -35.69 -30.83
CA ALA B 227 -25.50 -35.41 -31.94
C ALA B 227 -24.77 -34.60 -33.02
N LYS B 228 -23.70 -33.90 -32.65
CA LYS B 228 -22.87 -33.19 -33.62
C LYS B 228 -22.20 -34.17 -34.60
N GLU B 229 -21.61 -33.59 -35.67
CA GLU B 229 -21.01 -34.37 -36.74
C GLU B 229 -19.50 -34.46 -36.56
N GLU B 230 -18.96 -35.63 -36.93
CA GLU B 230 -17.54 -35.93 -36.75
C GLU B 230 -16.73 -34.75 -37.28
N SER B 231 -15.81 -34.26 -36.47
CA SER B 231 -14.99 -33.11 -36.80
C SER B 231 -13.88 -32.98 -35.77
N GLU B 232 -12.87 -32.16 -36.07
CA GLU B 232 -11.87 -31.80 -35.07
C GLU B 232 -12.56 -31.11 -33.87
N GLU B 233 -13.57 -30.29 -34.16
CA GLU B 233 -14.32 -29.61 -33.12
C GLU B 233 -14.94 -30.63 -32.18
N LYS B 234 -15.64 -31.62 -32.77
CA LYS B 234 -16.38 -32.57 -31.96
C LYS B 234 -15.42 -33.31 -31.03
N GLU B 235 -14.30 -33.75 -31.58
CA GLU B 235 -13.26 -34.41 -30.79
C GLU B 235 -12.81 -33.47 -29.67
N GLU B 236 -12.54 -32.20 -30.01
CA GLU B 236 -12.11 -31.24 -29.00
C GLU B 236 -13.15 -31.15 -27.88
N GLN B 237 -14.44 -31.09 -28.23
CA GLN B 237 -15.49 -31.02 -27.22
C GLN B 237 -15.55 -32.29 -26.40
N VAL B 238 -15.58 -33.46 -27.08
CA VAL B 238 -15.55 -34.77 -26.42
C VAL B 238 -14.39 -34.82 -25.43
N ALA B 239 -13.19 -34.40 -25.84
CA ALA B 239 -12.02 -34.45 -24.96
C ALA B 239 -12.26 -33.60 -23.73
N GLU B 240 -12.71 -32.36 -23.92
CA GLU B 240 -13.00 -31.47 -22.80
C GLU B 240 -14.04 -32.12 -21.88
N PHE B 241 -15.13 -32.63 -22.46
CA PHE B 241 -16.18 -33.28 -21.69
C PHE B 241 -15.56 -34.33 -20.77
N GLN B 242 -14.66 -35.13 -21.32
CA GLN B 242 -14.14 -36.29 -20.60
C GLN B 242 -13.34 -35.76 -19.43
N LYS B 243 -12.53 -34.74 -19.66
CA LYS B 243 -11.76 -34.14 -18.58
C LYS B 243 -12.68 -33.58 -17.49
N GLN B 244 -13.69 -32.81 -17.89
CA GLN B 244 -14.63 -32.22 -16.94
C GLN B 244 -15.33 -33.32 -16.14
N LYS B 245 -15.79 -34.35 -16.85
CA LYS B 245 -16.47 -35.48 -16.23
C LYS B 245 -15.58 -36.13 -15.18
N GLU B 246 -14.31 -36.37 -15.51
CA GLU B 246 -13.43 -37.05 -14.59
C GLU B 246 -13.21 -36.16 -13.37
N VAL B 247 -12.99 -34.88 -13.55
CA VAL B 247 -12.78 -34.03 -12.37
C VAL B 247 -14.01 -34.08 -11.47
N LEU B 248 -15.18 -33.84 -12.08
CA LEU B 248 -16.40 -33.71 -11.28
C LEU B 248 -16.73 -35.00 -10.55
N LEU B 249 -16.64 -36.14 -11.24
CA LEU B 249 -17.04 -37.38 -10.61
C LEU B 249 -16.02 -37.81 -9.57
N SER B 250 -14.75 -37.46 -9.74
CA SER B 250 -13.73 -37.79 -8.74
C SER B 250 -14.11 -37.23 -7.37
N LEU B 251 -14.92 -36.17 -7.33
CA LEU B 251 -15.37 -35.58 -6.07
C LEU B 251 -16.09 -36.61 -5.21
N PHE B 252 -16.82 -37.54 -5.83
CA PHE B 252 -17.64 -38.50 -5.12
C PHE B 252 -16.86 -39.76 -4.76
N ASP B 253 -15.55 -39.81 -5.05
CA ASP B 253 -14.70 -40.96 -4.77
C ASP B 253 -14.02 -40.81 -3.39
N GLU B 254 -14.70 -41.32 -2.35
CA GLU B 254 -14.26 -41.11 -0.97
C GLU B 254 -12.89 -41.76 -0.71
N LYS B 255 -12.60 -42.86 -1.40
CA LYS B 255 -11.37 -43.61 -1.22
C LYS B 255 -10.18 -42.85 -1.82
N ARG B 256 -10.38 -42.25 -2.99
CA ARG B 256 -9.34 -41.44 -3.60
C ARG B 256 -9.01 -40.29 -2.67
N HIS B 257 -10.03 -39.73 -2.00
CA HIS B 257 -9.78 -38.65 -1.06
C HIS B 257 -8.91 -39.13 0.11
N GLU B 258 -9.24 -40.31 0.66
CA GLU B 258 -8.52 -40.88 1.78
C GLU B 258 -7.04 -41.06 1.43
N HIS B 259 -6.80 -41.47 0.18
CA HIS B 259 -5.47 -41.69 -0.35
C HIS B 259 -4.70 -40.37 -0.42
N LEU B 260 -5.36 -39.34 -0.94
CA LEU B 260 -4.69 -38.07 -1.12
C LEU B 260 -4.44 -37.40 0.23
N LEU B 261 -5.28 -37.71 1.24
CA LEU B 261 -5.08 -37.27 2.62
C LEU B 261 -3.77 -37.84 3.18
N SER B 262 -3.57 -39.16 3.05
CA SER B 262 -2.41 -39.82 3.61
C SER B 262 -1.12 -39.33 2.94
N LYS B 263 -1.19 -38.88 1.68
CA LYS B 263 -0.01 -38.34 1.00
C LYS B 263 0.18 -36.87 1.36
N GLY B 264 -0.82 -36.26 2.00
CA GLY B 264 -0.73 -34.88 2.44
C GLY B 264 -0.99 -33.89 1.30
N GLU B 265 -1.57 -34.35 0.20
CA GLU B 265 -1.96 -33.46 -0.90
C GLU B 265 -3.34 -32.84 -0.62
N ARG B 266 -4.06 -33.40 0.36
CA ARG B 266 -5.26 -32.79 0.91
C ARG B 266 -5.15 -32.82 2.43
N ARG B 267 -5.95 -31.97 3.11
CA ARG B 267 -5.84 -31.81 4.56
C ARG B 267 -7.16 -32.08 5.30
N LEU B 268 -8.30 -31.73 4.69
CA LEU B 268 -9.58 -31.84 5.36
C LEU B 268 -10.18 -33.22 5.14
N SER B 269 -10.88 -33.70 6.17
CA SER B 269 -11.68 -34.91 6.06
C SER B 269 -12.69 -34.76 4.93
N TYR B 270 -13.17 -35.91 4.44
CA TYR B 270 -14.15 -35.91 3.37
C TYR B 270 -15.40 -35.16 3.81
N ARG B 271 -15.83 -35.33 5.05
CA ARG B 271 -17.07 -34.71 5.49
C ARG B 271 -16.90 -33.19 5.60
N ALA B 272 -15.75 -32.75 6.11
CA ALA B 272 -15.47 -31.32 6.21
C ALA B 272 -15.53 -30.68 4.82
N LEU B 273 -15.02 -31.42 3.82
CA LEU B 273 -15.00 -30.95 2.45
C LEU B 273 -16.44 -30.71 1.97
N GLN B 274 -17.35 -31.60 2.38
CA GLN B 274 -18.76 -31.49 2.01
C GLN B 274 -19.37 -30.24 2.62
N GLY B 275 -19.08 -30.00 3.89
CA GLY B 275 -19.50 -28.79 4.58
C GLY B 275 -19.02 -27.51 3.89
N ALA B 276 -17.73 -27.49 3.49
CA ALA B 276 -17.17 -26.32 2.82
C ALA B 276 -17.93 -26.05 1.52
N LEU B 277 -18.18 -27.10 0.75
CA LEU B 277 -18.81 -26.94 -0.55
C LEU B 277 -20.26 -26.51 -0.36
N MET B 278 -20.88 -26.98 0.72
CA MET B 278 -22.24 -26.57 1.07
C MET B 278 -22.25 -25.05 1.26
N ILE B 279 -21.26 -24.53 2.00
CA ILE B 279 -21.17 -23.12 2.32
C ILE B 279 -20.89 -22.33 1.05
N TYR B 280 -20.07 -22.88 0.14
CA TYR B 280 -19.72 -22.18 -1.09
C TYR B 280 -20.98 -21.96 -1.92
N PHE B 281 -21.71 -23.06 -2.13
CA PHE B 281 -22.82 -23.05 -3.07
C PHE B 281 -24.02 -22.31 -2.49
N TYR B 282 -24.20 -22.35 -1.17
CA TYR B 282 -25.35 -21.69 -0.55
C TYR B 282 -24.94 -20.43 0.24
N ARG B 283 -23.88 -19.76 -0.18
CA ARG B 283 -23.29 -18.65 0.57
C ARG B 283 -24.28 -17.52 0.87
N GLU B 284 -25.25 -17.31 -0.02
CA GLU B 284 -26.17 -16.19 0.09
C GLU B 284 -27.21 -16.47 1.18
N GLU B 285 -27.44 -17.75 1.51
CA GLU B 285 -28.36 -18.11 2.57
C GLU B 285 -27.88 -17.52 3.88
N PRO B 286 -28.74 -16.85 4.67
CA PRO B 286 -28.30 -16.03 5.80
C PRO B 286 -27.34 -16.68 6.77
N ARG B 287 -27.63 -17.93 7.16
CA ARG B 287 -26.78 -18.65 8.08
C ARG B 287 -25.39 -18.93 7.51
N PHE B 288 -25.23 -18.87 6.17
CA PHE B 288 -23.97 -19.20 5.53
C PHE B 288 -23.18 -17.98 5.10
N GLN B 289 -23.75 -16.77 5.23
CA GLN B 289 -23.08 -15.57 4.77
C GLN B 289 -21.77 -15.34 5.52
N VAL B 290 -21.81 -15.31 6.85
CA VAL B 290 -20.59 -15.04 7.60
C VAL B 290 -19.66 -16.24 7.55
N PRO B 291 -20.13 -17.50 7.65
CA PRO B 291 -19.28 -18.67 7.38
C PRO B 291 -18.52 -18.59 6.07
N PHE B 292 -19.19 -18.13 5.00
CA PHE B 292 -18.52 -17.96 3.72
C PHE B 292 -17.36 -16.96 3.83
N GLN B 293 -17.58 -15.84 4.53
CA GLN B 293 -16.56 -14.86 4.75
C GLN B 293 -15.40 -15.45 5.55
N LEU B 294 -15.67 -16.35 6.48
CA LEU B 294 -14.60 -16.94 7.27
C LEU B 294 -13.71 -17.77 6.35
N LEU B 295 -14.31 -18.52 5.42
CA LEU B 295 -13.54 -19.41 4.55
C LEU B 295 -12.65 -18.53 3.68
N THR B 296 -13.21 -17.42 3.21
CA THR B 296 -12.52 -16.45 2.38
C THR B 296 -11.31 -15.89 3.12
N SER B 297 -11.44 -15.64 4.41
CA SER B 297 -10.36 -15.05 5.17
C SER B 297 -9.27 -16.08 5.47
N LEU B 298 -9.65 -17.34 5.67
CA LEU B 298 -8.68 -18.41 5.84
C LEU B 298 -7.81 -18.55 4.60
N MET B 299 -8.42 -18.51 3.41
CA MET B 299 -7.65 -18.49 2.18
C MET B 299 -6.75 -17.26 2.13
N ASP B 300 -7.27 -16.09 2.50
CA ASP B 300 -6.46 -14.87 2.52
C ASP B 300 -5.19 -15.04 3.38
N ILE B 301 -5.32 -15.68 4.52
CA ILE B 301 -4.24 -15.86 5.46
C ILE B 301 -3.16 -16.74 4.87
N ASP B 302 -3.57 -17.83 4.19
CA ASP B 302 -2.62 -18.69 3.51
C ASP B 302 -1.89 -17.91 2.42
N SER B 303 -2.64 -17.17 1.59
CA SER B 303 -2.05 -16.36 0.52
C SER B 303 -1.00 -15.39 1.10
N LEU B 304 -1.35 -14.72 2.23
CA LEU B 304 -0.53 -13.64 2.73
C LEU B 304 0.73 -14.19 3.42
N MET B 305 0.57 -15.33 4.11
CA MET B 305 1.71 -16.06 4.65
C MET B 305 2.69 -16.40 3.53
N THR B 306 2.16 -16.78 2.36
CA THR B 306 3.04 -17.19 1.26
C THR B 306 3.69 -15.96 0.68
N LYS B 307 2.95 -14.86 0.63
CA LYS B 307 3.53 -13.60 0.15
C LYS B 307 4.66 -13.15 1.07
N TRP B 308 4.48 -13.33 2.38
CA TRP B 308 5.53 -12.99 3.31
C TRP B 308 6.78 -13.83 3.02
N ARG B 309 6.60 -15.13 2.81
CA ARG B 309 7.73 -16.01 2.56
C ARG B 309 8.43 -15.61 1.28
N TYR B 310 7.63 -15.27 0.27
CA TYR B 310 8.17 -14.85 -1.02
C TYR B 310 9.02 -13.60 -0.85
N ASN B 311 8.48 -12.55 -0.23
CA ASN B 311 9.22 -11.30 -0.12
C ASN B 311 10.49 -11.52 0.70
N HIS B 312 10.44 -12.40 1.69
CA HIS B 312 11.61 -12.69 2.50
C HIS B 312 12.72 -13.31 1.65
N VAL B 313 12.35 -14.27 0.79
CA VAL B 313 13.26 -14.91 -0.14
C VAL B 313 13.90 -13.87 -1.06
N CYS B 314 13.09 -13.03 -1.72
CA CYS B 314 13.60 -12.01 -2.63
C CYS B 314 14.66 -11.17 -1.92
N MET B 315 14.53 -11.02 -0.59
CA MET B 315 15.41 -10.14 0.16
C MET B 315 16.74 -10.83 0.48
N VAL B 316 16.66 -12.07 0.96
CA VAL B 316 17.85 -12.88 1.18
C VAL B 316 18.70 -12.90 -0.10
N HIS B 317 18.04 -13.07 -1.25
CA HIS B 317 18.72 -13.08 -2.54
C HIS B 317 19.46 -11.76 -2.79
N ARG B 318 18.81 -10.63 -2.48
CA ARG B 318 19.35 -9.32 -2.81
C ARG B 318 20.58 -9.03 -1.95
N MET B 319 20.60 -9.61 -0.73
CA MET B 319 21.63 -9.34 0.25
C MET B 319 22.78 -10.35 0.18
N LEU B 320 22.48 -11.64 -0.07
CA LEU B 320 23.50 -12.68 0.00
C LEU B 320 23.82 -13.26 -1.36
N GLY B 321 22.96 -13.04 -2.36
CA GLY B 321 23.11 -13.70 -3.66
C GLY B 321 22.63 -15.15 -3.61
N SER B 322 22.94 -15.94 -4.64
CA SER B 322 22.68 -17.38 -4.63
C SER B 322 23.82 -18.12 -3.92
N LYS B 323 23.71 -18.21 -2.59
CA LYS B 323 24.77 -18.73 -1.73
C LYS B 323 24.17 -19.27 -0.41
N SER B 330 21.90 -23.66 -0.44
CA SER B 330 21.70 -22.20 -0.20
C SER B 330 20.40 -21.97 0.55
N GLY B 331 20.43 -21.01 1.48
CA GLY B 331 19.23 -20.56 2.17
C GLY B 331 18.16 -20.12 1.16
N TYR B 332 18.60 -19.32 0.17
CA TYR B 332 17.76 -18.88 -0.94
C TYR B 332 16.93 -20.06 -1.48
N HIS B 333 17.57 -21.19 -1.82
CA HIS B 333 16.87 -22.32 -2.42
C HIS B 333 15.92 -23.01 -1.43
N TYR B 334 16.36 -23.17 -0.17
CA TYR B 334 15.51 -23.76 0.86
C TYR B 334 14.25 -22.90 1.03
N LEU B 335 14.44 -21.58 1.13
CA LEU B 335 13.35 -20.66 1.34
C LEU B 335 12.42 -20.68 0.12
N ARG B 336 13.01 -20.83 -1.08
CA ARG B 336 12.23 -20.89 -2.31
C ARG B 336 11.28 -22.09 -2.25
N SER B 337 11.75 -23.19 -1.63
CA SER B 337 10.98 -24.41 -1.50
C SER B 337 9.76 -24.21 -0.58
N THR B 338 9.89 -23.28 0.39
CA THR B 338 8.82 -22.98 1.33
C THR B 338 7.66 -22.27 0.61
N VAL B 339 7.97 -21.60 -0.52
CA VAL B 339 6.95 -21.00 -1.37
C VAL B 339 6.36 -22.10 -2.25
N SER B 340 5.46 -22.91 -1.66
CA SER B 340 4.86 -24.05 -2.32
C SER B 340 3.53 -24.43 -1.64
N ASP B 341 2.68 -25.17 -2.36
CA ASP B 341 1.42 -25.68 -1.83
C ASP B 341 1.67 -26.55 -0.59
N ARG B 342 2.88 -27.11 -0.49
CA ARG B 342 3.29 -27.90 0.65
C ARG B 342 3.11 -27.12 1.95
N TYR B 343 3.14 -25.78 1.90
CA TYR B 343 2.99 -24.95 3.09
C TYR B 343 1.61 -24.32 3.16
N LYS B 344 0.72 -24.58 2.19
CA LYS B 344 -0.64 -24.04 2.20
C LYS B 344 -1.57 -24.95 3.00
N VAL B 345 -1.91 -24.52 4.21
CA VAL B 345 -2.77 -25.27 5.12
C VAL B 345 -4.19 -25.44 4.58
N PHE B 346 -4.74 -24.41 3.91
CA PHE B 346 -6.14 -24.47 3.48
C PHE B 346 -6.24 -24.72 1.98
N VAL B 347 -5.31 -25.54 1.43
CA VAL B 347 -5.29 -25.92 0.03
C VAL B 347 -6.67 -26.40 -0.42
N ASP B 348 -7.38 -27.12 0.43
CA ASP B 348 -8.66 -27.70 0.03
C ASP B 348 -9.68 -26.62 -0.27
N LEU B 349 -9.64 -25.48 0.45
CA LEU B 349 -10.59 -24.40 0.23
C LEU B 349 -10.33 -23.73 -1.12
N PHE B 350 -9.07 -23.55 -1.49
CA PHE B 350 -8.72 -23.03 -2.79
C PHE B 350 -9.25 -23.96 -3.86
N ASN B 351 -9.12 -25.27 -3.66
CA ASN B 351 -9.30 -26.22 -4.74
C ASN B 351 -10.77 -26.48 -5.01
N LEU B 352 -11.68 -25.94 -4.22
CA LEU B 352 -13.09 -26.02 -4.53
C LEU B 352 -13.48 -25.24 -5.81
N SER B 353 -12.62 -24.34 -6.30
CA SER B 353 -12.74 -23.78 -7.65
C SER B 353 -12.74 -24.85 -8.74
N THR B 354 -11.97 -25.91 -8.56
CA THR B 354 -11.91 -27.02 -9.50
C THR B 354 -13.29 -27.63 -9.75
N TYR B 355 -14.19 -27.56 -8.74
CA TYR B 355 -15.44 -28.30 -8.80
C TYR B 355 -16.63 -27.37 -9.04
N LEU B 356 -16.40 -26.26 -9.75
CA LEU B 356 -17.49 -25.37 -10.12
C LEU B 356 -18.32 -25.98 -11.25
N ILE B 357 -19.64 -25.88 -11.11
CA ILE B 357 -20.62 -26.46 -12.01
C ILE B 357 -21.58 -25.37 -12.46
N PRO B 358 -22.38 -25.59 -13.52
CA PRO B 358 -23.44 -24.63 -13.87
C PRO B 358 -24.38 -24.42 -12.68
N ARG B 359 -24.90 -23.20 -12.54
CA ARG B 359 -25.74 -22.86 -11.40
C ARG B 359 -26.98 -23.76 -11.34
N HIS B 360 -27.54 -24.11 -12.49
CA HIS B 360 -28.79 -24.86 -12.54
C HIS B 360 -28.59 -26.31 -12.11
N TRP B 361 -27.34 -26.76 -11.98
CA TRP B 361 -27.06 -28.11 -11.47
C TRP B 361 -27.03 -28.12 -9.95
N ILE B 362 -27.02 -26.96 -9.30
CA ILE B 362 -26.93 -26.91 -7.85
C ILE B 362 -28.27 -27.30 -7.27
N PRO B 363 -28.32 -28.30 -6.36
CA PRO B 363 -29.57 -28.72 -5.73
C PRO B 363 -30.35 -27.49 -5.26
N LYS B 364 -31.62 -27.41 -5.67
CA LYS B 364 -32.48 -26.29 -5.34
C LYS B 364 -32.85 -26.37 -3.86
N MET B 365 -32.84 -25.21 -3.21
CA MET B 365 -33.26 -25.09 -1.83
C MET B 365 -34.42 -24.12 -1.71
N ASN B 366 -35.64 -24.63 -1.97
CA ASN B 366 -36.86 -23.83 -1.86
C ASN B 366 -37.08 -23.47 -0.39
N PRO B 367 -37.67 -22.28 -0.08
CA PRO B 367 -37.97 -21.90 1.30
C PRO B 367 -38.51 -23.05 2.16
N THR B 368 -39.28 -23.94 1.52
CA THR B 368 -39.77 -25.16 2.17
C THR B 368 -38.61 -25.87 2.89
N ILE B 369 -37.51 -26.09 2.16
CA ILE B 369 -36.36 -26.82 2.66
C ILE B 369 -35.23 -25.85 3.02
N HIS B 370 -35.57 -24.56 3.24
CA HIS B 370 -34.57 -23.52 3.46
C HIS B 370 -34.67 -22.99 4.89
N LYS B 371 -35.88 -22.99 5.47
CA LYS B 371 -36.12 -22.38 6.76
C LYS B 371 -35.04 -22.72 7.80
N PHE B 372 -34.42 -23.92 7.68
CA PHE B 372 -33.38 -24.37 8.59
C PHE B 372 -32.15 -23.46 8.50
N LEU B 373 -32.02 -22.71 7.39
CA LEU B 373 -30.91 -21.78 7.19
C LEU B 373 -31.36 -20.31 7.28
N GLU B 374 -32.29 -20.02 8.22
CA GLU B 374 -32.76 -18.66 8.49
C GLU B 374 -32.50 -18.35 9.95
N HIS B 375 -32.01 -17.14 10.23
CA HIS B 375 -31.60 -16.74 11.57
C HIS B 375 -32.80 -16.76 12.54
N LEU C 24 -13.00 -14.02 -30.91
CA LEU C 24 -12.89 -12.97 -29.87
C LEU C 24 -11.46 -12.87 -29.35
N ILE C 25 -10.82 -11.74 -29.60
CA ILE C 25 -9.41 -11.53 -29.29
C ILE C 25 -9.35 -10.48 -28.18
N TYR C 26 -8.34 -10.62 -27.29
CA TYR C 26 -8.18 -9.75 -26.13
C TYR C 26 -8.47 -8.29 -26.48
N GLY C 27 -7.71 -7.77 -27.47
CA GLY C 27 -7.77 -6.36 -27.82
C GLY C 27 -9.17 -5.95 -28.25
N ASN C 28 -9.88 -6.85 -28.97
CA ASN C 28 -11.23 -6.58 -29.41
C ASN C 28 -12.23 -6.64 -28.26
N TYR C 29 -12.06 -7.63 -27.38
CA TYR C 29 -12.93 -7.81 -26.24
C TYR C 29 -12.88 -6.56 -25.37
N LEU C 30 -11.69 -6.03 -25.15
CA LEU C 30 -11.49 -4.87 -24.29
C LEU C 30 -11.60 -3.54 -25.06
N HIS C 31 -11.92 -3.59 -26.36
CA HIS C 31 -11.97 -2.42 -27.21
C HIS C 31 -10.78 -1.49 -27.00
N LEU C 32 -9.59 -2.08 -27.10
CA LEU C 32 -8.35 -1.33 -26.96
C LEU C 32 -8.12 -0.39 -28.15
N GLU C 33 -8.85 -0.58 -29.25
CA GLU C 33 -8.71 0.31 -30.39
C GLU C 33 -9.19 1.71 -29.97
N LYS C 34 -10.02 1.76 -28.92
CA LYS C 34 -10.47 3.03 -28.41
C LYS C 34 -9.60 3.46 -27.22
N VAL C 35 -9.38 2.57 -26.26
CA VAL C 35 -8.74 2.93 -25.01
C VAL C 35 -7.30 3.39 -25.27
N LEU C 36 -6.61 2.73 -26.19
CA LEU C 36 -5.21 3.00 -26.44
C LEU C 36 -5.01 3.93 -27.64
N ASN C 37 -6.09 4.51 -28.19
CA ASN C 37 -5.97 5.58 -29.17
C ASN C 37 -6.71 6.81 -28.66
N ALA C 38 -6.42 7.19 -27.40
CA ALA C 38 -7.13 8.28 -26.73
C ALA C 38 -6.17 9.24 -26.06
N GLN C 39 -4.88 9.15 -26.42
CA GLN C 39 -3.83 9.92 -25.79
C GLN C 39 -3.27 10.93 -26.79
N GLU C 40 -3.79 12.17 -26.74
CA GLU C 40 -3.33 13.28 -27.56
C GLU C 40 -2.76 14.37 -26.66
N LEU C 41 -1.44 14.55 -26.72
CA LEU C 41 -0.78 15.57 -25.92
C LEU C 41 -1.02 16.92 -26.58
N GLN C 42 -1.66 17.85 -25.85
CA GLN C 42 -1.89 19.17 -26.39
C GLN C 42 -0.56 19.88 -26.66
N SER C 43 0.46 19.60 -25.84
CA SER C 43 1.79 20.14 -26.09
C SER C 43 2.29 19.76 -27.48
N GLU C 44 2.00 18.53 -27.92
CA GLU C 44 2.43 18.02 -29.21
C GLU C 44 1.55 18.60 -30.34
N THR C 45 0.25 18.72 -30.08
CA THR C 45 -0.69 19.30 -31.03
C THR C 45 -0.31 20.74 -31.35
N LYS C 46 0.32 21.47 -30.40
CA LYS C 46 0.69 22.87 -30.61
C LYS C 46 2.18 23.03 -30.91
N GLY C 47 2.86 21.92 -31.25
CA GLY C 47 4.22 21.96 -31.80
C GLY C 47 5.32 22.09 -30.75
N ASN C 48 5.11 21.50 -29.55
CA ASN C 48 6.10 21.54 -28.48
C ASN C 48 5.89 20.42 -27.47
N LYS C 49 5.97 19.17 -27.95
CA LYS C 49 5.72 17.97 -27.16
C LYS C 49 6.51 18.01 -25.85
N ILE C 50 5.81 17.76 -24.73
CA ILE C 50 6.40 17.72 -23.41
C ILE C 50 6.15 16.34 -22.84
N HIS C 51 7.23 15.61 -22.54
CA HIS C 51 7.20 14.18 -22.21
C HIS C 51 6.16 13.89 -21.11
N ASP C 52 6.15 14.72 -20.04
CA ASP C 52 5.39 14.40 -18.85
C ASP C 52 3.89 14.53 -19.07
N GLU C 53 3.47 15.19 -20.15
CA GLU C 53 2.05 15.38 -20.36
C GLU C 53 1.39 14.03 -20.52
N HIS C 54 2.13 13.06 -21.06
CA HIS C 54 1.56 11.75 -21.33
C HIS C 54 1.07 11.13 -20.02
N LEU C 55 1.88 11.24 -18.96
CA LEU C 55 1.55 10.70 -17.65
C LEU C 55 0.30 11.37 -17.06
N PHE C 56 0.15 12.67 -17.29
CA PHE C 56 -0.98 13.41 -16.76
C PHE C 56 -2.27 12.91 -17.41
N ILE C 57 -2.19 12.64 -18.71
CA ILE C 57 -3.35 12.13 -19.42
C ILE C 57 -3.72 10.74 -18.91
N ILE C 58 -2.74 9.82 -18.83
CA ILE C 58 -3.05 8.44 -18.48
C ILE C 58 -3.58 8.37 -17.05
N THR C 59 -2.94 9.09 -16.13
CA THR C 59 -3.40 9.08 -14.74
C THR C 59 -4.91 9.38 -14.67
N HIS C 60 -5.37 10.43 -15.34
CA HIS C 60 -6.75 10.85 -15.29
C HIS C 60 -7.65 9.83 -15.96
N GLN C 61 -7.20 9.26 -17.08
CA GLN C 61 -8.00 8.26 -17.77
C GLN C 61 -8.22 7.06 -16.85
N ALA C 62 -7.19 6.74 -16.07
CA ALA C 62 -7.29 5.62 -15.16
C ALA C 62 -8.27 5.91 -14.04
N TYR C 63 -8.19 7.14 -13.48
CA TYR C 63 -9.14 7.56 -12.47
C TYR C 63 -10.56 7.40 -13.04
N GLU C 64 -10.77 7.84 -14.27
CA GLU C 64 -12.10 7.80 -14.88
C GLU C 64 -12.59 6.35 -15.12
N LEU C 65 -11.70 5.43 -15.52
CA LEU C 65 -12.13 4.05 -15.68
C LEU C 65 -12.66 3.53 -14.35
N TRP C 66 -11.92 3.79 -13.26
CA TRP C 66 -12.32 3.32 -11.94
C TRP C 66 -13.56 4.05 -11.42
N PHE C 67 -13.73 5.33 -11.73
CA PHE C 67 -14.95 6.03 -11.35
C PHE C 67 -16.14 5.34 -12.02
N LYS C 68 -15.97 4.93 -13.29
CA LYS C 68 -17.04 4.23 -14.00
C LYS C 68 -17.39 2.93 -13.28
N GLN C 69 -16.40 2.23 -12.75
CA GLN C 69 -16.63 0.96 -12.09
C GLN C 69 -17.34 1.21 -10.76
N ILE C 70 -16.94 2.27 -10.05
CA ILE C 70 -17.58 2.62 -8.79
C ILE C 70 -19.04 2.91 -9.04
N LEU C 71 -19.34 3.65 -10.12
CA LEU C 71 -20.71 4.01 -10.46
C LEU C 71 -21.53 2.76 -10.77
N TRP C 72 -20.87 1.78 -11.41
CA TRP C 72 -21.53 0.55 -11.79
C TRP C 72 -21.93 -0.23 -10.55
N GLU C 73 -21.02 -0.36 -9.59
CA GLU C 73 -21.32 -1.08 -8.36
C GLU C 73 -22.40 -0.34 -7.59
N LEU C 74 -22.20 0.97 -7.46
CA LEU C 74 -23.07 1.80 -6.63
C LEU C 74 -24.50 1.81 -7.19
N ASP C 75 -24.63 1.96 -8.51
CA ASP C 75 -25.93 1.94 -9.16
C ASP C 75 -26.59 0.56 -8.94
N SER C 76 -25.83 -0.53 -8.95
CA SER C 76 -26.41 -1.85 -8.78
C SER C 76 -26.94 -2.03 -7.35
N VAL C 77 -26.23 -1.44 -6.38
CA VAL C 77 -26.65 -1.49 -4.99
C VAL C 77 -27.87 -0.62 -4.77
N ARG C 78 -27.90 0.55 -5.40
CA ARG C 78 -29.06 1.43 -5.27
C ARG C 78 -30.29 0.71 -5.81
N GLU C 79 -30.14 -0.01 -6.94
CA GLU C 79 -31.23 -0.75 -7.55
C GLU C 79 -31.77 -1.81 -6.59
N ILE C 80 -30.88 -2.59 -5.95
CA ILE C 80 -31.28 -3.64 -5.03
C ILE C 80 -32.14 -3.08 -3.89
N PHE C 81 -31.85 -1.84 -3.46
CA PHE C 81 -32.66 -1.18 -2.45
C PHE C 81 -34.01 -0.74 -3.05
N GLN C 82 -33.94 0.04 -4.14
CA GLN C 82 -35.11 0.65 -4.74
C GLN C 82 -36.15 -0.38 -5.20
N ASN C 83 -35.69 -1.52 -5.72
CA ASN C 83 -36.56 -2.54 -6.28
C ASN C 83 -37.03 -3.53 -5.21
N GLY C 84 -36.55 -3.38 -3.98
CA GLY C 84 -37.11 -4.15 -2.88
C GLY C 84 -36.41 -5.48 -2.64
N HIS C 85 -35.40 -5.82 -3.44
CA HIS C 85 -34.65 -7.04 -3.23
C HIS C 85 -33.95 -7.04 -1.88
N VAL C 86 -33.55 -5.86 -1.39
CA VAL C 86 -32.87 -5.80 -0.11
C VAL C 86 -33.74 -6.40 0.99
N ARG C 87 -35.07 -6.49 0.75
CA ARG C 87 -35.98 -6.99 1.77
C ARG C 87 -35.66 -8.45 2.07
N ASP C 88 -35.22 -9.18 1.05
CA ASP C 88 -34.83 -10.56 1.20
C ASP C 88 -33.38 -10.54 1.68
N GLU C 89 -33.19 -10.96 2.95
CA GLU C 89 -31.91 -10.83 3.63
C GLU C 89 -30.87 -11.74 2.99
N ARG C 90 -31.30 -12.63 2.08
CA ARG C 90 -30.31 -13.42 1.34
C ARG C 90 -29.39 -12.51 0.51
N ASN C 91 -29.82 -11.26 0.23
CA ASN C 91 -29.10 -10.42 -0.70
C ASN C 91 -28.10 -9.52 0.03
N MET C 92 -27.98 -9.62 1.35
CA MET C 92 -27.11 -8.71 2.09
C MET C 92 -25.64 -8.99 1.80
N LEU C 93 -25.28 -10.27 1.55
CA LEU C 93 -23.90 -10.59 1.24
C LEU C 93 -23.45 -9.87 -0.04
N LYS C 94 -24.30 -9.84 -1.06
CA LYS C 94 -24.01 -9.18 -2.31
C LYS C 94 -23.87 -7.67 -2.09
N VAL C 95 -24.73 -7.11 -1.25
CA VAL C 95 -24.72 -5.68 -1.00
C VAL C 95 -23.41 -5.28 -0.32
N VAL C 96 -23.02 -6.02 0.70
CA VAL C 96 -21.81 -5.69 1.43
C VAL C 96 -20.56 -5.96 0.59
N SER C 97 -20.57 -6.99 -0.27
CA SER C 97 -19.41 -7.30 -1.10
C SER C 97 -19.13 -6.17 -2.06
N ARG C 98 -20.19 -5.66 -2.68
CA ARG C 98 -20.04 -4.60 -3.67
C ARG C 98 -19.62 -3.29 -3.02
N MET C 99 -20.10 -3.01 -1.80
CA MET C 99 -19.71 -1.78 -1.11
C MET C 99 -18.25 -1.91 -0.66
N HIS C 100 -17.86 -3.12 -0.25
CA HIS C 100 -16.47 -3.41 0.08
C HIS C 100 -15.60 -3.22 -1.14
N ARG C 101 -16.12 -3.63 -2.29
CA ARG C 101 -15.39 -3.47 -3.54
C ARG C 101 -15.18 -1.98 -3.85
N VAL C 102 -16.20 -1.17 -3.58
CA VAL C 102 -16.07 0.26 -3.79
C VAL C 102 -14.89 0.80 -2.94
N SER C 103 -14.78 0.34 -1.71
CA SER C 103 -13.75 0.84 -0.83
C SER C 103 -12.37 0.38 -1.26
N VAL C 104 -12.29 -0.85 -1.79
CA VAL C 104 -11.01 -1.40 -2.21
C VAL C 104 -10.53 -0.61 -3.43
N ILE C 105 -11.44 -0.28 -4.34
CA ILE C 105 -11.10 0.58 -5.46
C ILE C 105 -10.62 1.94 -4.96
N LEU C 106 -11.33 2.53 -4.00
CA LEU C 106 -10.99 3.87 -3.55
C LEU C 106 -9.62 3.85 -2.89
N LYS C 107 -9.28 2.76 -2.17
CA LYS C 107 -7.96 2.66 -1.56
C LYS C 107 -6.90 2.76 -2.64
N LEU C 108 -7.18 2.18 -3.80
CA LEU C 108 -6.19 2.15 -4.85
C LEU C 108 -6.12 3.54 -5.46
N LEU C 109 -7.28 4.18 -5.67
CA LEU C 109 -7.30 5.53 -6.18
C LEU C 109 -6.46 6.47 -5.30
N VAL C 110 -6.48 6.27 -4.00
CA VAL C 110 -5.64 7.08 -3.11
C VAL C 110 -4.16 6.78 -3.33
N GLN C 111 -3.77 5.51 -3.42
CA GLN C 111 -2.39 5.11 -3.70
C GLN C 111 -1.94 5.67 -5.06
N GLN C 112 -2.86 5.78 -6.02
CA GLN C 112 -2.52 6.18 -7.38
C GLN C 112 -1.94 7.58 -7.45
N PHE C 113 -2.16 8.41 -6.43
CA PHE C 113 -1.60 9.75 -6.44
C PHE C 113 -0.08 9.68 -6.42
N SER C 114 0.46 8.62 -5.83
CA SER C 114 1.91 8.49 -5.72
C SER C 114 2.53 8.46 -7.12
N ILE C 115 1.77 8.05 -8.14
CA ILE C 115 2.32 8.05 -9.47
C ILE C 115 2.50 9.47 -9.98
N LEU C 116 1.49 10.32 -9.77
CA LEU C 116 1.56 11.69 -10.27
C LEU C 116 2.53 12.51 -9.43
N GLU C 117 2.84 12.08 -8.22
CA GLU C 117 3.86 12.74 -7.43
C GLU C 117 5.25 12.52 -8.03
N THR C 118 5.44 11.59 -8.98
CA THR C 118 6.71 11.45 -9.67
C THR C 118 6.87 12.53 -10.75
N MET C 119 5.88 13.41 -10.95
CA MET C 119 6.02 14.56 -11.83
C MET C 119 6.37 15.77 -10.98
N THR C 120 7.45 16.49 -11.34
CA THR C 120 7.78 17.67 -10.56
C THR C 120 6.92 18.83 -11.02
N ALA C 121 6.81 19.87 -10.18
CA ALA C 121 6.09 21.07 -10.55
C ALA C 121 6.77 21.79 -11.71
N LEU C 122 8.11 21.79 -11.73
CA LEU C 122 8.85 22.37 -12.85
C LEU C 122 8.46 21.71 -14.17
N ASP C 123 8.23 20.39 -14.14
CA ASP C 123 7.94 19.66 -15.34
C ASP C 123 6.48 19.87 -15.73
N PHE C 124 5.59 19.96 -14.74
CA PHE C 124 4.19 20.25 -14.99
C PHE C 124 4.07 21.64 -15.61
N ASN C 125 4.89 22.57 -15.13
CA ASN C 125 4.88 23.95 -15.61
C ASN C 125 5.20 24.05 -17.09
N ASP C 126 5.82 23.04 -17.70
CA ASP C 126 6.20 23.12 -19.10
C ASP C 126 5.01 22.83 -20.03
N PHE C 127 3.89 22.29 -19.51
CA PHE C 127 2.75 22.00 -20.38
C PHE C 127 1.43 22.53 -19.81
N ARG C 128 1.48 23.13 -18.63
CA ARG C 128 0.27 23.60 -17.95
C ARG C 128 -0.52 24.56 -18.84
N GLU C 129 0.19 25.44 -19.57
CA GLU C 129 -0.43 26.43 -20.44
C GLU C 129 -1.37 25.78 -21.46
N TYR C 130 -0.98 24.62 -22.00
CA TYR C 130 -1.72 23.99 -23.08
C TYR C 130 -3.00 23.33 -22.56
N LEU C 131 -3.22 23.35 -21.25
CA LEU C 131 -4.41 22.74 -20.65
C LEU C 131 -5.53 23.77 -20.54
N SER C 132 -5.21 25.06 -20.36
CA SER C 132 -6.22 26.08 -20.12
C SER C 132 -7.29 26.06 -21.20
N PRO C 133 -8.59 26.13 -20.84
CA PRO C 133 -9.03 26.33 -19.47
C PRO C 133 -9.62 25.09 -18.77
N ALA C 134 -9.16 23.90 -19.18
CA ALA C 134 -9.74 22.64 -18.70
C ALA C 134 -9.37 22.40 -17.24
N SER C 135 -10.25 21.67 -16.53
CA SER C 135 -10.08 21.42 -15.11
C SER C 135 -10.77 20.13 -14.71
N GLY C 136 -10.30 19.54 -13.58
CA GLY C 136 -10.92 18.37 -12.98
C GLY C 136 -12.37 18.61 -12.59
N PHE C 137 -12.67 19.88 -12.29
CA PHE C 137 -14.02 20.31 -11.90
C PHE C 137 -15.02 19.77 -12.91
N GLN C 138 -14.57 19.57 -14.15
CA GLN C 138 -15.44 19.19 -15.24
C GLN C 138 -15.56 17.66 -15.32
N SER C 139 -15.17 16.94 -14.26
CA SER C 139 -15.33 15.50 -14.25
C SER C 139 -16.79 15.18 -13.98
N LEU C 140 -17.52 14.84 -15.04
CA LEU C 140 -18.91 14.43 -14.93
C LEU C 140 -19.05 13.29 -13.93
N GLN C 141 -18.19 12.27 -14.04
CA GLN C 141 -18.40 11.08 -13.25
C GLN C 141 -18.16 11.34 -11.76
N PHE C 142 -17.21 12.23 -11.44
CA PHE C 142 -16.94 12.51 -10.03
C PHE C 142 -18.18 13.16 -9.43
N ARG C 143 -18.83 14.04 -10.18
CA ARG C 143 -20.04 14.70 -9.70
C ARG C 143 -21.15 13.66 -9.54
N LEU C 144 -21.30 12.77 -10.55
CA LEU C 144 -22.33 11.75 -10.48
C LEU C 144 -22.14 10.89 -9.23
N LEU C 145 -20.87 10.62 -8.89
CA LEU C 145 -20.56 9.78 -7.75
C LEU C 145 -20.94 10.48 -6.45
N GLU C 146 -20.54 11.75 -6.32
CA GLU C 146 -20.90 12.52 -5.15
C GLU C 146 -22.42 12.54 -4.98
N ASN C 147 -23.14 12.82 -6.07
CA ASN C 147 -24.60 12.94 -6.01
C ASN C 147 -25.24 11.60 -5.66
N LYS C 148 -24.79 10.50 -6.26
CA LYS C 148 -25.46 9.23 -6.06
C LYS C 148 -25.26 8.71 -4.63
N ILE C 149 -24.16 9.08 -3.99
CA ILE C 149 -23.91 8.73 -2.59
C ILE C 149 -24.88 9.53 -1.72
N GLY C 150 -24.96 10.86 -1.95
CA GLY C 150 -25.91 11.70 -1.25
C GLY C 150 -25.35 13.07 -0.84
N VAL C 151 -24.36 13.60 -1.57
CA VAL C 151 -23.86 14.93 -1.26
C VAL C 151 -24.94 15.91 -1.67
N LEU C 152 -25.29 16.85 -0.78
CA LEU C 152 -26.39 17.76 -1.08
C LEU C 152 -25.88 19.01 -1.78
N GLN C 153 -26.61 19.46 -2.81
CA GLN C 153 -26.27 20.69 -3.52
C GLN C 153 -26.27 21.88 -2.55
N ASN C 154 -27.31 22.00 -1.71
CA ASN C 154 -27.44 23.15 -0.82
C ASN C 154 -26.24 23.23 0.13
N MET C 155 -25.55 22.11 0.36
CA MET C 155 -24.42 22.05 1.28
C MET C 155 -23.08 22.19 0.54
N ARG C 156 -23.12 22.27 -0.79
CA ARG C 156 -21.92 22.44 -1.59
C ARG C 156 -21.23 23.75 -1.21
N VAL C 157 -19.90 23.74 -1.16
CA VAL C 157 -19.12 24.95 -0.96
C VAL C 157 -19.02 25.64 -2.32
N PRO C 158 -19.43 26.92 -2.44
CA PRO C 158 -19.33 27.64 -3.71
C PRO C 158 -17.88 27.82 -4.14
N TYR C 159 -17.61 27.67 -5.43
CA TYR C 159 -16.31 28.06 -5.97
C TYR C 159 -16.37 29.46 -6.58
N ASN C 160 -16.29 30.47 -5.70
CA ASN C 160 -16.30 31.89 -6.03
C ASN C 160 -17.68 32.34 -6.54
N ARG C 161 -18.17 31.67 -7.58
CA ARG C 161 -19.44 31.99 -8.23
C ARG C 161 -20.44 30.85 -8.11
N ARG C 162 -20.23 29.88 -7.20
CA ARG C 162 -21.08 28.69 -7.11
C ARG C 162 -21.16 28.03 -8.49
N HIS C 163 -22.34 27.51 -8.87
CA HIS C 163 -22.60 27.04 -10.22
C HIS C 163 -21.71 25.86 -10.62
N TYR C 164 -21.56 24.82 -9.79
CA TYR C 164 -20.69 23.72 -10.18
C TYR C 164 -21.30 23.00 -11.40
N ARG C 165 -22.63 22.89 -11.41
CA ARG C 165 -23.36 22.25 -12.51
C ARG C 165 -23.35 23.16 -13.75
N ASP C 166 -23.16 24.46 -13.54
CA ASP C 166 -23.13 25.41 -14.64
C ASP C 166 -21.90 25.15 -15.51
N ASN C 167 -20.90 24.41 -15.02
CA ASN C 167 -19.75 24.04 -15.84
C ASN C 167 -20.13 22.95 -16.85
N PHE C 168 -21.41 22.53 -16.86
CA PHE C 168 -21.83 21.39 -17.66
C PHE C 168 -23.03 21.79 -18.52
N LYS C 169 -23.18 21.11 -19.67
CA LYS C 169 -24.21 21.40 -20.67
C LYS C 169 -24.67 20.11 -21.35
N GLY C 170 -25.83 20.17 -22.02
CA GLY C 170 -26.31 19.09 -22.86
C GLY C 170 -26.81 17.90 -22.04
N GLU C 171 -26.74 16.70 -22.63
CA GLU C 171 -27.11 15.46 -21.96
C GLU C 171 -26.30 15.25 -20.67
N GLU C 172 -25.10 15.82 -20.62
CA GLU C 172 -24.30 15.82 -19.41
C GLU C 172 -25.02 16.57 -18.29
N ASN C 173 -25.57 17.75 -18.60
CA ASN C 173 -26.31 18.51 -17.59
C ASN C 173 -27.56 17.72 -17.18
N GLU C 174 -28.10 16.93 -18.14
CA GLU C 174 -29.28 16.11 -17.93
C GLU C 174 -28.97 15.02 -16.90
N LEU C 175 -27.93 14.24 -17.19
CA LEU C 175 -27.54 13.14 -16.33
C LEU C 175 -27.34 13.66 -14.90
N LEU C 176 -26.66 14.81 -14.79
CA LEU C 176 -26.39 15.41 -13.49
C LEU C 176 -27.68 15.68 -12.72
N LEU C 177 -28.71 16.13 -13.43
CA LEU C 177 -29.98 16.45 -12.81
C LEU C 177 -30.60 15.17 -12.23
N LYS C 178 -30.72 14.13 -13.08
CA LYS C 178 -31.27 12.85 -12.65
C LYS C 178 -30.53 12.39 -11.40
N SER C 179 -29.20 12.53 -11.39
CA SER C 179 -28.40 12.06 -10.27
C SER C 179 -28.78 12.81 -9.00
N GLU C 180 -29.22 14.07 -9.10
CA GLU C 180 -29.62 14.84 -7.93
C GLU C 180 -31.03 14.47 -7.49
N GLN C 181 -31.90 14.18 -8.45
CA GLN C 181 -33.34 13.99 -8.24
C GLN C 181 -33.69 12.52 -7.91
N GLU C 182 -33.00 11.55 -8.51
CA GLU C 182 -33.25 10.15 -8.21
C GLU C 182 -32.83 9.87 -6.78
N LYS C 183 -33.36 8.80 -6.20
CA LYS C 183 -33.07 8.41 -4.83
C LYS C 183 -31.58 8.11 -4.67
N THR C 184 -30.97 8.64 -3.61
CA THR C 184 -29.55 8.50 -3.36
C THR C 184 -29.35 7.29 -2.46
N LEU C 185 -28.09 6.89 -2.30
CA LEU C 185 -27.74 5.79 -1.44
C LEU C 185 -28.13 6.10 0.00
N LEU C 186 -27.87 7.33 0.43
CA LEU C 186 -28.28 7.81 1.74
C LEU C 186 -29.77 7.61 1.96
N GLU C 187 -30.60 8.00 0.97
CA GLU C 187 -32.04 7.96 1.15
C GLU C 187 -32.54 6.53 1.20
N LEU C 188 -31.93 5.65 0.38
CA LEU C 188 -32.37 4.27 0.28
C LEU C 188 -32.00 3.53 1.55
N VAL C 189 -30.80 3.79 2.07
CA VAL C 189 -30.37 3.24 3.34
C VAL C 189 -31.27 3.76 4.47
N GLU C 190 -31.55 5.07 4.47
CA GLU C 190 -32.45 5.64 5.46
C GLU C 190 -33.77 4.87 5.53
N ALA C 191 -34.42 4.68 4.37
CA ALA C 191 -35.68 3.94 4.31
C ALA C 191 -35.52 2.56 4.95
N TRP C 192 -34.43 1.85 4.61
CA TRP C 192 -34.21 0.50 5.07
C TRP C 192 -33.97 0.50 6.59
N LEU C 193 -33.19 1.47 7.07
CA LEU C 193 -32.91 1.60 8.49
C LEU C 193 -34.21 1.84 9.28
N GLU C 194 -35.19 2.50 8.67
CA GLU C 194 -36.44 2.81 9.36
C GLU C 194 -37.24 1.53 9.65
N ARG C 195 -37.07 0.50 8.81
CA ARG C 195 -37.79 -0.77 8.97
C ARG C 195 -37.03 -1.75 9.86
N THR C 196 -35.92 -1.33 10.47
CA THR C 196 -35.10 -2.21 11.29
C THR C 196 -35.95 -2.84 12.39
N PRO C 197 -35.92 -4.18 12.54
CA PRO C 197 -36.68 -4.88 13.59
C PRO C 197 -36.20 -4.51 15.00
N GLY C 198 -37.15 -4.30 15.91
CA GLY C 198 -36.86 -4.05 17.31
C GLY C 198 -37.36 -2.69 17.76
N LEU C 199 -37.76 -1.83 16.81
CA LEU C 199 -38.18 -0.47 17.12
C LEU C 199 -39.66 -0.44 17.50
N GLU C 200 -40.36 -1.57 17.35
CA GLU C 200 -41.79 -1.66 17.63
C GLU C 200 -42.07 -1.28 19.08
N PRO C 201 -42.89 -0.22 19.33
CA PRO C 201 -43.31 0.14 20.68
C PRO C 201 -43.98 -1.03 21.41
N HIS C 202 -44.74 -1.82 20.65
CA HIS C 202 -45.44 -2.97 21.19
C HIS C 202 -44.50 -4.19 21.27
N GLY C 203 -43.28 -4.07 20.71
CA GLY C 203 -42.34 -5.19 20.61
C GLY C 203 -41.19 -5.03 21.61
N PHE C 204 -39.94 -5.16 21.14
CA PHE C 204 -38.77 -5.04 22.01
C PHE C 204 -38.65 -3.62 22.55
N ASN C 205 -39.34 -2.65 21.92
CA ASN C 205 -39.45 -1.30 22.43
C ASN C 205 -38.05 -0.76 22.78
N PHE C 206 -37.15 -0.80 21.80
CA PHE C 206 -35.75 -0.49 22.02
C PHE C 206 -35.61 0.92 22.61
N TRP C 207 -36.24 1.90 21.95
CA TRP C 207 -36.03 3.29 22.30
C TRP C 207 -36.50 3.55 23.72
N GLY C 208 -37.70 3.03 24.07
CA GLY C 208 -38.22 3.20 25.41
C GLY C 208 -37.28 2.62 26.46
N LYS C 209 -36.87 1.36 26.27
CA LYS C 209 -36.04 0.67 27.25
C LYS C 209 -34.71 1.41 27.41
N LEU C 210 -34.16 1.89 26.28
CA LEU C 210 -32.87 2.57 26.29
C LEU C 210 -32.96 3.86 27.11
N GLU C 211 -34.02 4.65 26.87
CA GLU C 211 -34.20 5.90 27.58
C GLU C 211 -34.23 5.64 29.08
N LYS C 212 -35.02 4.62 29.49
CA LYS C 212 -35.17 4.24 30.88
C LYS C 212 -33.82 3.83 31.47
N ASN C 213 -33.11 2.92 30.80
CA ASN C 213 -31.89 2.36 31.37
C ASN C 213 -30.84 3.45 31.56
N ILE C 214 -30.77 4.40 30.61
CA ILE C 214 -29.77 5.46 30.72
C ILE C 214 -30.17 6.44 31.83
N THR C 215 -31.45 6.83 31.86
CA THR C 215 -31.92 7.71 32.93
C THR C 215 -31.58 7.10 34.30
N ARG C 216 -31.89 5.81 34.47
CA ARG C 216 -31.60 5.12 35.72
C ARG C 216 -30.10 5.14 36.02
N GLY C 217 -29.29 4.73 35.04
CA GLY C 217 -27.85 4.60 35.23
C GLY C 217 -27.20 5.93 35.61
N LEU C 218 -27.67 7.01 34.99
CA LEU C 218 -27.16 8.34 35.31
C LEU C 218 -27.50 8.65 36.77
N GLU C 219 -28.73 8.37 37.19
CA GLU C 219 -29.12 8.57 38.59
C GLU C 219 -28.17 7.80 39.50
N GLU C 220 -27.93 6.52 39.19
CA GLU C 220 -27.06 5.67 39.98
C GLU C 220 -25.67 6.32 40.11
N GLU C 221 -25.18 6.88 38.98
CA GLU C 221 -23.91 7.58 38.96
C GLU C 221 -23.94 8.78 39.90
N PHE C 222 -25.04 9.55 39.90
CA PHE C 222 -25.17 10.70 40.78
C PHE C 222 -24.88 10.29 42.22
N ILE C 223 -25.54 9.21 42.68
CA ILE C 223 -25.38 8.73 44.04
C ILE C 223 -23.89 8.50 44.32
N ARG C 224 -23.21 7.81 43.40
CA ARG C 224 -21.79 7.51 43.53
C ARG C 224 -20.98 8.79 43.77
N ILE C 225 -21.16 9.80 42.91
CA ILE C 225 -20.39 11.02 42.97
C ILE C 225 -20.77 11.80 44.24
N GLN C 226 -22.05 11.78 44.60
CA GLN C 226 -22.54 12.38 45.84
C GLN C 226 -21.75 11.85 47.05
N ALA C 227 -21.55 10.52 47.09
CA ALA C 227 -20.93 9.85 48.23
C ALA C 227 -19.43 10.13 48.29
N LYS C 228 -18.83 10.54 47.15
CA LYS C 228 -17.46 11.04 47.12
C LYS C 228 -17.34 12.26 48.04
N GLU C 229 -16.17 12.50 48.65
CA GLU C 229 -16.04 13.65 49.56
C GLU C 229 -14.57 14.15 49.55
N SER C 231 -12.64 17.39 47.77
CA SER C 231 -11.60 18.31 47.24
C SER C 231 -11.90 18.63 45.77
N GLU C 232 -11.08 18.14 44.84
CA GLU C 232 -11.14 18.55 43.45
C GLU C 232 -11.69 17.40 42.59
N GLU C 233 -11.24 16.16 42.87
CA GLU C 233 -11.55 15.03 42.01
C GLU C 233 -13.07 14.98 41.81
N LYS C 234 -13.80 15.06 42.93
CA LYS C 234 -15.26 15.14 42.92
C LYS C 234 -15.72 16.22 41.96
N GLU C 235 -15.14 17.43 42.09
CA GLU C 235 -15.45 18.52 41.18
C GLU C 235 -15.24 18.07 39.72
N GLU C 236 -14.09 17.42 39.48
CA GLU C 236 -13.76 16.94 38.14
C GLU C 236 -14.87 16.01 37.63
N GLN C 237 -15.20 15.01 38.46
CA GLN C 237 -16.16 13.98 38.10
C GLN C 237 -17.53 14.62 37.88
N VAL C 238 -17.94 15.53 38.77
CA VAL C 238 -19.26 16.13 38.68
C VAL C 238 -19.36 16.88 37.35
N ALA C 239 -18.32 17.64 36.99
CA ALA C 239 -18.30 18.37 35.73
C ALA C 239 -18.49 17.42 34.55
N GLU C 240 -17.68 16.34 34.52
CA GLU C 240 -17.78 15.35 33.47
C GLU C 240 -19.19 14.78 33.41
N PHE C 241 -19.73 14.38 34.56
CA PHE C 241 -21.06 13.80 34.63
C PHE C 241 -22.05 14.71 33.90
N GLN C 242 -21.96 16.02 34.15
CA GLN C 242 -22.93 16.95 33.60
C GLN C 242 -22.85 16.90 32.08
N LYS C 243 -21.64 16.95 31.55
CA LYS C 243 -21.42 16.91 30.11
C LYS C 243 -21.97 15.61 29.53
N GLN C 244 -21.61 14.48 30.17
CA GLN C 244 -22.04 13.17 29.69
C GLN C 244 -23.57 13.08 29.70
N LYS C 245 -24.17 13.54 30.81
CA LYS C 245 -25.62 13.52 30.94
C LYS C 245 -26.28 14.33 29.81
N GLU C 246 -25.73 15.52 29.54
CA GLU C 246 -26.31 16.36 28.51
C GLU C 246 -26.25 15.66 27.16
N VAL C 247 -25.08 15.10 26.82
CA VAL C 247 -24.92 14.45 25.54
C VAL C 247 -25.93 13.30 25.42
N LEU C 248 -25.95 12.44 26.44
CA LEU C 248 -26.73 11.22 26.37
C LEU C 248 -28.22 11.56 26.24
N LEU C 249 -28.73 12.48 27.08
CA LEU C 249 -30.15 12.75 27.08
C LEU C 249 -30.56 13.48 25.81
N SER C 250 -29.66 14.27 25.22
CA SER C 250 -29.97 14.95 23.96
C SER C 250 -30.36 13.95 22.87
N LEU C 251 -29.91 12.69 22.99
CA LEU C 251 -30.28 11.67 22.02
C LEU C 251 -31.81 11.51 21.92
N PHE C 252 -32.51 11.67 23.05
CA PHE C 252 -33.95 11.42 23.12
C PHE C 252 -34.75 12.68 22.76
N ASP C 253 -34.07 13.76 22.33
CA ASP C 253 -34.71 15.01 21.97
C ASP C 253 -35.02 15.05 20.47
N GLU C 254 -36.20 14.55 20.08
CA GLU C 254 -36.58 14.39 18.68
C GLU C 254 -36.65 15.75 17.98
N LYS C 255 -37.02 16.81 18.73
CA LYS C 255 -37.18 18.14 18.17
C LYS C 255 -35.82 18.73 17.80
N ARG C 256 -34.84 18.56 18.70
CA ARG C 256 -33.48 19.02 18.44
C ARG C 256 -32.96 18.35 17.17
N HIS C 257 -33.31 17.07 17.01
CA HIS C 257 -32.87 16.34 15.83
C HIS C 257 -33.49 16.94 14.57
N GLU C 258 -34.80 17.21 14.60
CA GLU C 258 -35.53 17.73 13.46
C GLU C 258 -34.92 19.06 13.03
N HIS C 259 -34.49 19.86 14.02
CA HIS C 259 -33.88 21.16 13.77
C HIS C 259 -32.53 21.00 13.08
N LEU C 260 -31.72 20.06 13.58
CA LEU C 260 -30.38 19.86 13.05
C LEU C 260 -30.47 19.25 11.65
N LEU C 261 -31.55 18.49 11.37
CA LEU C 261 -31.83 17.93 10.05
C LEU C 261 -32.06 19.05 9.04
N SER C 262 -32.94 20.01 9.37
CA SER C 262 -33.26 21.09 8.45
C SER C 262 -32.04 21.96 8.15
N LYS C 263 -31.08 22.05 9.07
CA LYS C 263 -29.87 22.82 8.81
C LYS C 263 -28.92 22.05 7.89
N GLY C 264 -28.91 20.74 8.06
CA GLY C 264 -27.99 19.88 7.33
C GLY C 264 -26.82 19.40 8.18
N GLU C 265 -26.91 19.57 9.52
CA GLU C 265 -25.89 19.10 10.43
C GLU C 265 -26.12 17.62 10.78
N ARG C 266 -27.32 17.10 10.46
CA ARG C 266 -27.58 15.67 10.42
C ARG C 266 -28.28 15.36 9.10
N ARG C 267 -28.32 14.08 8.72
CA ARG C 267 -28.86 13.69 7.41
C ARG C 267 -29.97 12.65 7.53
N LEU C 268 -29.88 11.75 8.53
CA LEU C 268 -30.82 10.66 8.68
C LEU C 268 -32.01 11.11 9.51
N SER C 269 -33.20 10.62 9.13
CA SER C 269 -34.40 10.76 9.94
C SER C 269 -34.14 10.22 11.34
N TYR C 270 -34.94 10.70 12.30
CA TYR C 270 -34.81 10.26 13.69
C TYR C 270 -34.99 8.75 13.77
N ARG C 271 -35.93 8.19 13.00
CA ARG C 271 -36.22 6.76 13.10
C ARG C 271 -35.06 5.94 12.53
N ALA C 272 -34.48 6.39 11.41
CA ALA C 272 -33.34 5.72 10.80
C ALA C 272 -32.20 5.67 11.81
N LEU C 273 -32.02 6.76 12.56
CA LEU C 273 -30.96 6.85 13.56
C LEU C 273 -31.17 5.78 14.62
N GLN C 274 -32.44 5.51 14.98
CA GLN C 274 -32.77 4.50 15.97
C GLN C 274 -32.42 3.10 15.45
N GLY C 275 -32.77 2.84 14.18
CA GLY C 275 -32.39 1.60 13.52
C GLY C 275 -30.88 1.37 13.52
N ALA C 276 -30.11 2.42 13.18
CA ALA C 276 -28.66 2.31 13.15
C ALA C 276 -28.11 1.92 14.53
N LEU C 277 -28.63 2.57 15.56
CA LEU C 277 -28.11 2.35 16.91
C LEU C 277 -28.50 0.95 17.39
N MET C 278 -29.66 0.48 16.93
CA MET C 278 -30.11 -0.88 17.21
C MET C 278 -29.06 -1.86 16.67
N ILE C 279 -28.62 -1.62 15.43
CA ILE C 279 -27.69 -2.49 14.75
C ILE C 279 -26.33 -2.40 15.45
N TYR C 280 -25.95 -1.21 15.92
CA TYR C 280 -24.67 -1.02 16.59
C TYR C 280 -24.61 -1.88 17.83
N PHE C 281 -25.63 -1.75 18.67
CA PHE C 281 -25.62 -2.33 20.01
C PHE C 281 -25.86 -3.82 19.94
N TYR C 282 -26.63 -4.29 18.95
CA TYR C 282 -26.95 -5.71 18.84
C TYR C 282 -26.24 -6.37 17.65
N ARG C 283 -25.05 -5.87 17.28
CA ARG C 283 -24.36 -6.30 16.08
C ARG C 283 -24.09 -7.83 16.05
N GLU C 284 -23.91 -8.44 17.21
CA GLU C 284 -23.55 -9.84 17.30
C GLU C 284 -24.75 -10.74 16.99
N GLU C 285 -25.97 -10.22 17.17
CA GLU C 285 -27.17 -10.98 16.85
C GLU C 285 -27.15 -11.31 15.36
N PRO C 286 -27.40 -12.59 14.97
CA PRO C 286 -27.16 -13.04 13.59
C PRO C 286 -27.76 -12.17 12.49
N ARG C 287 -29.00 -11.72 12.67
CA ARG C 287 -29.66 -10.89 11.68
C ARG C 287 -28.97 -9.53 11.51
N PHE C 288 -28.19 -9.11 12.51
CA PHE C 288 -27.57 -7.79 12.48
C PHE C 288 -26.10 -7.83 12.10
N GLN C 289 -25.50 -9.02 11.97
CA GLN C 289 -24.06 -9.13 11.72
C GLN C 289 -23.68 -8.51 10.38
N VAL C 290 -24.31 -8.92 9.29
CA VAL C 290 -23.95 -8.37 7.99
C VAL C 290 -24.43 -6.92 7.86
N PRO C 291 -25.65 -6.56 8.33
CA PRO C 291 -26.02 -5.14 8.40
C PRO C 291 -25.01 -4.25 9.12
N PHE C 292 -24.44 -4.73 10.23
CA PHE C 292 -23.40 -3.97 10.90
C PHE C 292 -22.19 -3.75 9.97
N GLN C 293 -21.79 -4.77 9.22
CA GLN C 293 -20.70 -4.64 8.27
C GLN C 293 -21.06 -3.63 7.18
N LEU C 294 -22.33 -3.56 6.79
CA LEU C 294 -22.73 -2.59 5.78
C LEU C 294 -22.52 -1.17 6.32
N LEU C 295 -22.87 -0.93 7.57
CA LEU C 295 -22.77 0.41 8.17
C LEU C 295 -21.30 0.82 8.22
N THR C 296 -20.46 -0.15 8.59
CA THR C 296 -19.02 0.01 8.67
C THR C 296 -18.48 0.42 7.29
N SER C 297 -19.00 -0.19 6.23
CA SER C 297 -18.45 0.06 4.91
C SER C 297 -18.92 1.40 4.39
N LEU C 298 -20.14 1.82 4.75
CA LEU C 298 -20.64 3.14 4.37
C LEU C 298 -19.76 4.23 4.98
N MET C 299 -19.40 4.09 6.27
CA MET C 299 -18.44 5.00 6.89
C MET C 299 -17.10 4.93 6.14
N ASP C 300 -16.62 3.72 5.78
CA ASP C 300 -15.34 3.58 5.09
C ASP C 300 -15.33 4.39 3.80
N ILE C 301 -16.45 4.36 3.07
CA ILE C 301 -16.53 5.00 1.79
C ILE C 301 -16.43 6.52 1.97
N ASP C 302 -17.13 7.05 2.95
CA ASP C 302 -17.02 8.47 3.31
C ASP C 302 -15.57 8.83 3.66
N SER C 303 -14.93 8.06 4.55
CA SER C 303 -13.54 8.28 4.92
C SER C 303 -12.63 8.35 3.69
N LEU C 304 -12.79 7.40 2.76
CA LEU C 304 -11.86 7.24 1.66
C LEU C 304 -12.11 8.33 0.61
N MET C 305 -13.37 8.71 0.41
CA MET C 305 -13.71 9.84 -0.43
C MET C 305 -12.99 11.08 0.10
N THR C 306 -12.96 11.25 1.41
CA THR C 306 -12.38 12.48 1.91
C THR C 306 -10.84 12.34 1.87
N LYS C 307 -10.30 11.12 1.99
CA LYS C 307 -8.87 10.92 1.79
C LYS C 307 -8.49 11.27 0.35
N TRP C 308 -9.34 10.91 -0.60
CA TRP C 308 -9.08 11.24 -1.99
C TRP C 308 -9.03 12.76 -2.15
N ARG C 309 -10.00 13.46 -1.55
CA ARG C 309 -10.06 14.91 -1.66
C ARG C 309 -8.81 15.55 -1.04
N TYR C 310 -8.38 14.99 0.09
CA TYR C 310 -7.20 15.49 0.79
C TYR C 310 -5.97 15.32 -0.09
N ASN C 311 -5.73 14.11 -0.64
CA ASN C 311 -4.53 13.89 -1.42
C ASN C 311 -4.55 14.78 -2.66
N HIS C 312 -5.73 15.04 -3.21
CA HIS C 312 -5.85 15.88 -4.38
C HIS C 312 -5.43 17.32 -4.07
N VAL C 313 -5.88 17.83 -2.92
CA VAL C 313 -5.51 19.15 -2.41
C VAL C 313 -4.00 19.26 -2.25
N CYS C 314 -3.39 18.30 -1.53
CA CYS C 314 -1.96 18.32 -1.25
C CYS C 314 -1.19 18.42 -2.56
N MET C 315 -1.78 17.91 -3.65
CA MET C 315 -1.05 17.85 -4.89
C MET C 315 -1.18 19.15 -5.67
N VAL C 316 -2.40 19.70 -5.73
CA VAL C 316 -2.60 21.03 -6.31
C VAL C 316 -1.63 22.02 -5.66
N HIS C 317 -1.48 21.95 -4.33
CA HIS C 317 -0.56 22.80 -3.59
C HIS C 317 0.87 22.64 -4.09
N ARG C 318 1.30 21.39 -4.32
CA ARG C 318 2.69 21.10 -4.64
C ARG C 318 3.00 21.61 -6.05
N MET C 319 1.97 21.65 -6.91
CA MET C 319 2.13 21.98 -8.32
C MET C 319 1.91 23.46 -8.58
N LEU C 320 0.94 24.09 -7.90
CA LEU C 320 0.53 25.45 -8.23
C LEU C 320 0.93 26.42 -7.13
N GLY C 321 1.14 25.92 -5.90
CA GLY C 321 1.30 26.80 -4.75
C GLY C 321 -0.01 27.47 -4.34
N SER C 322 -0.02 28.82 -4.40
CA SER C 322 -1.18 29.64 -4.06
C SER C 322 -1.02 31.05 -4.67
N GLY C 331 -6.89 27.28 -6.01
CA GLY C 331 -7.94 26.31 -5.63
C GLY C 331 -7.64 25.59 -4.31
N TYR C 332 -6.39 25.68 -3.83
CA TYR C 332 -5.95 25.09 -2.58
C TYR C 332 -6.99 25.27 -1.47
N HIS C 333 -7.41 26.52 -1.23
CA HIS C 333 -8.32 26.83 -0.13
C HIS C 333 -9.73 26.29 -0.40
N TYR C 334 -10.21 26.40 -1.65
CA TYR C 334 -11.52 25.87 -2.02
C TYR C 334 -11.52 24.35 -1.76
N LEU C 335 -10.47 23.68 -2.23
CA LEU C 335 -10.39 22.24 -2.11
C LEU C 335 -10.28 21.86 -0.63
N ARG C 336 -9.57 22.68 0.16
CA ARG C 336 -9.45 22.45 1.60
C ARG C 336 -10.83 22.48 2.26
N SER C 337 -11.74 23.32 1.74
CA SER C 337 -13.09 23.46 2.26
C SER C 337 -13.89 22.19 2.01
N THR C 338 -13.56 21.47 0.92
CA THR C 338 -14.25 20.23 0.57
C THR C 338 -13.87 19.13 1.58
N VAL C 339 -12.69 19.27 2.21
CA VAL C 339 -12.23 18.35 3.24
C VAL C 339 -12.89 18.78 4.56
N SER C 340 -14.19 18.48 4.71
CA SER C 340 -14.97 18.88 5.86
C SER C 340 -16.15 17.94 6.07
N ASP C 341 -16.73 17.97 7.27
CA ASP C 341 -17.92 17.19 7.60
C ASP C 341 -19.08 17.54 6.65
N ARG C 342 -19.03 18.75 6.10
CA ARG C 342 -20.01 19.21 5.13
C ARG C 342 -20.15 18.22 3.98
N TYR C 343 -19.07 17.47 3.67
CA TYR C 343 -19.08 16.55 2.55
C TYR C 343 -19.20 15.09 3.03
N LYS C 344 -19.29 14.84 4.34
CA LYS C 344 -19.52 13.49 4.86
C LYS C 344 -21.01 13.15 4.87
N VAL C 345 -21.45 12.33 3.91
CA VAL C 345 -22.84 11.94 3.78
C VAL C 345 -23.31 11.10 4.96
N PHE C 346 -22.46 10.21 5.50
CA PHE C 346 -22.88 9.31 6.58
C PHE C 346 -22.33 9.76 7.93
N VAL C 347 -22.25 11.07 8.12
CA VAL C 347 -21.76 11.70 9.35
C VAL C 347 -22.52 11.15 10.55
N ASP C 348 -23.82 10.83 10.38
CA ASP C 348 -24.61 10.35 11.50
C ASP C 348 -24.07 9.03 12.04
N LEU C 349 -23.55 8.16 11.14
CA LEU C 349 -23.04 6.86 11.54
C LEU C 349 -21.76 7.02 12.36
N PHE C 350 -20.89 7.96 11.94
CA PHE C 350 -19.70 8.25 12.70
C PHE C 350 -20.07 8.71 14.10
N ASN C 351 -21.10 9.57 14.20
CA ASN C 351 -21.34 10.32 15.42
C ASN C 351 -22.01 9.44 16.48
N LEU C 352 -22.44 8.24 16.13
CA LEU C 352 -22.99 7.33 17.13
C LEU C 352 -21.95 6.86 18.16
N SER C 353 -20.64 7.04 17.88
CA SER C 353 -19.61 6.86 18.91
C SER C 353 -19.82 7.78 20.12
N THR C 354 -20.31 9.01 19.88
CA THR C 354 -20.58 9.96 20.94
C THR C 354 -21.56 9.39 21.99
N TYR C 355 -22.45 8.46 21.58
CA TYR C 355 -23.54 8.01 22.44
C TYR C 355 -23.29 6.59 22.97
N LEU C 356 -22.02 6.21 23.12
CA LEU C 356 -21.67 4.94 23.74
C LEU C 356 -21.92 5.02 25.25
N ILE C 357 -22.47 3.92 25.78
CA ILE C 357 -22.79 3.76 27.18
C ILE C 357 -22.10 2.51 27.73
N PRO C 358 -22.05 2.30 29.06
CA PRO C 358 -21.59 1.02 29.60
C PRO C 358 -22.44 -0.12 29.04
N ARG C 359 -21.80 -1.29 28.86
CA ARG C 359 -22.45 -2.46 28.27
C ARG C 359 -23.69 -2.84 29.07
N HIS C 360 -23.58 -2.74 30.41
CA HIS C 360 -24.63 -3.26 31.28
C HIS C 360 -25.86 -2.36 31.26
N TRP C 361 -25.78 -1.19 30.62
CA TRP C 361 -26.93 -0.32 30.44
C TRP C 361 -27.74 -0.72 29.21
N ILE C 362 -27.18 -1.57 28.34
CA ILE C 362 -27.84 -1.87 27.08
C ILE C 362 -29.02 -2.82 27.35
N PRO C 363 -30.24 -2.47 26.88
CA PRO C 363 -31.41 -3.31 27.11
C PRO C 363 -31.08 -4.76 26.76
N LYS C 364 -31.37 -5.66 27.69
CA LYS C 364 -31.00 -7.07 27.54
C LYS C 364 -31.91 -7.73 26.51
N MET C 365 -31.30 -8.58 25.67
CA MET C 365 -32.05 -9.33 24.68
C MET C 365 -31.80 -10.83 24.88
N ASN C 366 -32.54 -11.42 25.83
CA ASN C 366 -32.52 -12.84 26.11
C ASN C 366 -32.99 -13.63 24.89
N PRO C 367 -32.53 -14.89 24.71
CA PRO C 367 -33.00 -15.75 23.61
C PRO C 367 -34.50 -15.59 23.32
N THR C 368 -35.30 -15.57 24.40
CA THR C 368 -36.74 -15.46 24.29
C THR C 368 -37.07 -14.21 23.46
N ILE C 369 -36.43 -13.08 23.79
CA ILE C 369 -36.80 -11.79 23.21
C ILE C 369 -35.88 -11.45 22.03
N HIS C 370 -35.01 -12.38 21.60
CA HIS C 370 -34.22 -12.16 20.40
C HIS C 370 -34.56 -13.21 19.35
N LYS C 371 -35.61 -14.01 19.60
CA LYS C 371 -36.11 -14.97 18.62
C LYS C 371 -36.32 -14.31 17.24
N PHE C 372 -36.82 -13.06 17.26
CA PHE C 372 -37.09 -12.31 16.05
C PHE C 372 -35.78 -12.06 15.28
N LEU C 373 -34.62 -12.17 15.95
CA LEU C 373 -33.34 -11.94 15.32
C LEU C 373 -32.55 -13.26 15.16
N LEU D 24 -11.42 24.13 -24.59
CA LEU D 24 -10.89 22.79 -24.24
C LEU D 24 -11.56 22.29 -22.96
N ILE D 25 -12.33 21.20 -23.06
CA ILE D 25 -13.01 20.65 -21.91
C ILE D 25 -12.34 19.32 -21.51
N TYR D 26 -12.25 19.10 -20.18
CA TYR D 26 -11.64 17.92 -19.58
C TYR D 26 -11.95 16.67 -20.40
N GLY D 27 -13.25 16.37 -20.59
CA GLY D 27 -13.68 15.13 -21.25
C GLY D 27 -13.07 14.99 -22.64
N ASN D 28 -13.00 16.11 -23.36
CA ASN D 28 -12.45 16.15 -24.71
C ASN D 28 -10.92 16.01 -24.68
N TYR D 29 -10.27 16.70 -23.72
CA TYR D 29 -8.83 16.66 -23.58
C TYR D 29 -8.39 15.21 -23.35
N LEU D 30 -9.11 14.48 -22.49
CA LEU D 30 -8.79 13.11 -22.14
C LEU D 30 -9.44 12.09 -23.07
N HIS D 31 -10.11 12.55 -24.11
CA HIS D 31 -10.83 11.69 -25.05
C HIS D 31 -11.65 10.62 -24.34
N LEU D 32 -12.48 11.05 -23.40
CA LEU D 32 -13.37 10.14 -22.68
C LEU D 32 -14.47 9.59 -23.56
N GLU D 33 -14.68 10.17 -24.75
CA GLU D 33 -15.69 9.66 -25.65
C GLU D 33 -15.24 8.29 -26.14
N LYS D 34 -13.93 8.03 -26.05
CA LYS D 34 -13.40 6.73 -26.41
C LYS D 34 -13.24 5.85 -25.17
N VAL D 35 -12.62 6.39 -24.13
CA VAL D 35 -12.22 5.59 -22.97
C VAL D 35 -13.47 5.06 -22.26
N LEU D 36 -14.53 5.86 -22.21
CA LEU D 36 -15.72 5.51 -21.45
C LEU D 36 -16.82 4.95 -22.37
N ASN D 37 -16.51 4.71 -23.64
CA ASN D 37 -17.39 3.96 -24.52
C ASN D 37 -16.66 2.73 -25.05
N ALA D 38 -16.04 1.96 -24.15
CA ALA D 38 -15.20 0.83 -24.53
C ALA D 38 -15.54 -0.40 -23.69
N GLN D 39 -16.69 -0.36 -23.01
CA GLN D 39 -17.07 -1.40 -22.08
C GLN D 39 -18.30 -2.13 -22.63
N GLU D 40 -18.08 -3.26 -23.32
CA GLU D 40 -19.15 -4.11 -23.81
C GLU D 40 -19.05 -5.49 -23.16
N LEU D 41 -20.00 -5.81 -22.29
CA LEU D 41 -20.01 -7.10 -21.64
C LEU D 41 -20.49 -8.16 -22.63
N GLN D 42 -19.66 -9.18 -22.89
CA GLN D 42 -20.04 -10.26 -23.79
C GLN D 42 -21.23 -11.02 -23.23
N SER D 43 -21.31 -11.15 -21.90
CA SER D 43 -22.47 -11.77 -21.27
C SER D 43 -23.77 -11.04 -21.67
N GLU D 44 -23.72 -9.70 -21.76
CA GLU D 44 -24.88 -8.89 -22.10
C GLU D 44 -25.16 -8.96 -23.61
N THR D 45 -24.11 -8.98 -24.43
CA THR D 45 -24.22 -9.13 -25.88
C THR D 45 -24.92 -10.44 -26.23
N LYS D 46 -24.78 -11.49 -25.40
CA LYS D 46 -25.38 -12.79 -25.67
C LYS D 46 -26.64 -13.01 -24.83
N GLY D 47 -27.18 -11.94 -24.22
CA GLY D 47 -28.51 -11.96 -23.61
C GLY D 47 -28.53 -12.54 -22.19
N ASN D 48 -27.42 -12.39 -21.43
CA ASN D 48 -27.32 -12.93 -20.08
C ASN D 48 -26.29 -12.16 -19.25
N LYS D 49 -26.53 -10.85 -19.10
CA LYS D 49 -25.62 -9.92 -18.42
C LYS D 49 -25.22 -10.47 -17.06
N ILE D 50 -23.91 -10.48 -16.79
CA ILE D 50 -23.37 -10.93 -15.52
C ILE D 50 -22.58 -9.74 -14.94
N HIS D 51 -23.01 -9.29 -13.76
CA HIS D 51 -22.59 -8.02 -13.18
C HIS D 51 -21.07 -7.89 -13.13
N ASP D 52 -20.36 -8.94 -12.70
CA ASP D 52 -18.94 -8.81 -12.39
C ASP D 52 -18.10 -8.76 -13.66
N GLU D 53 -18.67 -9.03 -14.83
CA GLU D 53 -17.87 -8.95 -16.05
C GLU D 53 -17.39 -7.52 -16.25
N HIS D 54 -18.17 -6.55 -15.78
CA HIS D 54 -17.83 -5.15 -15.93
C HIS D 54 -16.49 -4.88 -15.27
N LEU D 55 -16.29 -5.42 -14.07
CA LEU D 55 -15.05 -5.25 -13.30
C LEU D 55 -13.87 -5.85 -14.02
N PHE D 56 -14.09 -7.00 -14.66
CA PHE D 56 -13.01 -7.70 -15.33
C PHE D 56 -12.53 -6.85 -16.50
N ILE D 57 -13.48 -6.22 -17.19
CA ILE D 57 -13.12 -5.37 -18.32
C ILE D 57 -12.33 -4.17 -17.82
N ILE D 58 -12.84 -3.46 -16.80
CA ILE D 58 -12.20 -2.23 -16.38
C ILE D 58 -10.79 -2.51 -15.82
N THR D 59 -10.65 -3.54 -15.00
CA THR D 59 -9.36 -3.90 -14.46
C THR D 59 -8.31 -4.00 -15.57
N HIS D 60 -8.61 -4.74 -16.65
CA HIS D 60 -7.65 -4.98 -17.72
C HIS D 60 -7.39 -3.69 -18.49
N GLN D 61 -8.43 -2.87 -18.70
CA GLN D 61 -8.26 -1.62 -19.42
C GLN D 61 -7.30 -0.72 -18.64
N ALA D 62 -7.38 -0.80 -17.30
CA ALA D 62 -6.51 0.02 -16.46
C ALA D 62 -5.08 -0.48 -16.57
N TYR D 63 -4.89 -1.81 -16.53
CA TYR D 63 -3.57 -2.42 -16.71
C TYR D 63 -3.00 -1.94 -18.05
N GLU D 64 -3.81 -1.90 -19.09
CA GLU D 64 -3.33 -1.52 -20.41
C GLU D 64 -2.96 -0.04 -20.49
N LEU D 65 -3.72 0.83 -19.82
CA LEU D 65 -3.37 2.25 -19.79
C LEU D 65 -1.96 2.37 -19.20
N TRP D 66 -1.73 1.69 -18.09
CA TRP D 66 -0.45 1.77 -17.39
C TRP D 66 0.69 1.11 -18.16
N PHE D 67 0.41 0.01 -18.88
CA PHE D 67 1.42 -0.59 -19.73
C PHE D 67 1.83 0.41 -20.79
N LYS D 68 0.87 1.15 -21.36
CA LYS D 68 1.19 2.15 -22.37
C LYS D 68 2.10 3.23 -21.77
N GLN D 69 1.89 3.61 -20.51
CA GLN D 69 2.69 4.64 -19.88
C GLN D 69 4.10 4.11 -19.63
N ILE D 70 4.19 2.85 -19.19
CA ILE D 70 5.49 2.22 -18.99
C ILE D 70 6.27 2.19 -20.30
N LEU D 71 5.60 1.87 -21.39
CA LEU D 71 6.25 1.81 -22.70
C LEU D 71 6.76 3.19 -23.10
N TRP D 72 6.00 4.20 -22.73
CA TRP D 72 6.34 5.59 -23.07
C TRP D 72 7.61 6.00 -22.35
N GLU D 73 7.69 5.71 -21.05
CA GLU D 73 8.87 6.07 -20.28
C GLU D 73 10.05 5.27 -20.77
N LEU D 74 9.84 3.97 -20.94
CA LEU D 74 10.91 3.06 -21.32
C LEU D 74 11.48 3.39 -22.69
N ASP D 75 10.59 3.65 -23.66
CA ASP D 75 11.04 4.07 -24.99
C ASP D 75 11.83 5.37 -24.90
N SER D 76 11.44 6.30 -24.02
CA SER D 76 12.16 7.58 -23.93
C SER D 76 13.56 7.39 -23.38
N VAL D 77 13.71 6.45 -22.43
CA VAL D 77 14.99 6.16 -21.82
C VAL D 77 15.86 5.40 -22.82
N ARG D 78 15.27 4.47 -23.59
CA ARG D 78 16.05 3.75 -24.58
C ARG D 78 16.61 4.76 -25.58
N GLU D 79 15.80 5.74 -26.00
CA GLU D 79 16.25 6.75 -26.96
C GLU D 79 17.44 7.55 -26.43
N ILE D 80 17.39 7.96 -25.15
CA ILE D 80 18.45 8.73 -24.53
C ILE D 80 19.79 8.00 -24.60
N PHE D 81 19.73 6.67 -24.47
CA PHE D 81 20.92 5.84 -24.59
C PHE D 81 21.34 5.72 -26.05
N GLN D 82 20.39 5.31 -26.91
CA GLN D 82 20.71 5.00 -28.30
C GLN D 82 21.24 6.21 -29.05
N ASN D 83 20.77 7.43 -28.73
CA ASN D 83 21.16 8.64 -29.44
C ASN D 83 22.44 9.22 -28.87
N GLY D 84 22.98 8.66 -27.78
CA GLY D 84 24.19 9.19 -27.19
C GLY D 84 23.96 10.33 -26.20
N HIS D 85 22.71 10.76 -25.96
CA HIS D 85 22.48 11.82 -24.98
C HIS D 85 22.98 11.44 -23.59
N VAL D 86 22.86 10.15 -23.23
CA VAL D 86 23.27 9.70 -21.91
C VAL D 86 24.75 10.03 -21.67
N ARG D 87 25.51 10.31 -22.73
CA ARG D 87 26.93 10.58 -22.55
C ARG D 87 27.11 11.85 -21.74
N ASP D 88 26.18 12.81 -21.90
CA ASP D 88 26.16 14.03 -21.11
C ASP D 88 25.49 13.68 -19.78
N GLU D 89 26.29 13.69 -18.71
CA GLU D 89 25.88 13.21 -17.39
C GLU D 89 24.78 14.11 -16.81
N ARG D 90 24.52 15.26 -17.44
CA ARG D 90 23.40 16.08 -16.97
C ARG D 90 22.08 15.35 -17.20
N ASN D 91 22.06 14.29 -18.02
CA ASN D 91 20.80 13.62 -18.35
C ASN D 91 20.48 12.49 -17.38
N MET D 92 21.38 12.21 -16.42
CA MET D 92 21.15 11.06 -15.55
C MET D 92 19.95 11.25 -14.63
N LEU D 93 19.70 12.47 -14.16
CA LEU D 93 18.54 12.71 -13.31
C LEU D 93 17.23 12.33 -13.99
N LYS D 94 17.08 12.69 -15.26
CA LYS D 94 15.91 12.37 -16.05
C LYS D 94 15.79 10.85 -16.24
N VAL D 95 16.92 10.19 -16.47
CA VAL D 95 16.90 8.75 -16.71
C VAL D 95 16.46 8.02 -15.45
N VAL D 96 17.01 8.42 -14.30
CA VAL D 96 16.67 7.75 -13.05
C VAL D 96 15.25 8.07 -12.61
N SER D 97 14.76 9.28 -12.89
CA SER D 97 13.40 9.65 -12.49
C SER D 97 12.39 8.81 -13.25
N ARG D 98 12.60 8.64 -14.55
CA ARG D 98 11.68 7.89 -15.38
C ARG D 98 11.71 6.41 -15.03
N MET D 99 12.89 5.87 -14.70
CA MET D 99 12.98 4.47 -14.33
C MET D 99 12.30 4.26 -12.97
N HIS D 100 12.48 5.23 -12.07
CA HIS D 100 11.83 5.20 -10.78
C HIS D 100 10.32 5.25 -10.95
N ARG D 101 9.88 6.07 -11.91
CA ARG D 101 8.46 6.21 -12.18
C ARG D 101 7.92 4.87 -12.70
N VAL D 102 8.71 4.15 -13.53
CA VAL D 102 8.27 2.84 -13.98
C VAL D 102 8.00 1.93 -12.81
N SER D 103 8.87 1.94 -11.82
CA SER D 103 8.71 1.02 -10.73
C SER D 103 7.56 1.46 -9.81
N VAL D 104 7.29 2.77 -9.70
CA VAL D 104 6.17 3.25 -8.89
C VAL D 104 4.85 2.83 -9.55
N ILE D 105 4.77 2.94 -10.87
CA ILE D 105 3.63 2.38 -11.61
C ILE D 105 3.48 0.88 -11.35
N LEU D 106 4.58 0.13 -11.41
CA LEU D 106 4.48 -1.31 -11.27
C LEU D 106 4.03 -1.65 -9.85
N LYS D 107 4.44 -0.87 -8.85
CA LYS D 107 3.97 -1.11 -7.50
C LYS D 107 2.46 -1.01 -7.45
N LEU D 108 1.92 -0.08 -8.24
CA LEU D 108 0.48 0.11 -8.21
C LEU D 108 -0.17 -1.04 -8.97
N LEU D 109 0.42 -1.45 -10.09
CA LEU D 109 -0.10 -2.60 -10.82
C LEU D 109 -0.17 -3.85 -9.94
N VAL D 110 0.80 -4.03 -9.05
CA VAL D 110 0.74 -5.15 -8.12
C VAL D 110 -0.41 -4.99 -7.13
N GLN D 111 -0.61 -3.79 -6.56
CA GLN D 111 -1.70 -3.53 -5.62
C GLN D 111 -3.03 -3.74 -6.33
N GLN D 112 -3.10 -3.44 -7.63
CA GLN D 112 -4.35 -3.46 -8.36
C GLN D 112 -5.00 -4.85 -8.40
N PHE D 113 -4.22 -5.89 -8.13
CA PHE D 113 -4.78 -7.23 -8.13
C PHE D 113 -5.81 -7.36 -7.03
N SER D 114 -5.66 -6.58 -5.98
CA SER D 114 -6.55 -6.69 -4.82
C SER D 114 -7.97 -6.31 -5.22
N ILE D 115 -8.12 -5.55 -6.31
CA ILE D 115 -9.47 -5.24 -6.76
C ILE D 115 -10.12 -6.48 -7.35
N LEU D 116 -9.36 -7.21 -8.18
CA LEU D 116 -9.92 -8.39 -8.85
C LEU D 116 -10.10 -9.53 -7.87
N GLU D 117 -9.40 -9.49 -6.73
CA GLU D 117 -9.63 -10.46 -5.68
C GLU D 117 -11.00 -10.29 -5.04
N THR D 118 -11.70 -9.18 -5.26
CA THR D 118 -13.08 -9.02 -4.75
C THR D 118 -14.09 -9.79 -5.61
N MET D 119 -13.65 -10.40 -6.71
CA MET D 119 -14.52 -11.24 -7.52
C MET D 119 -14.32 -12.69 -7.10
N THR D 120 -15.38 -13.41 -6.77
CA THR D 120 -15.23 -14.81 -6.41
C THR D 120 -15.11 -15.67 -7.66
N ALA D 121 -14.64 -16.89 -7.49
CA ALA D 121 -14.50 -17.83 -8.59
C ALA D 121 -15.88 -18.24 -9.10
N LEU D 122 -16.84 -18.42 -8.21
CA LEU D 122 -18.21 -18.70 -8.63
C LEU D 122 -18.76 -17.58 -9.53
N ASP D 123 -18.39 -16.34 -9.27
CA ASP D 123 -18.93 -15.23 -10.03
C ASP D 123 -18.21 -15.13 -11.37
N PHE D 124 -16.89 -15.40 -11.36
CA PHE D 124 -16.12 -15.42 -12.59
C PHE D 124 -16.65 -16.54 -13.48
N ASN D 125 -17.00 -17.69 -12.86
CA ASN D 125 -17.51 -18.85 -13.57
C ASN D 125 -18.77 -18.52 -14.35
N ASP D 126 -19.51 -17.47 -13.99
CA ASP D 126 -20.77 -17.23 -14.67
C ASP D 126 -20.59 -16.53 -16.01
N PHE D 127 -19.38 -16.01 -16.30
CA PHE D 127 -19.20 -15.32 -17.58
C PHE D 127 -17.95 -15.80 -18.31
N ARG D 128 -17.20 -16.73 -17.72
CA ARG D 128 -15.97 -17.23 -18.31
C ARG D 128 -16.20 -17.73 -19.73
N GLU D 129 -17.32 -18.43 -19.95
CA GLU D 129 -17.64 -19.05 -21.22
C GLU D 129 -17.64 -18.01 -22.34
N TYR D 130 -18.15 -16.81 -22.06
CA TYR D 130 -18.32 -15.80 -23.10
C TYR D 130 -16.99 -15.15 -23.47
N LEU D 131 -15.88 -15.52 -22.80
CA LEU D 131 -14.59 -14.91 -23.08
C LEU D 131 -13.80 -15.67 -24.15
N SER D 132 -13.99 -17.00 -24.25
CA SER D 132 -13.25 -17.82 -25.21
C SER D 132 -13.39 -17.26 -26.62
N PRO D 133 -12.29 -17.20 -27.40
CA PRO D 133 -10.99 -17.76 -27.02
C PRO D 133 -9.93 -16.72 -26.63
N ALA D 134 -10.38 -15.61 -26.04
CA ALA D 134 -9.49 -14.50 -25.71
C ALA D 134 -8.69 -14.85 -24.46
N SER D 135 -7.46 -14.30 -24.39
CA SER D 135 -6.61 -14.52 -23.23
C SER D 135 -5.72 -13.28 -22.99
N GLY D 136 -5.23 -13.15 -21.76
CA GLY D 136 -4.24 -12.14 -21.44
C GLY D 136 -2.93 -12.32 -22.22
N PHE D 137 -2.67 -13.58 -22.61
CA PHE D 137 -1.53 -13.94 -23.41
C PHE D 137 -1.44 -13.03 -24.62
N GLN D 138 -2.60 -12.55 -25.06
CA GLN D 138 -2.66 -11.79 -26.30
C GLN D 138 -2.43 -10.30 -26.06
N SER D 139 -1.96 -9.92 -24.86
CA SER D 139 -1.64 -8.54 -24.60
C SER D 139 -0.39 -8.14 -25.38
N LEU D 140 -0.61 -7.42 -26.48
CA LEU D 140 0.49 -6.91 -27.28
C LEU D 140 1.46 -6.12 -26.41
N GLN D 141 0.92 -5.23 -25.59
CA GLN D 141 1.77 -4.31 -24.85
C GLN D 141 2.63 -5.02 -23.82
N PHE D 142 2.10 -6.08 -23.19
CA PHE D 142 2.87 -6.81 -22.19
C PHE D 142 4.09 -7.44 -22.87
N ARG D 143 3.88 -7.96 -24.09
CA ARG D 143 4.97 -8.60 -24.80
C ARG D 143 5.98 -7.53 -25.20
N LEU D 144 5.48 -6.38 -25.70
CA LEU D 144 6.39 -5.32 -26.11
C LEU D 144 7.26 -4.89 -24.91
N LEU D 145 6.66 -4.87 -23.73
CA LEU D 145 7.38 -4.46 -22.54
C LEU D 145 8.47 -5.47 -22.18
N GLU D 146 8.13 -6.76 -22.18
CA GLU D 146 9.12 -7.81 -21.94
C GLU D 146 10.28 -7.67 -22.90
N ASN D 147 9.97 -7.52 -24.19
CA ASN D 147 10.99 -7.43 -25.23
C ASN D 147 11.85 -6.17 -25.03
N LYS D 148 11.24 -5.01 -24.80
CA LYS D 148 11.99 -3.77 -24.75
C LYS D 148 12.94 -3.70 -23.55
N ILE D 149 12.58 -4.40 -22.44
CA ILE D 149 13.45 -4.50 -21.29
C ILE D 149 14.63 -5.38 -21.65
N GLY D 150 14.37 -6.56 -22.25
CA GLY D 150 15.44 -7.44 -22.72
C GLY D 150 15.18 -8.93 -22.48
N VAL D 151 13.93 -9.35 -22.45
CA VAL D 151 13.65 -10.78 -22.33
C VAL D 151 14.02 -11.41 -23.67
N LEU D 152 14.83 -12.46 -23.66
CA LEU D 152 15.25 -13.10 -24.91
C LEU D 152 14.25 -14.18 -25.32
N GLN D 153 13.91 -14.20 -26.62
CA GLN D 153 12.93 -15.17 -27.12
C GLN D 153 13.40 -16.60 -26.86
N ASN D 154 14.66 -16.88 -27.20
CA ASN D 154 15.18 -18.24 -27.11
C ASN D 154 15.16 -18.72 -25.67
N MET D 155 15.11 -17.81 -24.69
CA MET D 155 15.10 -18.19 -23.28
C MET D 155 13.68 -18.26 -22.72
N ARG D 156 12.69 -17.87 -23.52
CA ARG D 156 11.30 -17.97 -23.11
C ARG D 156 10.94 -19.45 -22.91
N VAL D 157 10.07 -19.66 -21.93
CA VAL D 157 9.42 -20.95 -21.74
C VAL D 157 8.31 -21.07 -22.81
N PRO D 158 8.32 -22.17 -23.59
CA PRO D 158 7.28 -22.45 -24.57
C PRO D 158 5.90 -22.53 -23.94
N TYR D 159 4.91 -21.91 -24.59
CA TYR D 159 3.53 -22.15 -24.23
C TYR D 159 2.97 -23.24 -25.16
N ASN D 160 2.47 -24.33 -24.57
CA ASN D 160 1.85 -25.38 -25.34
C ASN D 160 2.78 -25.86 -26.46
N ARG D 161 4.07 -26.01 -26.10
CA ARG D 161 5.12 -26.52 -26.97
C ARG D 161 5.42 -25.62 -28.19
N ARG D 162 5.23 -24.31 -28.06
CA ARG D 162 5.33 -23.39 -29.18
C ARG D 162 5.71 -22.00 -28.69
N HIS D 163 6.23 -21.19 -29.62
CA HIS D 163 6.73 -19.86 -29.39
C HIS D 163 5.58 -18.88 -29.11
N TYR D 164 5.84 -17.92 -28.23
CA TYR D 164 4.83 -16.99 -27.76
C TYR D 164 4.22 -16.20 -28.92
N ARG D 165 5.05 -15.82 -29.91
CA ARG D 165 4.68 -14.85 -30.94
C ARG D 165 3.70 -15.46 -31.94
N ASP D 166 3.66 -16.81 -32.01
CA ASP D 166 2.73 -17.49 -32.90
C ASP D 166 1.27 -17.12 -32.58
N ASN D 167 1.00 -16.70 -31.35
CA ASN D 167 -0.32 -16.27 -30.94
C ASN D 167 -0.70 -14.91 -31.56
N PHE D 168 0.20 -14.33 -32.36
CA PHE D 168 0.01 -12.99 -32.90
C PHE D 168 0.15 -13.01 -34.42
N LYS D 169 -0.45 -12.02 -35.08
CA LYS D 169 -0.61 -12.01 -36.52
C LYS D 169 -0.52 -10.59 -37.07
N GLY D 170 -0.20 -10.45 -38.37
CA GLY D 170 -0.31 -9.20 -39.08
C GLY D 170 0.71 -8.17 -38.59
N GLU D 171 0.29 -6.89 -38.54
CA GLU D 171 1.13 -5.80 -38.07
C GLU D 171 1.57 -6.02 -36.63
N GLU D 172 0.72 -6.68 -35.83
CA GLU D 172 1.06 -6.97 -34.45
C GLU D 172 2.26 -7.91 -34.38
N ASN D 173 2.29 -8.96 -35.23
CA ASN D 173 3.43 -9.86 -35.28
C ASN D 173 4.68 -9.07 -35.70
N GLU D 174 4.47 -8.06 -36.56
CA GLU D 174 5.58 -7.27 -37.09
C GLU D 174 6.13 -6.38 -35.98
N LEU D 175 5.28 -5.64 -35.27
CA LEU D 175 5.72 -4.79 -34.18
C LEU D 175 6.52 -5.62 -33.17
N LEU D 176 6.03 -6.81 -32.87
CA LEU D 176 6.69 -7.70 -31.93
C LEU D 176 8.11 -8.03 -32.39
N LEU D 177 8.29 -8.22 -33.69
CA LEU D 177 9.60 -8.52 -34.22
C LEU D 177 10.54 -7.34 -34.04
N LYS D 178 10.11 -6.13 -34.44
CA LYS D 178 10.91 -4.93 -34.23
C LYS D 178 11.33 -4.84 -32.77
N SER D 179 10.40 -5.13 -31.86
CA SER D 179 10.71 -5.04 -30.45
C SER D 179 11.80 -6.03 -30.06
N GLU D 180 11.88 -7.19 -30.75
CA GLU D 180 12.92 -8.17 -30.46
C GLU D 180 14.25 -7.77 -31.06
N GLN D 181 14.21 -7.13 -32.24
CA GLN D 181 15.39 -6.82 -33.04
C GLN D 181 16.01 -5.48 -32.67
N GLU D 182 15.19 -4.47 -32.35
CA GLU D 182 15.70 -3.17 -31.90
C GLU D 182 16.44 -3.33 -30.58
N LYS D 183 17.35 -2.40 -30.31
CA LYS D 183 18.21 -2.46 -29.15
C LYS D 183 17.36 -2.43 -27.88
N THR D 184 17.69 -3.33 -26.94
CA THR D 184 16.90 -3.46 -25.72
C THR D 184 17.55 -2.58 -24.67
N LEU D 185 16.82 -2.38 -23.56
CA LEU D 185 17.33 -1.59 -22.45
C LEU D 185 18.59 -2.27 -21.88
N LEU D 186 18.56 -3.60 -21.76
CA LEU D 186 19.71 -4.39 -21.37
C LEU D 186 20.94 -4.06 -22.23
N GLU D 187 20.77 -4.06 -23.56
CA GLU D 187 21.91 -3.85 -24.46
C GLU D 187 22.45 -2.43 -24.36
N LEU D 188 21.55 -1.46 -24.19
CA LEU D 188 21.93 -0.06 -24.18
C LEU D 188 22.66 0.27 -22.87
N VAL D 189 22.16 -0.29 -21.75
CA VAL D 189 22.85 -0.20 -20.48
C VAL D 189 24.21 -0.90 -20.54
N GLU D 190 24.26 -2.10 -21.13
CA GLU D 190 25.51 -2.81 -21.29
C GLU D 190 26.55 -1.91 -21.98
N ALA D 191 26.19 -1.31 -23.12
CA ALA D 191 27.13 -0.46 -23.85
C ALA D 191 27.65 0.66 -22.94
N TRP D 192 26.75 1.28 -22.18
CA TRP D 192 27.10 2.38 -21.30
C TRP D 192 28.01 1.92 -20.17
N LEU D 193 27.70 0.74 -19.60
CA LEU D 193 28.51 0.16 -18.54
C LEU D 193 29.94 -0.12 -19.02
N GLU D 194 30.08 -0.45 -20.32
CA GLU D 194 31.39 -0.80 -20.89
C GLU D 194 32.32 0.41 -20.88
N ARG D 195 31.75 1.62 -20.99
CA ARG D 195 32.53 2.84 -21.02
C ARG D 195 32.73 3.45 -19.63
N THR D 196 32.38 2.73 -18.57
CA THR D 196 32.52 3.24 -17.21
C THR D 196 33.96 3.66 -16.94
N PRO D 197 34.19 4.90 -16.44
CA PRO D 197 35.54 5.38 -16.12
C PRO D 197 36.19 4.59 -14.99
N GLY D 198 37.48 4.26 -15.15
CA GLY D 198 38.21 3.54 -14.12
C GLY D 198 38.74 2.18 -14.56
N LEU D 199 38.21 1.65 -15.67
CA LEU D 199 38.55 0.29 -16.10
C LEU D 199 39.84 0.28 -16.90
N GLU D 200 40.34 1.47 -17.27
CA GLU D 200 41.53 1.60 -18.11
C GLU D 200 42.72 0.94 -17.41
N PRO D 201 43.34 -0.10 -18.01
CA PRO D 201 44.57 -0.69 -17.47
C PRO D 201 45.68 0.34 -17.29
N HIS D 202 45.73 1.31 -18.21
CA HIS D 202 46.69 2.40 -18.18
C HIS D 202 46.26 3.49 -17.18
N GLY D 203 45.04 3.39 -16.61
CA GLY D 203 44.48 4.38 -15.69
C GLY D 203 44.42 3.87 -14.25
N PHE D 204 43.22 3.90 -13.64
CA PHE D 204 43.03 3.43 -12.26
C PHE D 204 43.18 1.91 -12.19
N ASN D 205 43.04 1.23 -13.34
CA ASN D 205 43.27 -0.21 -13.44
C ASN D 205 42.51 -0.94 -12.34
N PHE D 206 41.19 -0.72 -12.30
CA PHE D 206 40.33 -1.26 -11.26
C PHE D 206 40.47 -2.78 -11.19
N TRP D 207 40.33 -3.47 -12.33
CA TRP D 207 40.24 -4.92 -12.33
C TRP D 207 41.57 -5.50 -11.84
N GLY D 208 42.68 -4.96 -12.33
CA GLY D 208 43.98 -5.42 -11.88
C GLY D 208 44.17 -5.28 -10.37
N LYS D 209 43.86 -4.07 -9.85
CA LYS D 209 44.06 -3.79 -8.44
C LYS D 209 43.17 -4.71 -7.60
N LEU D 210 41.93 -4.92 -8.07
CA LEU D 210 40.96 -5.72 -7.37
C LEU D 210 41.44 -7.18 -7.27
N GLU D 211 41.93 -7.73 -8.37
CA GLU D 211 42.41 -9.11 -8.38
C GLU D 211 43.53 -9.28 -7.35
N LYS D 212 44.46 -8.32 -7.34
CA LYS D 212 45.59 -8.34 -6.42
C LYS D 212 45.11 -8.26 -4.97
N ASN D 213 44.21 -7.30 -4.68
CA ASN D 213 43.80 -7.05 -3.31
C ASN D 213 43.04 -8.26 -2.76
N ILE D 214 42.27 -8.94 -3.61
CA ILE D 214 41.51 -10.11 -3.17
C ILE D 214 42.47 -11.28 -2.96
N THR D 215 43.39 -11.51 -3.90
CA THR D 215 44.41 -12.55 -3.70
C THR D 215 45.10 -12.36 -2.33
N ARG D 216 45.54 -11.13 -2.05
CA ARG D 216 46.23 -10.83 -0.81
C ARG D 216 45.31 -11.12 0.40
N GLY D 217 44.09 -10.57 0.35
CA GLY D 217 43.17 -10.65 1.47
C GLY D 217 42.81 -12.09 1.80
N LEU D 218 42.64 -12.92 0.75
CA LEU D 218 42.36 -14.33 0.95
C LEU D 218 43.53 -14.96 1.70
N GLU D 219 44.76 -14.69 1.24
CA GLU D 219 45.95 -15.20 1.91
C GLU D 219 45.91 -14.81 3.39
N GLU D 220 45.66 -13.53 3.66
CA GLU D 220 45.65 -12.99 5.01
C GLU D 220 44.66 -13.77 5.86
N GLU D 221 43.48 -14.06 5.28
CA GLU D 221 42.48 -14.84 5.98
C GLU D 221 43.03 -16.24 6.31
N PHE D 222 43.69 -16.88 5.34
CA PHE D 222 44.26 -18.20 5.55
C PHE D 222 45.17 -18.16 6.79
N ILE D 223 46.08 -17.18 6.82
CA ILE D 223 47.06 -17.05 7.90
C ILE D 223 46.32 -17.04 9.23
N ARG D 224 45.25 -16.20 9.33
CA ARG D 224 44.41 -16.17 10.53
C ARG D 224 43.87 -17.58 10.81
N ILE D 225 43.20 -18.17 9.79
CA ILE D 225 42.49 -19.41 9.99
C ILE D 225 43.50 -20.54 10.21
N GLN D 226 44.72 -20.42 9.66
CA GLN D 226 45.79 -21.39 9.85
C GLN D 226 46.02 -21.61 11.35
N ALA D 227 46.05 -20.52 12.13
CA ALA D 227 46.26 -20.64 13.57
C ALA D 227 45.26 -21.61 14.22
N GLU D 229 43.59 -22.77 16.51
CA GLU D 229 42.63 -23.75 17.08
C GLU D 229 42.37 -24.88 16.07
N GLU D 230 41.87 -26.02 16.57
CA GLU D 230 41.54 -27.16 15.73
C GLU D 230 40.08 -27.59 15.87
N SER D 231 39.25 -26.73 16.48
CA SER D 231 37.85 -27.04 16.73
C SER D 231 37.07 -27.05 15.42
N GLU D 232 35.85 -27.59 15.48
CA GLU D 232 34.94 -27.56 14.35
C GLU D 232 34.68 -26.11 13.92
N GLU D 233 34.60 -25.19 14.89
CA GLU D 233 34.48 -23.77 14.60
C GLU D 233 35.54 -23.38 13.56
N LYS D 234 36.79 -23.75 13.86
CA LYS D 234 37.89 -23.54 12.92
C LYS D 234 37.56 -24.26 11.62
N GLU D 235 37.18 -25.53 11.72
CA GLU D 235 36.88 -26.34 10.54
C GLU D 235 35.78 -25.65 9.72
N GLU D 236 34.73 -25.18 10.40
CA GLU D 236 33.63 -24.48 9.73
C GLU D 236 34.17 -23.25 9.01
N GLN D 237 34.96 -22.42 9.71
CA GLN D 237 35.53 -21.21 9.10
C GLN D 237 36.41 -21.56 7.89
N VAL D 238 37.24 -22.60 8.04
CA VAL D 238 38.05 -23.10 6.95
C VAL D 238 37.14 -23.50 5.78
N ALA D 239 36.05 -24.22 6.07
CA ALA D 239 35.10 -24.62 5.02
C ALA D 239 34.58 -23.40 4.25
N GLU D 240 34.12 -22.38 4.99
CA GLU D 240 33.64 -21.16 4.38
C GLU D 240 34.71 -20.57 3.46
N PHE D 241 35.93 -20.42 4.00
CA PHE D 241 37.05 -19.86 3.24
C PHE D 241 37.12 -20.53 1.88
N GLN D 242 37.02 -21.86 1.85
CA GLN D 242 37.10 -22.59 0.60
C GLN D 242 36.13 -22.04 -0.45
N LYS D 243 34.83 -22.02 -0.16
CA LYS D 243 33.88 -21.56 -1.16
C LYS D 243 34.11 -20.07 -1.43
N GLN D 244 34.33 -19.28 -0.36
CA GLN D 244 34.51 -17.85 -0.50
C GLN D 244 35.64 -17.61 -1.50
N LYS D 245 36.79 -18.30 -1.30
CA LYS D 245 37.88 -18.21 -2.25
C LYS D 245 37.43 -18.66 -3.64
N GLU D 246 36.67 -19.76 -3.73
CA GLU D 246 36.25 -20.27 -5.01
C GLU D 246 35.40 -19.23 -5.72
N VAL D 247 34.40 -18.72 -4.98
CA VAL D 247 33.49 -17.76 -5.57
C VAL D 247 34.27 -16.54 -6.05
N LEU D 248 35.10 -15.97 -5.16
CA LEU D 248 35.75 -14.72 -5.45
C LEU D 248 36.70 -14.88 -6.65
N LEU D 249 37.52 -15.94 -6.68
CA LEU D 249 38.48 -16.04 -7.76
C LEU D 249 37.79 -16.35 -9.10
N SER D 250 36.65 -17.04 -9.05
CA SER D 250 35.90 -17.30 -10.27
C SER D 250 35.52 -16.00 -11.00
N LEU D 251 35.46 -14.88 -10.26
CA LEU D 251 35.12 -13.59 -10.85
C LEU D 251 36.10 -13.23 -11.97
N PHE D 252 37.38 -13.61 -11.78
CA PHE D 252 38.44 -13.20 -12.70
C PHE D 252 38.60 -14.21 -13.84
N ASP D 253 37.70 -15.22 -13.93
CA ASP D 253 37.68 -16.21 -14.99
C ASP D 253 36.80 -15.79 -16.16
N GLU D 254 37.36 -15.03 -17.10
CA GLU D 254 36.64 -14.48 -18.23
C GLU D 254 36.06 -15.57 -19.13
N LYS D 255 36.72 -16.74 -19.22
CA LYS D 255 36.25 -17.84 -20.05
C LYS D 255 34.98 -18.46 -19.47
N ARG D 256 34.98 -18.67 -18.14
CA ARG D 256 33.81 -19.20 -17.47
C ARG D 256 32.63 -18.24 -17.70
N HIS D 257 32.91 -16.94 -17.71
CA HIS D 257 31.86 -15.97 -17.95
C HIS D 257 31.29 -16.12 -19.36
N GLU D 258 32.17 -16.26 -20.36
CA GLU D 258 31.77 -16.39 -21.75
C GLU D 258 30.86 -17.61 -21.92
N HIS D 259 31.20 -18.69 -21.18
CA HIS D 259 30.44 -19.93 -21.20
C HIS D 259 29.05 -19.72 -20.62
N LEU D 260 28.97 -19.02 -19.49
CA LEU D 260 27.69 -18.81 -18.83
C LEU D 260 26.83 -17.87 -19.67
N LEU D 261 27.45 -16.97 -20.44
CA LEU D 261 26.75 -16.10 -21.38
C LEU D 261 26.04 -16.92 -22.47
N SER D 262 26.78 -17.85 -23.09
CA SER D 262 26.21 -18.65 -24.18
C SER D 262 25.07 -19.54 -23.68
N LYS D 263 25.08 -19.95 -22.40
CA LYS D 263 23.98 -20.75 -21.87
C LYS D 263 22.83 -19.85 -21.41
N GLY D 264 23.05 -18.52 -21.40
CA GLY D 264 22.03 -17.56 -21.06
C GLY D 264 21.81 -17.43 -19.56
N GLU D 265 22.74 -17.95 -18.75
CA GLU D 265 22.67 -17.89 -17.30
C GLU D 265 23.27 -16.54 -16.83
N ARG D 266 23.98 -15.84 -17.72
CA ARG D 266 24.33 -14.43 -17.52
C ARG D 266 23.99 -13.67 -18.80
N ARG D 267 23.96 -12.34 -18.73
CA ARG D 267 23.46 -11.51 -19.82
C ARG D 267 24.45 -10.43 -20.23
N LEU D 268 25.16 -9.82 -19.25
CA LEU D 268 26.05 -8.71 -19.54
C LEU D 268 27.43 -9.22 -19.96
N SER D 269 28.03 -8.51 -20.90
CA SER D 269 29.43 -8.73 -21.28
C SER D 269 30.32 -8.65 -20.04
N TYR D 270 31.48 -9.28 -20.12
CA TYR D 270 32.44 -9.27 -19.03
C TYR D 270 32.81 -7.83 -18.67
N ARG D 271 32.99 -6.97 -19.68
CA ARG D 271 33.45 -5.61 -19.42
C ARG D 271 32.34 -4.80 -18.72
N ALA D 272 31.09 -4.97 -19.16
CA ALA D 272 29.97 -4.31 -18.55
C ALA D 272 29.89 -4.69 -17.06
N LEU D 273 30.17 -5.96 -16.78
CA LEU D 273 30.13 -6.47 -15.42
C LEU D 273 31.15 -5.71 -14.56
N GLN D 274 32.32 -5.43 -15.15
CA GLN D 274 33.39 -4.69 -14.48
C GLN D 274 32.94 -3.27 -14.15
N GLY D 275 32.31 -2.61 -15.13
CA GLY D 275 31.74 -1.30 -14.96
C GLY D 275 30.71 -1.25 -13.82
N ALA D 276 29.82 -2.25 -13.77
CA ALA D 276 28.79 -2.29 -12.73
C ALA D 276 29.44 -2.40 -11.36
N LEU D 277 30.44 -3.25 -11.24
CA LEU D 277 31.08 -3.48 -9.95
C LEU D 277 31.84 -2.22 -9.53
N MET D 278 32.38 -1.50 -10.51
CA MET D 278 33.07 -0.25 -10.27
C MET D 278 32.07 0.72 -9.60
N ILE D 279 30.86 0.80 -10.17
CA ILE D 279 29.84 1.70 -9.71
C ILE D 279 29.38 1.27 -8.31
N TYR D 280 29.28 -0.05 -8.07
CA TYR D 280 28.82 -0.56 -6.78
C TYR D 280 29.79 -0.10 -5.70
N PHE D 281 31.09 -0.34 -5.93
CA PHE D 281 32.10 -0.18 -4.91
C PHE D 281 32.40 1.31 -4.68
N TYR D 282 32.29 2.14 -5.73
CA TYR D 282 32.61 3.55 -5.62
C TYR D 282 31.34 4.41 -5.68
N ARG D 283 30.19 3.90 -5.22
CA ARG D 283 28.93 4.59 -5.39
C ARG D 283 28.89 5.99 -4.77
N GLU D 284 29.65 6.22 -3.71
CA GLU D 284 29.62 7.49 -3.01
C GLU D 284 30.37 8.56 -3.80
N GLU D 285 31.30 8.17 -4.68
CA GLU D 285 32.03 9.11 -5.51
C GLU D 285 31.01 9.86 -6.38
N PRO D 286 31.08 11.20 -6.46
CA PRO D 286 30.01 12.01 -7.06
C PRO D 286 29.50 11.57 -8.42
N ARG D 287 30.41 11.24 -9.33
CA ARG D 287 30.03 10.82 -10.67
C ARG D 287 29.27 9.50 -10.68
N PHE D 288 29.38 8.71 -9.60
CA PHE D 288 28.76 7.40 -9.55
C PHE D 288 27.48 7.36 -8.72
N GLN D 289 27.13 8.46 -8.04
CA GLN D 289 25.97 8.45 -7.16
C GLN D 289 24.67 8.17 -7.94
N VAL D 290 24.40 8.94 -8.98
CA VAL D 290 23.17 8.75 -9.72
C VAL D 290 23.24 7.47 -10.56
N PRO D 291 24.37 7.14 -11.21
CA PRO D 291 24.52 5.82 -11.84
C PRO D 291 24.21 4.64 -10.92
N PHE D 292 24.63 4.73 -9.65
CA PHE D 292 24.31 3.68 -8.70
C PHE D 292 22.80 3.57 -8.50
N GLN D 293 22.12 4.72 -8.40
CA GLN D 293 20.67 4.73 -8.29
C GLN D 293 20.03 4.10 -9.52
N LEU D 294 20.61 4.30 -10.70
CA LEU D 294 20.02 3.70 -11.89
C LEU D 294 20.09 2.18 -11.80
N LEU D 295 21.22 1.63 -11.32
CA LEU D 295 21.41 0.19 -11.23
C LEU D 295 20.36 -0.39 -10.26
N THR D 296 20.17 0.33 -9.15
CA THR D 296 19.20 -0.01 -8.14
C THR D 296 17.79 -0.07 -8.74
N SER D 297 17.46 0.87 -9.62
CA SER D 297 16.11 0.96 -10.16
C SER D 297 15.90 -0.15 -11.17
N LEU D 298 16.94 -0.51 -11.92
CA LEU D 298 16.84 -1.59 -12.89
C LEU D 298 16.52 -2.89 -12.15
N MET D 299 17.24 -3.16 -11.05
CA MET D 299 16.89 -4.30 -10.21
C MET D 299 15.45 -4.19 -9.72
N ASP D 300 15.01 -3.01 -9.26
CA ASP D 300 13.64 -2.82 -8.80
C ASP D 300 12.61 -3.24 -9.85
N ILE D 301 12.84 -2.88 -11.09
CA ILE D 301 11.91 -3.13 -12.18
C ILE D 301 11.81 -4.64 -12.42
N ASP D 302 12.96 -5.33 -12.42
CA ASP D 302 12.97 -6.78 -12.54
C ASP D 302 12.19 -7.42 -11.39
N SER D 303 12.47 -6.99 -10.15
CA SER D 303 11.79 -7.50 -8.96
C SER D 303 10.27 -7.31 -9.06
N LEU D 304 9.83 -6.15 -9.55
CA LEU D 304 8.43 -5.80 -9.54
C LEU D 304 7.70 -6.51 -10.65
N MET D 305 8.38 -6.67 -11.79
CA MET D 305 7.85 -7.51 -12.87
C MET D 305 7.62 -8.92 -12.33
N THR D 306 8.54 -9.43 -11.52
CA THR D 306 8.41 -10.79 -11.02
C THR D 306 7.26 -10.84 -10.03
N LYS D 307 7.11 -9.78 -9.23
CA LYS D 307 6.02 -9.73 -8.27
C LYS D 307 4.68 -9.70 -9.01
N TRP D 308 4.62 -8.98 -10.12
CA TRP D 308 3.43 -8.96 -10.94
C TRP D 308 3.12 -10.37 -11.43
N ARG D 309 4.12 -11.10 -11.92
CA ARG D 309 3.89 -12.44 -12.46
C ARG D 309 3.43 -13.37 -11.34
N TYR D 310 4.02 -13.20 -10.15
CA TYR D 310 3.66 -14.02 -9.00
C TYR D 310 2.20 -13.77 -8.63
N ASN D 311 1.78 -12.50 -8.47
CA ASN D 311 0.44 -12.22 -8.05
C ASN D 311 -0.53 -12.72 -9.10
N HIS D 312 -0.16 -12.63 -10.39
CA HIS D 312 -1.03 -13.08 -11.47
C HIS D 312 -1.27 -14.59 -11.37
N VAL D 313 -0.20 -15.36 -11.10
CA VAL D 313 -0.29 -16.79 -10.89
C VAL D 313 -1.21 -17.15 -9.74
N CYS D 314 -0.99 -16.53 -8.58
CA CYS D 314 -1.80 -16.79 -7.39
C CYS D 314 -3.29 -16.58 -7.71
N MET D 315 -3.56 -15.69 -8.67
CA MET D 315 -4.94 -15.35 -8.93
C MET D 315 -5.57 -16.32 -9.92
N VAL D 316 -4.84 -16.68 -10.98
CA VAL D 316 -5.27 -17.74 -11.87
C VAL D 316 -5.64 -18.99 -11.06
N HIS D 317 -4.80 -19.33 -10.07
CA HIS D 317 -5.09 -20.47 -9.20
C HIS D 317 -6.41 -20.31 -8.47
N ARG D 318 -6.69 -19.10 -7.95
CA ARG D 318 -7.86 -18.88 -7.11
C ARG D 318 -9.13 -18.96 -7.96
N MET D 319 -9.01 -18.64 -9.25
CA MET D 319 -10.15 -18.58 -10.16
C MET D 319 -10.37 -19.88 -10.92
N LEU D 320 -9.28 -20.57 -11.31
CA LEU D 320 -9.41 -21.76 -12.16
C LEU D 320 -9.10 -23.04 -11.41
N GLY D 321 -8.39 -22.95 -10.29
CA GLY D 321 -7.97 -24.14 -9.58
C GLY D 321 -6.74 -24.76 -10.25
N SER D 322 -6.35 -25.96 -9.76
CA SER D 322 -5.36 -26.79 -10.44
C SER D 322 -6.10 -27.76 -11.38
N SER D 330 -2.68 -27.06 -17.71
CA SER D 330 -2.86 -25.90 -16.81
C SER D 330 -1.84 -24.80 -17.17
N GLY D 331 -2.36 -23.72 -17.77
CA GLY D 331 -1.67 -22.43 -17.83
C GLY D 331 -0.99 -22.09 -16.50
N TYR D 332 -1.62 -22.46 -15.37
CA TYR D 332 -1.05 -22.34 -14.05
C TYR D 332 0.44 -22.74 -14.02
N HIS D 333 0.76 -23.95 -14.52
CA HIS D 333 2.13 -24.46 -14.48
C HIS D 333 3.06 -23.68 -15.42
N TYR D 334 2.58 -23.34 -16.62
CA TYR D 334 3.34 -22.49 -17.53
C TYR D 334 3.67 -21.14 -16.82
N LEU D 335 2.65 -20.52 -16.21
CA LEU D 335 2.81 -19.24 -15.55
C LEU D 335 3.80 -19.36 -14.39
N ARG D 336 3.72 -20.49 -13.68
CA ARG D 336 4.63 -20.76 -12.57
C ARG D 336 6.07 -20.78 -13.06
N SER D 337 6.28 -21.26 -14.29
CA SER D 337 7.61 -21.37 -14.88
C SER D 337 8.16 -19.98 -15.21
N THR D 338 7.27 -19.00 -15.45
CA THR D 338 7.67 -17.63 -15.77
C THR D 338 8.22 -16.93 -14.55
N VAL D 339 7.87 -17.41 -13.35
CA VAL D 339 8.38 -16.82 -12.11
C VAL D 339 9.76 -17.40 -11.82
N SER D 340 10.77 -17.02 -12.62
CA SER D 340 12.08 -17.66 -12.61
C SER D 340 13.15 -16.69 -13.10
N ASP D 341 14.41 -17.05 -12.85
CA ASP D 341 15.56 -16.25 -13.26
C ASP D 341 15.57 -16.09 -14.79
N ARG D 342 14.96 -17.06 -15.48
CA ARG D 342 14.89 -17.02 -16.93
C ARG D 342 14.32 -15.68 -17.41
N TYR D 343 13.44 -15.07 -16.59
CA TYR D 343 12.74 -13.87 -17.00
C TYR D 343 13.33 -12.63 -16.32
N LYS D 344 14.35 -12.80 -15.46
CA LYS D 344 15.06 -11.68 -14.86
C LYS D 344 16.17 -11.17 -15.78
N VAL D 345 15.91 -10.07 -16.48
CA VAL D 345 16.85 -9.49 -17.43
C VAL D 345 18.13 -8.97 -16.75
N PHE D 346 18.03 -8.38 -15.55
CA PHE D 346 19.21 -7.80 -14.91
C PHE D 346 19.73 -8.67 -13.76
N VAL D 347 19.63 -10.00 -13.96
CA VAL D 347 20.10 -10.96 -12.96
C VAL D 347 21.56 -10.69 -12.62
N ASP D 348 22.36 -10.18 -13.56
CA ASP D 348 23.77 -9.96 -13.26
C ASP D 348 23.95 -8.87 -12.19
N LEU D 349 23.06 -7.88 -12.13
CA LEU D 349 23.17 -6.81 -11.13
C LEU D 349 22.84 -7.36 -9.75
N PHE D 350 21.84 -8.23 -9.65
CA PHE D 350 21.53 -8.90 -8.40
C PHE D 350 22.73 -9.72 -7.93
N ASN D 351 23.40 -10.40 -8.85
CA ASN D 351 24.38 -11.42 -8.48
C ASN D 351 25.70 -10.80 -8.02
N LEU D 352 25.87 -9.50 -8.18
CA LEU D 352 27.05 -8.83 -7.66
C LEU D 352 27.10 -8.83 -6.13
N SER D 353 25.99 -9.10 -5.43
CA SER D 353 26.01 -9.37 -4.00
C SER D 353 26.92 -10.54 -3.64
N THR D 354 26.95 -11.56 -4.48
CA THR D 354 27.78 -12.75 -4.27
C THR D 354 29.25 -12.37 -4.12
N TYR D 355 29.69 -11.26 -4.75
CA TYR D 355 31.11 -10.93 -4.83
C TYR D 355 31.47 -9.75 -3.91
N LEU D 356 30.71 -9.57 -2.82
CA LEU D 356 31.04 -8.56 -1.83
C LEU D 356 32.26 -9.01 -1.03
N ILE D 357 33.14 -8.04 -0.77
CA ILE D 357 34.36 -8.22 -0.02
C ILE D 357 34.37 -7.24 1.15
N PRO D 358 35.26 -7.41 2.14
CA PRO D 358 35.42 -6.39 3.18
C PRO D 358 35.85 -5.07 2.55
N ARG D 359 35.39 -3.97 3.15
CA ARG D 359 35.61 -2.63 2.61
C ARG D 359 37.09 -2.34 2.43
N HIS D 360 37.93 -2.82 3.36
CA HIS D 360 39.33 -2.48 3.37
C HIS D 360 40.10 -3.19 2.24
N TRP D 361 39.45 -4.14 1.55
CA TRP D 361 40.06 -4.80 0.40
C TRP D 361 39.83 -3.98 -0.88
N ILE D 362 38.94 -2.98 -0.82
CA ILE D 362 38.58 -2.27 -2.04
C ILE D 362 39.72 -1.32 -2.43
N PRO D 363 40.18 -1.39 -3.69
CA PRO D 363 41.26 -0.52 -4.16
C PRO D 363 41.00 0.92 -3.75
N LYS D 364 42.00 1.52 -3.09
CA LYS D 364 41.90 2.88 -2.56
C LYS D 364 41.91 3.88 -3.71
N MET D 365 41.01 4.87 -3.61
CA MET D 365 40.94 5.95 -4.58
C MET D 365 41.06 7.28 -3.85
N ASN D 366 42.31 7.68 -3.54
CA ASN D 366 42.51 8.90 -2.76
C ASN D 366 42.21 10.12 -3.64
N PRO D 367 41.73 11.24 -3.07
CA PRO D 367 41.40 12.44 -3.86
C PRO D 367 42.40 12.75 -4.96
N THR D 368 43.69 12.47 -4.71
CA THR D 368 44.73 12.57 -5.75
C THR D 368 44.23 11.96 -7.07
N ILE D 369 43.68 10.74 -6.99
CA ILE D 369 43.13 10.06 -8.16
C ILE D 369 41.60 10.21 -8.16
N HIS D 370 40.96 10.54 -7.03
CA HIS D 370 39.51 10.56 -6.94
C HIS D 370 38.92 11.67 -7.84
N LYS D 371 39.73 12.69 -8.16
CA LYS D 371 39.26 13.81 -8.95
C LYS D 371 38.64 13.37 -10.27
N PHE D 372 39.13 12.28 -10.89
CA PHE D 372 38.58 11.81 -12.16
C PHE D 372 37.09 11.47 -12.02
N LEU D 373 36.65 11.20 -10.78
CA LEU D 373 35.26 10.93 -10.47
C LEU D 373 34.64 12.05 -9.62
#